data_1R79
#
_entry.id   1R79
#
loop_
_entity.id
_entity.type
_entity.pdbx_description
1 polymer 'Diacylglycerol kinase, delta'
2 non-polymer 'ZINC ION'
#
_entity_poly.entity_id   1
_entity_poly.type   'polypeptide(L)'
_entity_poly.pdbx_seq_one_letter_code
;GSSGSSGTTLASIGKDIIEDADGIAMPHQWLEGNLPVSAKCTVCDKTCGSVLRLQDWRCLWCKAMVHTSCKESLLTKCSG
PSSG
;
_entity_poly.pdbx_strand_id   A
#
# COMPACT_ATOMS: atom_id res chain seq x y z
N GLY A 1 15.10 -15.81 -62.89
CA GLY A 1 14.05 -16.05 -61.92
C GLY A 1 14.57 -16.73 -60.66
N SER A 2 14.30 -16.12 -59.51
CA SER A 2 14.75 -16.66 -58.24
C SER A 2 14.09 -15.92 -57.08
N SER A 3 13.39 -16.66 -56.22
CA SER A 3 12.72 -16.07 -55.07
C SER A 3 12.58 -17.09 -53.95
N GLY A 4 12.04 -16.65 -52.81
CA GLY A 4 11.86 -17.53 -51.67
C GLY A 4 11.44 -16.78 -50.43
N SER A 5 10.90 -17.52 -49.46
CA SER A 5 10.44 -16.92 -48.21
C SER A 5 10.00 -18.00 -47.23
N SER A 6 10.28 -17.77 -45.94
CA SER A 6 9.92 -18.72 -44.90
C SER A 6 10.20 -18.15 -43.51
N GLY A 7 9.40 -18.56 -42.54
CA GLY A 7 9.56 -18.07 -41.19
C GLY A 7 8.34 -18.34 -40.32
N THR A 8 8.55 -19.09 -39.24
CA THR A 8 7.46 -19.42 -38.32
C THR A 8 7.95 -19.47 -36.88
N THR A 9 7.50 -18.52 -36.08
CA THR A 9 7.88 -18.44 -34.67
C THR A 9 6.68 -18.20 -33.78
N LEU A 10 6.76 -18.69 -32.55
CA LEU A 10 5.67 -18.53 -31.59
C LEU A 10 6.21 -18.43 -30.16
N ALA A 11 5.43 -17.78 -29.29
CA ALA A 11 5.83 -17.62 -27.91
C ALA A 11 4.63 -17.34 -27.02
N SER A 12 4.67 -17.83 -25.78
CA SER A 12 3.58 -17.64 -24.85
C SER A 12 4.08 -16.99 -23.56
N ILE A 13 3.65 -15.76 -23.31
CA ILE A 13 4.05 -15.03 -22.12
C ILE A 13 2.85 -14.36 -21.46
N GLY A 14 3.07 -13.83 -20.26
CA GLY A 14 2.00 -13.16 -19.53
C GLY A 14 2.37 -12.85 -18.10
N LYS A 15 2.72 -13.88 -17.34
CA LYS A 15 3.10 -13.71 -15.95
C LYS A 15 4.61 -13.50 -15.81
N ASP A 16 5.00 -12.45 -15.11
CA ASP A 16 6.41 -12.15 -14.91
C ASP A 16 6.67 -11.72 -13.47
N ILE A 17 7.60 -12.40 -12.81
CA ILE A 17 7.94 -12.08 -11.43
C ILE A 17 8.38 -10.63 -11.28
N ILE A 18 7.55 -9.85 -10.60
CA ILE A 18 7.85 -8.43 -10.39
C ILE A 18 8.75 -8.24 -9.16
N GLU A 19 9.57 -9.24 -8.88
CA GLU A 19 10.48 -9.18 -7.73
C GLU A 19 11.93 -9.19 -8.20
N ASP A 20 12.77 -8.40 -7.53
CA ASP A 20 14.19 -8.33 -7.87
C ASP A 20 15.03 -9.04 -6.82
N ALA A 21 16.35 -8.95 -6.97
CA ALA A 21 17.26 -9.58 -6.03
C ALA A 21 18.30 -8.58 -5.52
N ASP A 22 17.86 -7.34 -5.32
CA ASP A 22 18.76 -6.29 -4.82
C ASP A 22 18.12 -5.54 -3.66
N GLY A 23 16.87 -5.11 -3.86
CA GLY A 23 16.18 -4.38 -2.81
C GLY A 23 14.79 -3.94 -3.25
N ILE A 24 13.96 -4.90 -3.63
CA ILE A 24 12.60 -4.61 -4.06
C ILE A 24 12.03 -3.41 -3.33
N ALA A 25 11.33 -2.55 -4.05
CA ALA A 25 10.73 -1.36 -3.47
C ALA A 25 9.22 -1.53 -3.29
N MET A 26 8.77 -1.53 -2.04
CA MET A 26 7.37 -1.69 -1.72
C MET A 26 6.76 -0.37 -1.25
N PRO A 27 5.66 0.04 -1.90
CA PRO A 27 4.97 1.29 -1.55
C PRO A 27 4.26 1.21 -0.20
N HIS A 28 3.45 2.22 0.10
CA HIS A 28 2.72 2.26 1.37
C HIS A 28 1.23 2.03 1.13
N GLN A 29 0.68 1.02 1.81
CA GLN A 29 -0.74 0.71 1.67
C GLN A 29 -1.60 1.73 2.40
N TRP A 30 -2.01 2.77 1.68
CA TRP A 30 -2.84 3.82 2.25
C TRP A 30 -4.28 3.35 2.42
N LEU A 31 -4.79 3.45 3.64
CA LEU A 31 -6.16 3.04 3.93
C LEU A 31 -7.02 4.24 4.32
N GLU A 32 -7.95 4.59 3.44
CA GLU A 32 -8.85 5.72 3.70
C GLU A 32 -9.42 5.66 5.11
N GLY A 33 -9.26 6.74 5.86
CA GLY A 33 -9.76 6.79 7.22
C GLY A 33 -9.13 5.73 8.10
N ASN A 34 -9.89 5.25 9.08
CA ASN A 34 -9.40 4.24 10.01
C ASN A 34 -8.25 4.78 10.86
N LEU A 35 -8.43 6.01 11.35
CA LEU A 35 -7.41 6.64 12.18
C LEU A 35 -7.79 6.57 13.66
N PRO A 36 -6.80 6.31 14.52
CA PRO A 36 -7.00 6.21 15.95
C PRO A 36 -7.32 7.56 16.59
N VAL A 37 -7.85 7.53 17.81
CA VAL A 37 -8.19 8.75 18.53
C VAL A 37 -6.97 9.63 18.73
N SER A 38 -5.83 9.00 19.01
CA SER A 38 -4.58 9.72 19.24
C SER A 38 -3.67 9.62 18.02
N ALA A 39 -4.26 9.73 16.84
CA ALA A 39 -3.50 9.64 15.59
C ALA A 39 -2.54 10.83 15.46
N LYS A 40 -1.58 10.70 14.55
CA LYS A 40 -0.60 11.76 14.33
C LYS A 40 0.07 11.60 12.96
N CYS A 41 0.25 12.71 12.27
CA CYS A 41 0.88 12.71 10.96
C CYS A 41 2.39 12.49 11.07
N THR A 42 2.92 11.68 10.17
CA THR A 42 4.35 11.38 10.17
C THR A 42 5.08 12.22 9.12
N VAL A 43 4.37 13.16 8.53
CA VAL A 43 4.95 14.04 7.52
C VAL A 43 5.00 15.48 8.00
N CYS A 44 3.95 15.92 8.67
CA CYS A 44 3.88 17.28 9.19
C CYS A 44 3.85 17.28 10.71
N ASP A 45 3.49 16.15 11.30
CA ASP A 45 3.44 16.02 12.75
C ASP A 45 2.29 16.85 13.31
N LYS A 46 1.09 16.65 12.78
CA LYS A 46 -0.08 17.38 13.24
C LYS A 46 -1.17 16.42 13.71
N THR A 47 -1.97 16.87 14.68
CA THR A 47 -3.05 16.06 15.21
C THR A 47 -3.95 15.52 14.11
N CYS A 48 -4.07 14.21 14.03
CA CYS A 48 -4.91 13.58 13.01
C CYS A 48 -6.00 12.72 13.65
N GLY A 49 -6.88 12.17 12.82
CA GLY A 49 -7.95 11.35 13.32
C GLY A 49 -9.30 11.73 12.73
N SER A 50 -9.83 10.87 11.86
CA SER A 50 -11.11 11.12 11.23
C SER A 50 -12.23 10.34 11.91
N VAL A 51 -12.68 10.86 13.05
CA VAL A 51 -13.75 10.21 13.81
C VAL A 51 -14.98 9.96 12.94
N LEU A 52 -15.59 11.04 12.46
CA LEU A 52 -16.77 10.94 11.62
C LEU A 52 -16.49 11.50 10.23
N ARG A 53 -15.30 11.21 9.71
CA ARG A 53 -14.91 11.70 8.38
C ARG A 53 -14.31 10.55 7.56
N LEU A 54 -13.65 9.62 8.23
CA LEU A 54 -13.03 8.49 7.56
C LEU A 54 -12.31 8.94 6.29
N GLN A 55 -11.42 9.92 6.44
CA GLN A 55 -10.66 10.43 5.30
C GLN A 55 -9.17 10.16 5.48
N ASP A 56 -8.58 10.74 6.52
CA ASP A 56 -7.16 10.57 6.80
C ASP A 56 -6.70 9.18 6.36
N TRP A 57 -5.49 9.12 5.82
CA TRP A 57 -4.93 7.85 5.36
C TRP A 57 -3.79 7.40 6.27
N ARG A 58 -3.63 6.09 6.41
CA ARG A 58 -2.59 5.52 7.26
C ARG A 58 -2.16 4.15 6.76
N CYS A 59 -0.85 3.96 6.64
CA CYS A 59 -0.31 2.69 6.17
C CYS A 59 -0.66 1.56 7.13
N LEU A 60 -0.79 0.35 6.59
CA LEU A 60 -1.11 -0.82 7.40
C LEU A 60 0.14 -1.64 7.71
N TRP A 61 1.15 -1.49 6.86
CA TRP A 61 2.40 -2.22 7.05
C TRP A 61 3.29 -1.52 8.07
N CYS A 62 3.76 -0.33 7.72
CA CYS A 62 4.62 0.45 8.61
C CYS A 62 3.80 1.16 9.67
N LYS A 63 2.50 1.23 9.45
CA LYS A 63 1.60 1.89 10.39
C LYS A 63 1.90 3.38 10.50
N ALA A 64 1.91 4.06 9.36
CA ALA A 64 2.20 5.49 9.31
C ALA A 64 0.98 6.28 8.86
N MET A 65 0.52 7.19 9.71
CA MET A 65 -0.65 8.01 9.40
C MET A 65 -0.22 9.34 8.76
N VAL A 66 -0.86 9.68 7.64
CA VAL A 66 -0.54 10.92 6.95
C VAL A 66 -1.80 11.55 6.36
N HIS A 67 -1.73 12.86 6.09
CA HIS A 67 -2.86 13.59 5.54
C HIS A 67 -2.93 13.40 4.02
N THR A 68 -4.08 13.75 3.44
CA THR A 68 -4.27 13.63 2.00
C THR A 68 -3.19 14.39 1.23
N SER A 69 -2.95 15.63 1.64
CA SER A 69 -1.95 16.47 0.98
C SER A 69 -0.54 16.02 1.37
N CYS A 70 -0.32 15.80 2.66
CA CYS A 70 0.98 15.37 3.17
C CYS A 70 1.40 14.06 2.52
N LYS A 71 0.42 13.22 2.18
CA LYS A 71 0.69 11.94 1.55
C LYS A 71 1.71 12.08 0.42
N GLU A 72 1.34 12.85 -0.60
CA GLU A 72 2.22 13.07 -1.75
C GLU A 72 3.57 13.62 -1.29
N SER A 73 3.55 14.39 -0.21
CA SER A 73 4.77 14.99 0.32
C SER A 73 5.73 13.91 0.80
N LEU A 74 5.19 12.88 1.45
CA LEU A 74 6.01 11.79 1.96
C LEU A 74 6.84 11.15 0.85
N LEU A 75 8.14 11.03 1.09
CA LEU A 75 9.04 10.44 0.10
C LEU A 75 9.49 9.05 0.53
N THR A 76 10.02 8.96 1.75
CA THR A 76 10.48 7.69 2.30
C THR A 76 9.64 6.53 1.77
N LYS A 77 10.26 5.37 1.62
CA LYS A 77 9.57 4.18 1.14
C LYS A 77 9.09 3.32 2.30
N CYS A 78 8.33 2.28 1.98
CA CYS A 78 7.81 1.37 3.00
C CYS A 78 8.64 0.09 3.06
N SER A 79 8.56 -0.60 4.20
CA SER A 79 9.32 -1.84 4.39
C SER A 79 8.48 -3.05 4.00
N GLY A 80 7.23 -3.06 4.45
CA GLY A 80 6.34 -4.17 4.13
C GLY A 80 5.58 -4.65 5.35
N PRO A 81 4.56 -5.50 5.12
CA PRO A 81 3.72 -6.05 6.19
C PRO A 81 4.49 -7.06 7.06
N SER A 82 5.56 -7.60 6.50
CA SER A 82 6.38 -8.57 7.23
C SER A 82 7.62 -8.95 6.42
N SER A 83 8.72 -9.20 7.13
CA SER A 83 9.97 -9.57 6.48
C SER A 83 10.55 -10.84 7.09
N GLY A 84 10.81 -10.79 8.40
CA GLY A 84 11.35 -11.95 9.08
C GLY A 84 10.33 -12.66 9.95
N GLY A 1 0.77 -38.73 -49.54
CA GLY A 1 0.67 -37.61 -48.63
C GLY A 1 1.89 -37.47 -47.75
N SER A 2 1.99 -36.34 -47.04
CA SER A 2 3.13 -36.09 -46.17
C SER A 2 2.94 -34.78 -45.39
N SER A 3 3.57 -34.69 -44.23
CA SER A 3 3.46 -33.49 -43.40
C SER A 3 4.37 -33.61 -42.18
N GLY A 4 4.78 -32.46 -41.64
CA GLY A 4 5.65 -32.44 -40.48
C GLY A 4 6.88 -31.59 -40.69
N SER A 5 7.29 -30.90 -39.63
CA SER A 5 8.47 -30.03 -39.70
C SER A 5 9.54 -30.49 -38.72
N SER A 6 10.68 -29.79 -38.73
CA SER A 6 11.79 -30.13 -37.85
C SER A 6 12.12 -28.96 -36.93
N GLY A 7 12.29 -29.24 -35.65
CA GLY A 7 12.62 -28.21 -34.69
C GLY A 7 13.62 -28.66 -33.65
N THR A 8 14.31 -27.72 -33.03
CA THR A 8 15.30 -28.02 -32.01
C THR A 8 15.04 -27.26 -30.72
N THR A 9 14.54 -27.96 -29.71
CA THR A 9 14.24 -27.34 -28.43
C THR A 9 14.14 -28.38 -27.32
N LEU A 10 15.11 -28.36 -26.41
CA LEU A 10 15.14 -29.32 -25.30
C LEU A 10 14.63 -28.66 -24.01
N ALA A 11 15.37 -27.65 -23.55
CA ALA A 11 15.00 -26.95 -22.33
C ALA A 11 15.83 -25.67 -22.17
N SER A 12 15.19 -24.61 -21.67
CA SER A 12 15.86 -23.34 -21.47
C SER A 12 15.11 -22.47 -20.45
N ILE A 13 15.85 -21.65 -19.73
CA ILE A 13 15.25 -20.77 -18.73
C ILE A 13 14.61 -19.56 -19.38
N GLY A 14 13.53 -19.07 -18.78
CA GLY A 14 12.84 -17.90 -19.31
C GLY A 14 12.19 -17.06 -18.23
N LYS A 15 11.31 -17.68 -17.46
CA LYS A 15 10.62 -16.99 -16.38
C LYS A 15 11.43 -17.01 -15.09
N ASP A 16 11.11 -16.12 -14.17
CA ASP A 16 11.82 -16.04 -12.89
C ASP A 16 11.05 -15.17 -11.90
N ILE A 17 10.47 -15.82 -10.88
CA ILE A 17 9.71 -15.10 -9.86
C ILE A 17 10.33 -13.74 -9.56
N ILE A 18 9.62 -12.68 -9.91
CA ILE A 18 10.10 -11.32 -9.66
C ILE A 18 10.32 -11.07 -8.18
N GLU A 19 11.45 -10.47 -7.84
CA GLU A 19 11.77 -10.18 -6.45
C GLU A 19 13.04 -9.33 -6.35
N ASP A 20 13.13 -8.52 -5.30
CA ASP A 20 14.28 -7.66 -5.09
C ASP A 20 15.29 -8.32 -4.15
N ALA A 21 16.57 -8.16 -4.46
CA ALA A 21 17.63 -8.73 -3.64
C ALA A 21 17.40 -8.46 -2.17
N ASP A 22 17.46 -7.20 -1.78
CA ASP A 22 17.25 -6.81 -0.38
C ASP A 22 16.14 -5.78 -0.27
N GLY A 23 15.25 -5.97 0.70
CA GLY A 23 14.15 -5.05 0.90
C GLY A 23 13.25 -4.96 -0.31
N ILE A 24 12.24 -5.82 -0.36
CA ILE A 24 11.29 -5.83 -1.47
C ILE A 24 10.72 -4.44 -1.73
N ALA A 25 10.57 -4.10 -3.01
CA ALA A 25 10.03 -2.79 -3.39
C ALA A 25 8.53 -2.73 -3.12
N MET A 26 8.15 -2.83 -1.85
CA MET A 26 6.74 -2.78 -1.47
C MET A 26 6.34 -1.36 -1.08
N PRO A 27 5.35 -0.81 -1.80
CA PRO A 27 4.85 0.55 -1.54
C PRO A 27 4.08 0.65 -0.23
N HIS A 28 3.57 1.83 0.06
CA HIS A 28 2.81 2.05 1.29
C HIS A 28 1.32 1.80 1.07
N GLN A 29 0.76 0.88 1.86
CA GLN A 29 -0.65 0.54 1.75
C GLN A 29 -1.52 1.57 2.46
N TRP A 30 -1.96 2.58 1.72
CA TRP A 30 -2.81 3.63 2.29
C TRP A 30 -4.24 3.14 2.46
N LEU A 31 -4.83 3.43 3.62
CA LEU A 31 -6.19 3.02 3.91
C LEU A 31 -7.05 4.23 4.29
N GLU A 32 -8.01 4.56 3.44
CA GLU A 32 -8.90 5.68 3.68
C GLU A 32 -9.37 5.70 5.13
N GLY A 33 -9.42 6.89 5.73
CA GLY A 33 -9.85 7.01 7.11
C GLY A 33 -9.16 6.03 8.02
N ASN A 34 -9.90 5.46 8.97
CA ASN A 34 -9.35 4.50 9.91
C ASN A 34 -8.30 5.15 10.80
N LEU A 35 -8.67 6.26 11.43
CA LEU A 35 -7.76 6.98 12.32
C LEU A 35 -8.35 7.10 13.72
N PRO A 36 -7.50 6.88 14.74
CA PRO A 36 -7.92 6.97 16.14
C PRO A 36 -8.21 8.39 16.57
N VAL A 37 -8.73 8.55 17.79
CA VAL A 37 -9.05 9.87 18.31
C VAL A 37 -7.78 10.63 18.70
N SER A 38 -6.70 9.90 18.90
CA SER A 38 -5.43 10.51 19.27
C SER A 38 -4.38 10.27 18.20
N ALA A 39 -4.83 10.23 16.94
CA ALA A 39 -3.93 10.01 15.81
C ALA A 39 -3.03 11.22 15.59
N LYS A 40 -1.93 11.01 14.87
CA LYS A 40 -1.00 12.09 14.57
C LYS A 40 -0.29 11.85 13.23
N CYS A 41 -0.07 12.94 12.50
CA CYS A 41 0.58 12.85 11.19
C CYS A 41 2.08 12.57 11.36
N THR A 42 2.70 12.07 10.30
CA THR A 42 4.12 11.75 10.32
C THR A 42 4.90 12.67 9.38
N VAL A 43 4.18 13.31 8.45
CA VAL A 43 4.80 14.21 7.50
C VAL A 43 4.97 15.61 8.09
N CYS A 44 3.99 16.05 8.86
CA CYS A 44 4.03 17.37 9.48
C CYS A 44 4.01 17.25 11.01
N ASP A 45 3.54 16.11 11.50
CA ASP A 45 3.47 15.87 12.94
C ASP A 45 2.42 16.76 13.59
N LYS A 46 1.21 16.73 13.05
CA LYS A 46 0.11 17.54 13.57
C LYS A 46 -1.13 16.68 13.80
N THR A 47 -1.95 17.09 14.77
CA THR A 47 -3.16 16.36 15.10
C THR A 47 -3.81 15.77 13.85
N CYS A 48 -3.94 14.45 13.82
CA CYS A 48 -4.53 13.75 12.69
C CYS A 48 -5.83 13.07 13.09
N GLY A 49 -6.76 12.96 12.14
CA GLY A 49 -8.03 12.33 12.42
C GLY A 49 -9.22 13.22 12.08
N SER A 50 -9.34 13.58 10.81
CA SER A 50 -10.43 14.43 10.36
C SER A 50 -11.72 14.10 11.09
N VAL A 51 -12.32 15.11 11.71
CA VAL A 51 -13.56 14.93 12.44
C VAL A 51 -14.76 14.82 11.49
N LEU A 52 -14.99 15.88 10.73
CA LEU A 52 -16.10 15.90 9.77
C LEU A 52 -16.34 14.51 9.19
N ARG A 53 -15.26 13.84 8.80
CA ARG A 53 -15.34 12.51 8.23
C ARG A 53 -13.96 11.90 8.04
N LEU A 54 -13.85 10.60 8.30
CA LEU A 54 -12.58 9.90 8.15
C LEU A 54 -12.08 9.96 6.72
N GLN A 55 -11.03 10.74 6.49
CA GLN A 55 -10.45 10.89 5.15
C GLN A 55 -8.97 10.57 5.17
N ASP A 56 -8.29 10.96 6.24
CA ASP A 56 -6.86 10.72 6.38
C ASP A 56 -6.50 9.32 5.89
N TRP A 57 -5.22 9.12 5.59
CA TRP A 57 -4.74 7.83 5.10
C TRP A 57 -3.60 7.31 5.96
N ARG A 58 -3.76 6.10 6.48
CA ARG A 58 -2.75 5.48 7.33
C ARG A 58 -2.30 4.14 6.76
N CYS A 59 -1.00 3.90 6.80
CA CYS A 59 -0.43 2.65 6.28
C CYS A 59 -0.92 1.46 7.10
N LEU A 60 -1.06 0.32 6.44
CA LEU A 60 -1.52 -0.90 7.10
C LEU A 60 -0.33 -1.74 7.55
N TRP A 61 0.86 -1.36 7.13
CA TRP A 61 2.08 -2.07 7.50
C TRP A 61 2.90 -1.27 8.49
N CYS A 62 3.52 -0.19 8.01
CA CYS A 62 4.35 0.66 8.85
C CYS A 62 3.48 1.47 9.82
N LYS A 63 2.17 1.45 9.60
CA LYS A 63 1.24 2.17 10.45
C LYS A 63 1.59 3.66 10.51
N ALA A 64 1.80 4.25 9.34
CA ALA A 64 2.14 5.67 9.26
C ALA A 64 0.94 6.48 8.78
N MET A 65 0.44 7.35 9.66
CA MET A 65 -0.71 8.20 9.32
C MET A 65 -0.24 9.51 8.70
N VAL A 66 -0.81 9.85 7.54
CA VAL A 66 -0.45 11.09 6.86
C VAL A 66 -1.69 11.77 6.28
N HIS A 67 -1.65 13.10 6.22
CA HIS A 67 -2.77 13.86 5.69
C HIS A 67 -2.87 13.71 4.18
N THR A 68 -4.10 13.63 3.67
CA THR A 68 -4.32 13.48 2.25
C THR A 68 -3.28 14.23 1.43
N SER A 69 -3.05 15.49 1.80
CA SER A 69 -2.07 16.33 1.10
C SER A 69 -0.65 15.87 1.41
N CYS A 70 -0.32 15.81 2.70
CA CYS A 70 1.00 15.39 3.13
C CYS A 70 1.45 14.14 2.37
N LYS A 71 0.57 13.14 2.32
CA LYS A 71 0.89 11.90 1.63
C LYS A 71 1.75 12.15 0.40
N GLU A 72 1.32 13.10 -0.43
CA GLU A 72 2.06 13.44 -1.65
C GLU A 72 3.51 13.78 -1.32
N SER A 73 3.70 14.55 -0.25
CA SER A 73 5.04 14.95 0.16
C SER A 73 5.89 13.74 0.52
N LEU A 74 5.32 12.84 1.32
CA LEU A 74 6.02 11.63 1.74
C LEU A 74 6.70 10.96 0.55
N LEU A 75 7.98 10.66 0.70
CA LEU A 75 8.75 10.02 -0.35
C LEU A 75 9.34 8.69 0.13
N THR A 76 9.72 8.64 1.39
CA THR A 76 10.29 7.43 1.97
C THR A 76 9.52 6.20 1.54
N LYS A 77 10.17 5.05 1.61
CA LYS A 77 9.54 3.78 1.23
C LYS A 77 9.03 3.03 2.45
N CYS A 78 8.35 1.91 2.21
CA CYS A 78 7.81 1.10 3.30
C CYS A 78 8.68 -0.14 3.53
N SER A 79 8.40 -0.85 4.62
CA SER A 79 9.16 -2.05 4.96
C SER A 79 8.31 -3.29 4.75
N GLY A 80 7.06 -3.24 5.20
CA GLY A 80 6.16 -4.38 5.05
C GLY A 80 5.40 -4.69 6.32
N PRO A 81 4.28 -5.42 6.17
CA PRO A 81 3.44 -5.80 7.31
C PRO A 81 4.11 -6.82 8.22
N SER A 82 3.97 -6.61 9.53
CA SER A 82 4.57 -7.52 10.51
C SER A 82 3.56 -8.56 10.99
N SER A 83 3.70 -9.78 10.50
CA SER A 83 2.80 -10.86 10.87
C SER A 83 3.45 -12.23 10.62
N GLY A 84 3.11 -13.20 11.46
CA GLY A 84 3.66 -14.53 11.31
C GLY A 84 3.31 -15.17 9.98
N GLY A 1 -37.03 -35.87 -31.48
CA GLY A 1 -36.58 -35.81 -30.11
C GLY A 1 -35.38 -34.88 -29.92
N SER A 2 -35.00 -34.65 -28.67
CA SER A 2 -33.88 -33.78 -28.37
C SER A 2 -32.92 -34.45 -27.39
N SER A 3 -31.80 -33.80 -27.11
CA SER A 3 -30.80 -34.33 -26.19
C SER A 3 -29.99 -33.21 -25.56
N GLY A 4 -29.15 -33.57 -24.59
CA GLY A 4 -28.32 -32.57 -23.92
C GLY A 4 -26.85 -32.73 -24.23
N SER A 5 -26.04 -31.82 -23.72
CA SER A 5 -24.59 -31.86 -23.96
C SER A 5 -23.83 -31.57 -22.67
N SER A 6 -22.56 -31.95 -22.65
CA SER A 6 -21.70 -31.73 -21.48
C SER A 6 -20.57 -30.77 -21.81
N GLY A 7 -19.79 -30.43 -20.79
CA GLY A 7 -18.67 -29.51 -20.98
C GLY A 7 -17.39 -30.03 -20.37
N THR A 8 -16.26 -29.67 -20.99
CA THR A 8 -14.96 -30.11 -20.50
C THR A 8 -13.96 -28.95 -20.50
N THR A 9 -13.14 -28.89 -19.45
CA THR A 9 -12.15 -27.83 -19.33
C THR A 9 -11.12 -28.17 -18.26
N LEU A 10 -9.85 -28.19 -18.65
CA LEU A 10 -8.76 -28.50 -17.73
C LEU A 10 -8.14 -27.22 -17.17
N ALA A 11 -7.99 -27.17 -15.85
CA ALA A 11 -7.39 -26.01 -15.19
C ALA A 11 -6.44 -26.43 -14.08
N SER A 12 -5.18 -26.06 -14.22
CA SER A 12 -4.15 -26.40 -13.23
C SER A 12 -4.01 -25.29 -12.19
N ILE A 13 -3.21 -25.55 -11.17
CA ILE A 13 -2.98 -24.58 -10.12
C ILE A 13 -1.50 -24.17 -10.05
N GLY A 14 -1.21 -23.15 -9.26
CA GLY A 14 0.16 -22.68 -9.13
C GLY A 14 0.36 -21.32 -9.76
N LYS A 15 -0.24 -20.29 -9.17
CA LYS A 15 -0.12 -18.94 -9.67
C LYS A 15 0.36 -17.98 -8.58
N ASP A 16 1.67 -17.92 -8.39
CA ASP A 16 2.26 -17.06 -7.38
C ASP A 16 3.35 -16.18 -7.98
N ILE A 17 3.05 -14.90 -8.15
CA ILE A 17 4.02 -13.96 -8.71
C ILE A 17 5.31 -13.94 -7.90
N ILE A 18 6.44 -13.97 -8.61
CA ILE A 18 7.74 -13.95 -7.95
C ILE A 18 8.31 -12.54 -7.89
N GLU A 19 8.88 -12.18 -6.75
CA GLU A 19 9.46 -10.86 -6.56
C GLU A 19 10.98 -10.90 -6.72
N ASP A 20 11.58 -9.73 -6.94
CA ASP A 20 13.02 -9.64 -7.11
C ASP A 20 13.75 -10.26 -5.93
N ALA A 21 15.08 -10.15 -5.93
CA ALA A 21 15.89 -10.70 -4.85
C ALA A 21 16.87 -9.66 -4.32
N ASP A 22 16.42 -8.41 -4.25
CA ASP A 22 17.26 -7.32 -3.75
C ASP A 22 16.44 -6.08 -3.49
N GLY A 23 16.39 -5.66 -2.23
CA GLY A 23 15.63 -4.49 -1.86
C GLY A 23 14.37 -4.34 -2.67
N ILE A 24 13.38 -5.19 -2.40
CA ILE A 24 12.11 -5.15 -3.13
C ILE A 24 11.42 -3.81 -2.94
N ALA A 25 10.84 -3.28 -4.02
CA ALA A 25 10.14 -2.01 -3.96
C ALA A 25 8.70 -2.19 -3.49
N MET A 26 8.48 -1.96 -2.20
CA MET A 26 7.14 -2.11 -1.62
C MET A 26 6.60 -0.75 -1.19
N PRO A 27 5.53 -0.30 -1.88
CA PRO A 27 4.89 0.99 -1.59
C PRO A 27 4.14 0.97 -0.25
N HIS A 28 3.52 2.10 0.07
CA HIS A 28 2.76 2.21 1.32
C HIS A 28 1.28 1.92 1.08
N GLN A 29 0.75 0.93 1.81
CA GLN A 29 -0.65 0.56 1.67
C GLN A 29 -1.55 1.55 2.41
N TRP A 30 -2.00 2.58 1.70
CA TRP A 30 -2.86 3.60 2.28
C TRP A 30 -4.27 3.05 2.50
N LEU A 31 -4.84 3.35 3.66
CA LEU A 31 -6.18 2.88 4.00
C LEU A 31 -7.04 4.04 4.51
N GLU A 32 -7.98 4.49 3.68
CA GLU A 32 -8.87 5.58 4.05
C GLU A 32 -9.38 5.41 5.48
N GLY A 33 -9.54 6.52 6.19
CA GLY A 33 -10.02 6.47 7.56
C GLY A 33 -9.27 5.45 8.39
N ASN A 34 -9.90 5.00 9.47
CA ASN A 34 -9.28 4.03 10.37
C ASN A 34 -8.18 4.68 11.20
N LEU A 35 -8.36 5.95 11.52
CA LEU A 35 -7.38 6.68 12.32
C LEU A 35 -7.84 6.80 13.77
N PRO A 36 -6.88 6.62 14.70
CA PRO A 36 -7.16 6.71 16.14
C PRO A 36 -7.49 8.12 16.59
N VAL A 37 -8.04 8.24 17.79
CA VAL A 37 -8.41 9.55 18.33
C VAL A 37 -7.18 10.43 18.51
N SER A 38 -6.05 9.80 18.81
CA SER A 38 -4.79 10.53 19.02
C SER A 38 -3.84 10.31 17.84
N ALA A 39 -4.41 10.29 16.64
CA ALA A 39 -3.61 10.10 15.43
C ALA A 39 -2.75 11.32 15.14
N LYS A 40 -1.53 11.09 14.66
CA LYS A 40 -0.62 12.17 14.34
C LYS A 40 -0.02 11.98 12.94
N CYS A 41 0.19 13.09 12.24
CA CYS A 41 0.75 13.04 10.90
C CYS A 41 2.26 12.80 10.95
N THR A 42 2.74 11.94 10.05
CA THR A 42 4.16 11.61 10.00
C THR A 42 4.87 12.44 8.92
N VAL A 43 4.22 13.51 8.48
CA VAL A 43 4.80 14.38 7.47
C VAL A 43 4.95 15.80 7.99
N CYS A 44 4.00 16.24 8.80
CA CYS A 44 4.02 17.59 9.36
C CYS A 44 3.93 17.53 10.89
N ASP A 45 3.71 16.33 11.42
CA ASP A 45 3.60 16.15 12.86
C ASP A 45 2.41 16.92 13.42
N LYS A 46 1.24 16.70 12.83
CA LYS A 46 0.03 17.36 13.26
C LYS A 46 -1.16 16.40 13.23
N THR A 47 -1.99 16.46 14.27
CA THR A 47 -3.17 15.60 14.36
C THR A 47 -3.74 15.30 12.97
N CYS A 48 -4.26 14.09 12.80
CA CYS A 48 -4.82 13.68 11.52
C CYS A 48 -6.31 13.34 11.68
N GLY A 49 -6.61 12.46 12.62
CA GLY A 49 -8.00 12.06 12.85
C GLY A 49 -8.97 13.18 12.53
N SER A 50 -9.70 13.02 11.42
CA SER A 50 -10.66 14.03 11.00
C SER A 50 -11.93 13.96 11.86
N VAL A 51 -12.55 15.11 12.07
CA VAL A 51 -13.77 15.19 12.86
C VAL A 51 -15.00 14.78 12.05
N LEU A 52 -15.20 15.46 10.93
CA LEU A 52 -16.33 15.17 10.06
C LEU A 52 -16.50 13.66 9.86
N ARG A 53 -15.44 13.01 9.41
CA ARG A 53 -15.46 11.58 9.17
C ARG A 53 -14.06 11.05 8.88
N LEU A 54 -13.81 9.80 9.26
CA LEU A 54 -12.51 9.17 9.04
C LEU A 54 -12.11 9.27 7.57
N GLN A 55 -11.29 10.27 7.24
CA GLN A 55 -10.83 10.47 5.87
C GLN A 55 -9.34 10.24 5.77
N ASP A 56 -8.59 10.78 6.73
CA ASP A 56 -7.14 10.64 6.75
C ASP A 56 -6.72 9.26 6.24
N TRP A 57 -5.51 9.17 5.72
CA TRP A 57 -4.99 7.92 5.19
C TRP A 57 -3.84 7.39 6.05
N ARG A 58 -3.90 6.11 6.37
CA ARG A 58 -2.86 5.48 7.20
C ARG A 58 -2.40 4.17 6.58
N CYS A 59 -1.09 3.93 6.64
CA CYS A 59 -0.51 2.71 6.10
C CYS A 59 -1.03 1.48 6.84
N LEU A 60 -0.99 0.33 6.16
CA LEU A 60 -1.44 -0.92 6.76
C LEU A 60 -0.28 -1.70 7.36
N TRP A 61 0.90 -1.51 6.79
CA TRP A 61 2.09 -2.19 7.28
C TRP A 61 2.85 -1.33 8.28
N CYS A 62 3.47 -0.27 7.79
CA CYS A 62 4.22 0.64 8.64
C CYS A 62 3.30 1.40 9.58
N LYS A 63 2.01 1.43 9.24
CA LYS A 63 1.02 2.12 10.06
C LYS A 63 1.34 3.61 10.16
N ALA A 64 1.82 4.17 9.06
CA ALA A 64 2.16 5.59 9.01
C ALA A 64 0.94 6.42 8.62
N MET A 65 0.51 7.30 9.53
CA MET A 65 -0.65 8.15 9.27
C MET A 65 -0.21 9.49 8.69
N VAL A 66 -0.80 9.87 7.56
CA VAL A 66 -0.47 11.13 6.90
C VAL A 66 -1.72 11.82 6.38
N HIS A 67 -1.60 13.10 6.05
CA HIS A 67 -2.72 13.87 5.54
C HIS A 67 -2.85 13.71 4.03
N THR A 68 -4.08 13.54 3.57
CA THR A 68 -4.34 13.38 2.13
C THR A 68 -3.38 14.20 1.30
N SER A 69 -3.05 15.39 1.79
CA SER A 69 -2.13 16.28 1.08
C SER A 69 -0.68 15.89 1.33
N CYS A 70 -0.31 15.84 2.61
CA CYS A 70 1.05 15.47 3.00
C CYS A 70 1.50 14.20 2.29
N LYS A 71 0.60 13.22 2.21
CA LYS A 71 0.91 11.96 1.55
C LYS A 71 1.82 12.17 0.36
N GLU A 72 1.53 13.20 -0.43
CA GLU A 72 2.32 13.51 -1.61
C GLU A 72 3.76 13.86 -1.22
N SER A 73 3.90 14.68 -0.18
CA SER A 73 5.22 15.09 0.29
C SER A 73 6.09 13.88 0.60
N LEU A 74 5.52 12.91 1.30
CA LEU A 74 6.25 11.70 1.66
C LEU A 74 6.95 11.10 0.44
N LEU A 75 8.28 11.06 0.49
CA LEU A 75 9.06 10.52 -0.61
C LEU A 75 9.94 9.36 -0.13
N THR A 76 9.48 8.67 0.92
CA THR A 76 10.21 7.54 1.47
C THR A 76 9.57 6.22 1.06
N LYS A 77 10.28 5.12 1.32
CA LYS A 77 9.78 3.79 0.99
C LYS A 77 9.25 3.08 2.22
N CYS A 78 8.46 2.03 2.01
CA CYS A 78 7.88 1.27 3.11
C CYS A 78 8.69 0.00 3.37
N SER A 79 8.41 -0.63 4.50
CA SER A 79 9.11 -1.87 4.87
C SER A 79 8.30 -3.09 4.47
N GLY A 80 7.02 -3.09 4.84
CA GLY A 80 6.16 -4.21 4.52
C GLY A 80 5.43 -4.75 5.73
N PRO A 81 4.43 -5.61 5.48
CA PRO A 81 3.62 -6.21 6.55
C PRO A 81 4.41 -7.21 7.38
N SER A 82 5.44 -7.80 6.78
CA SER A 82 6.28 -8.78 7.46
C SER A 82 7.63 -8.17 7.83
N SER A 83 8.32 -8.81 8.77
CA SER A 83 9.63 -8.33 9.20
C SER A 83 10.73 -8.79 8.24
N GLY A 84 11.76 -7.97 8.11
CA GLY A 84 12.86 -8.31 7.22
C GLY A 84 13.99 -7.30 7.27
N GLY A 1 6.20 -17.21 -34.99
CA GLY A 1 6.03 -18.47 -34.30
C GLY A 1 6.77 -19.60 -34.96
N SER A 2 6.43 -20.84 -34.61
CA SER A 2 7.08 -22.01 -35.18
C SER A 2 6.36 -23.29 -34.75
N SER A 3 6.26 -24.24 -35.67
CA SER A 3 5.59 -25.50 -35.40
C SER A 3 5.84 -26.50 -36.52
N GLY A 4 5.36 -27.73 -36.33
CA GLY A 4 5.54 -28.76 -37.34
C GLY A 4 4.98 -28.36 -38.68
N SER A 5 4.86 -29.34 -39.59
CA SER A 5 4.34 -29.08 -40.92
C SER A 5 2.81 -29.15 -40.93
N SER A 6 2.24 -29.62 -39.82
CA SER A 6 0.80 -29.74 -39.70
C SER A 6 0.39 -30.01 -38.25
N GLY A 7 -0.77 -29.50 -37.87
CA GLY A 7 -1.25 -29.69 -36.51
C GLY A 7 -2.12 -28.54 -36.04
N THR A 8 -3.22 -28.88 -35.37
CA THR A 8 -4.15 -27.87 -34.87
C THR A 8 -3.41 -26.73 -34.20
N THR A 9 -4.12 -25.64 -33.91
CA THR A 9 -3.52 -24.48 -33.26
C THR A 9 -2.63 -24.89 -32.10
N LEU A 10 -3.21 -25.62 -31.15
CA LEU A 10 -2.46 -26.08 -29.99
C LEU A 10 -1.42 -25.05 -29.56
N ALA A 11 -1.84 -23.78 -29.51
CA ALA A 11 -0.94 -22.70 -29.12
C ALA A 11 -1.17 -22.31 -27.65
N SER A 12 -0.10 -21.86 -27.00
CA SER A 12 -0.18 -21.46 -25.60
C SER A 12 0.43 -20.08 -25.39
N ILE A 13 -0.05 -19.37 -24.37
CA ILE A 13 0.45 -18.04 -24.07
C ILE A 13 0.34 -17.74 -22.58
N GLY A 14 0.78 -16.54 -22.19
CA GLY A 14 0.72 -16.15 -20.79
C GLY A 14 1.67 -15.01 -20.46
N LYS A 15 1.66 -14.58 -19.21
CA LYS A 15 2.52 -13.48 -18.78
C LYS A 15 2.98 -13.70 -17.34
N ASP A 16 3.95 -12.90 -16.91
CA ASP A 16 4.47 -13.00 -15.55
C ASP A 16 4.24 -11.70 -14.78
N ILE A 17 3.66 -11.81 -13.59
CA ILE A 17 3.39 -10.64 -12.76
C ILE A 17 4.50 -9.59 -12.90
N ILE A 18 4.15 -8.44 -13.44
CA ILE A 18 5.12 -7.36 -13.62
C ILE A 18 5.74 -6.95 -12.29
N GLU A 19 7.07 -6.79 -12.29
CA GLU A 19 7.78 -6.40 -11.08
C GLU A 19 9.04 -5.61 -11.42
N ASP A 20 9.70 -5.11 -10.39
CA ASP A 20 10.93 -4.33 -10.59
C ASP A 20 11.95 -5.13 -11.38
N ALA A 21 13.05 -4.48 -11.75
CA ALA A 21 14.11 -5.13 -12.50
C ALA A 21 15.24 -5.59 -11.59
N ASP A 22 15.60 -4.74 -10.63
CA ASP A 22 16.66 -5.06 -9.69
C ASP A 22 16.10 -5.32 -8.30
N GLY A 23 15.31 -4.36 -7.80
CA GLY A 23 14.72 -4.50 -6.48
C GLY A 23 13.25 -4.14 -6.46
N ILE A 24 12.44 -4.99 -5.82
CA ILE A 24 11.00 -4.74 -5.74
C ILE A 24 10.70 -3.51 -4.89
N ALA A 25 9.86 -2.64 -5.41
CA ALA A 25 9.48 -1.42 -4.70
C ALA A 25 8.16 -1.60 -3.96
N MET A 26 8.23 -1.61 -2.64
CA MET A 26 7.04 -1.78 -1.80
C MET A 26 6.52 -0.43 -1.32
N PRO A 27 5.45 0.06 -1.96
CA PRO A 27 4.82 1.34 -1.62
C PRO A 27 4.13 1.29 -0.26
N HIS A 28 3.37 2.34 0.04
CA HIS A 28 2.64 2.43 1.30
C HIS A 28 1.18 2.07 1.11
N GLN A 29 0.71 1.08 1.86
CA GLN A 29 -0.68 0.64 1.77
C GLN A 29 -1.61 1.61 2.52
N TRP A 30 -2.10 2.61 1.79
CA TRP A 30 -3.00 3.59 2.38
C TRP A 30 -4.38 3.01 2.60
N LEU A 31 -4.94 3.25 3.79
CA LEU A 31 -6.27 2.74 4.13
C LEU A 31 -7.20 3.88 4.53
N GLU A 32 -8.08 4.27 3.62
CA GLU A 32 -9.02 5.34 3.88
C GLU A 32 -9.45 5.35 5.35
N GLY A 33 -9.54 6.53 5.93
CA GLY A 33 -9.94 6.66 7.32
C GLY A 33 -9.28 5.61 8.21
N ASN A 34 -10.00 5.18 9.23
CA ASN A 34 -9.48 4.17 10.16
C ASN A 34 -8.32 4.73 10.96
N LEU A 35 -8.41 6.00 11.34
CA LEU A 35 -7.37 6.66 12.12
C LEU A 35 -7.65 6.54 13.61
N PRO A 36 -6.59 6.37 14.41
CA PRO A 36 -6.69 6.25 15.87
C PRO A 36 -7.11 7.55 16.53
N VAL A 37 -7.33 7.50 17.84
CA VAL A 37 -7.74 8.68 18.59
C VAL A 37 -6.65 9.74 18.58
N SER A 38 -5.45 9.36 19.02
CA SER A 38 -4.33 10.29 19.06
C SER A 38 -3.49 10.17 17.79
N ALA A 39 -4.16 10.00 16.66
CA ALA A 39 -3.47 9.88 15.38
C ALA A 39 -2.71 11.15 15.04
N LYS A 40 -1.48 10.99 14.59
CA LYS A 40 -0.63 12.13 14.23
C LYS A 40 -0.04 11.95 12.83
N CYS A 41 0.36 13.06 12.23
CA CYS A 41 0.94 13.03 10.88
C CYS A 41 2.43 12.71 10.95
N THR A 42 2.89 11.88 10.02
CA THR A 42 4.30 11.49 9.96
C THR A 42 5.05 12.30 8.91
N VAL A 43 4.39 13.33 8.38
CA VAL A 43 5.00 14.17 7.36
C VAL A 43 5.26 15.57 7.90
N CYS A 44 4.29 16.11 8.63
CA CYS A 44 4.41 17.44 9.21
C CYS A 44 4.40 17.39 10.73
N ASP A 45 3.90 16.28 11.27
CA ASP A 45 3.83 16.09 12.71
C ASP A 45 2.70 16.92 13.31
N LYS A 46 1.54 16.91 12.66
CA LYS A 46 0.39 17.65 13.13
C LYS A 46 -0.79 16.73 13.41
N THR A 47 -1.62 17.11 14.37
CA THR A 47 -2.78 16.31 14.74
C THR A 47 -3.41 15.65 13.51
N CYS A 48 -3.92 14.44 13.69
CA CYS A 48 -4.56 13.71 12.60
C CYS A 48 -5.73 12.89 13.10
N GLY A 49 -6.73 12.70 12.23
CA GLY A 49 -7.90 11.93 12.59
C GLY A 49 -9.19 12.67 12.28
N SER A 50 -9.84 12.28 11.18
CA SER A 50 -11.08 12.91 10.76
C SER A 50 -12.28 12.18 11.36
N VAL A 51 -12.58 12.49 12.62
CA VAL A 51 -13.71 11.86 13.31
C VAL A 51 -14.91 11.71 12.38
N LEU A 52 -15.41 12.83 11.88
CA LEU A 52 -16.55 12.82 10.96
C LEU A 52 -16.10 12.65 9.53
N ARG A 53 -16.67 11.65 8.85
CA ARG A 53 -16.32 11.38 7.46
C ARG A 53 -14.85 11.03 7.32
N LEU A 54 -14.40 10.04 8.09
CA LEU A 54 -13.01 9.61 8.06
C LEU A 54 -12.43 9.73 6.65
N GLN A 55 -11.32 10.44 6.53
CA GLN A 55 -10.67 10.63 5.24
C GLN A 55 -9.17 10.32 5.33
N ASP A 56 -8.55 10.76 6.41
CA ASP A 56 -7.13 10.52 6.63
C ASP A 56 -6.72 9.16 6.07
N TRP A 57 -5.45 9.04 5.67
CA TRP A 57 -4.93 7.80 5.13
C TRP A 57 -3.80 7.25 6.00
N ARG A 58 -3.95 6.00 6.42
CA ARG A 58 -2.95 5.35 7.26
C ARG A 58 -2.40 4.11 6.58
N CYS A 59 -1.12 3.82 6.84
CA CYS A 59 -0.47 2.65 6.26
C CYS A 59 -0.84 1.38 7.02
N LEU A 60 -0.87 0.26 6.30
CA LEU A 60 -1.21 -1.02 6.91
C LEU A 60 0.04 -1.76 7.37
N TRP A 61 1.16 -1.49 6.70
CA TRP A 61 2.43 -2.13 7.03
C TRP A 61 3.20 -1.28 8.05
N CYS A 62 3.77 -0.17 7.57
CA CYS A 62 4.54 0.71 8.43
C CYS A 62 3.64 1.38 9.48
N LYS A 63 2.33 1.30 9.26
CA LYS A 63 1.37 1.89 10.18
C LYS A 63 1.59 3.39 10.32
N ALA A 64 2.02 4.02 9.23
CA ALA A 64 2.27 5.46 9.23
C ALA A 64 1.06 6.21 8.67
N MET A 65 0.68 7.28 9.37
CA MET A 65 -0.46 8.09 8.95
C MET A 65 0.00 9.43 8.39
N VAL A 66 -0.77 9.97 7.45
CA VAL A 66 -0.44 11.25 6.83
C VAL A 66 -1.70 11.96 6.34
N HIS A 67 -1.55 13.24 6.01
CA HIS A 67 -2.67 14.04 5.53
C HIS A 67 -2.86 13.86 4.02
N THR A 68 -4.11 13.89 3.57
CA THR A 68 -4.41 13.73 2.16
C THR A 68 -3.41 14.48 1.29
N SER A 69 -2.95 15.62 1.78
CA SER A 69 -1.99 16.44 1.05
C SER A 69 -0.55 15.99 1.35
N CYS A 70 -0.23 15.92 2.64
CA CYS A 70 1.10 15.50 3.06
C CYS A 70 1.51 14.20 2.39
N LYS A 71 0.52 13.35 2.11
CA LYS A 71 0.77 12.07 1.47
C LYS A 71 1.85 12.19 0.40
N GLU A 72 1.59 13.02 -0.61
CA GLU A 72 2.54 13.22 -1.69
C GLU A 72 3.88 13.73 -1.15
N SER A 73 3.81 14.66 -0.21
CA SER A 73 5.02 15.23 0.39
C SER A 73 5.92 14.13 0.94
N LEU A 74 5.32 13.01 1.31
CA LEU A 74 6.08 11.88 1.85
C LEU A 74 6.91 11.21 0.76
N LEU A 75 8.20 11.07 1.01
CA LEU A 75 9.10 10.44 0.05
C LEU A 75 9.58 9.08 0.56
N THR A 76 10.04 9.05 1.81
CA THR A 76 10.52 7.81 2.41
C THR A 76 9.72 6.62 1.91
N LYS A 77 10.43 5.56 1.50
CA LYS A 77 9.80 4.36 1.01
C LYS A 77 9.36 3.46 2.16
N CYS A 78 8.35 2.63 1.91
CA CYS A 78 7.84 1.72 2.92
C CYS A 78 8.70 0.46 3.02
N SER A 79 8.59 -0.25 4.13
CA SER A 79 9.36 -1.47 4.34
C SER A 79 8.56 -2.70 3.93
N GLY A 80 7.30 -2.75 4.37
CA GLY A 80 6.44 -3.88 4.02
C GLY A 80 5.76 -4.47 5.24
N PRO A 81 4.80 -5.37 5.00
CA PRO A 81 4.05 -6.03 6.07
C PRO A 81 4.90 -7.01 6.86
N SER A 82 6.17 -7.12 6.49
CA SER A 82 7.10 -8.03 7.16
C SER A 82 6.95 -7.92 8.68
N SER A 83 6.95 -6.68 9.17
CA SER A 83 6.83 -6.45 10.61
C SER A 83 5.43 -5.92 10.95
N GLY A 84 4.98 -6.21 12.17
CA GLY A 84 3.67 -5.75 12.60
C GLY A 84 2.84 -6.88 13.18
N GLY A 1 21.49 4.50 -38.08
CA GLY A 1 22.72 3.74 -38.15
C GLY A 1 22.69 2.50 -37.28
N SER A 2 22.89 1.33 -37.90
CA SER A 2 22.89 0.08 -37.16
C SER A 2 23.81 -0.94 -37.83
N SER A 3 24.62 -1.61 -37.02
CA SER A 3 25.56 -2.61 -37.52
C SER A 3 25.31 -3.96 -36.87
N GLY A 4 25.41 -4.00 -35.54
CA GLY A 4 25.19 -5.23 -34.82
C GLY A 4 25.35 -5.06 -33.32
N SER A 5 26.53 -5.39 -32.81
CA SER A 5 26.81 -5.28 -31.38
C SER A 5 25.86 -6.14 -30.57
N SER A 6 25.61 -7.36 -31.06
CA SER A 6 24.71 -8.28 -30.38
C SER A 6 25.42 -8.99 -29.23
N GLY A 7 26.22 -8.25 -28.48
CA GLY A 7 26.95 -8.83 -27.37
C GLY A 7 26.84 -8.00 -26.11
N THR A 8 25.62 -7.78 -25.65
CA THR A 8 25.38 -6.99 -24.45
C THR A 8 26.09 -7.59 -23.25
N THR A 9 27.16 -6.93 -22.81
CA THR A 9 27.94 -7.41 -21.67
C THR A 9 27.03 -7.88 -20.55
N LEU A 10 27.33 -9.05 -20.00
CA LEU A 10 26.54 -9.60 -18.90
C LEU A 10 27.44 -10.07 -17.76
N ALA A 11 27.22 -9.49 -16.58
CA ALA A 11 28.01 -9.84 -15.40
C ALA A 11 27.28 -10.87 -14.54
N SER A 12 28.04 -11.62 -13.75
CA SER A 12 27.47 -12.64 -12.88
C SER A 12 27.48 -12.18 -11.43
N ILE A 13 26.35 -12.36 -10.74
CA ILE A 13 26.24 -11.97 -9.34
C ILE A 13 25.74 -13.14 -8.49
N GLY A 14 25.59 -12.89 -7.19
CA GLY A 14 25.12 -13.92 -6.29
C GLY A 14 23.97 -14.72 -6.87
N LYS A 15 23.76 -15.92 -6.34
CA LYS A 15 22.69 -16.79 -6.81
C LYS A 15 21.46 -16.66 -5.93
N ASP A 16 21.66 -16.26 -4.68
CA ASP A 16 20.56 -16.08 -3.74
C ASP A 16 19.62 -14.97 -4.19
N ILE A 17 18.48 -15.36 -4.76
CA ILE A 17 17.50 -14.39 -5.23
C ILE A 17 17.42 -13.18 -4.30
N ILE A 18 17.33 -12.00 -4.89
CA ILE A 18 17.25 -10.77 -4.11
C ILE A 18 15.83 -10.21 -4.12
N GLU A 19 15.39 -9.69 -2.98
CA GLU A 19 14.05 -9.13 -2.85
C GLU A 19 13.84 -8.02 -3.87
N ASP A 20 14.89 -7.27 -4.15
CA ASP A 20 14.82 -6.17 -5.11
C ASP A 20 15.79 -6.39 -6.27
N ALA A 21 15.24 -6.54 -7.46
CA ALA A 21 16.05 -6.76 -8.66
C ALA A 21 15.68 -5.77 -9.76
N ASP A 22 15.40 -4.53 -9.38
CA ASP A 22 15.04 -3.50 -10.34
C ASP A 22 13.63 -3.71 -10.85
N GLY A 23 12.71 -4.03 -9.95
CA GLY A 23 11.33 -4.26 -10.34
C GLY A 23 10.39 -4.36 -9.14
N ILE A 24 10.82 -5.13 -8.13
CA ILE A 24 10.02 -5.31 -6.93
C ILE A 24 10.01 -4.05 -6.07
N ALA A 25 8.85 -3.69 -5.55
CA ALA A 25 8.71 -2.51 -4.71
C ALA A 25 7.55 -2.65 -3.75
N MET A 26 7.81 -2.37 -2.47
CA MET A 26 6.77 -2.47 -1.44
C MET A 26 6.33 -1.08 -0.99
N PRO A 27 5.31 -0.53 -1.66
CA PRO A 27 4.76 0.79 -1.35
C PRO A 27 4.02 0.82 -0.02
N HIS A 28 3.40 1.95 0.28
CA HIS A 28 2.64 2.09 1.53
C HIS A 28 1.17 1.81 1.30
N GLN A 29 0.64 0.82 2.03
CA GLN A 29 -0.76 0.45 1.90
C GLN A 29 -1.66 1.48 2.58
N TRP A 30 -2.08 2.48 1.82
CA TRP A 30 -2.95 3.54 2.35
C TRP A 30 -4.38 3.03 2.52
N LEU A 31 -4.91 3.18 3.73
CA LEU A 31 -6.27 2.74 4.02
C LEU A 31 -7.15 3.92 4.41
N GLU A 32 -7.95 4.40 3.45
CA GLU A 32 -8.84 5.52 3.70
C GLU A 32 -9.39 5.49 5.12
N GLY A 33 -9.39 6.64 5.78
CA GLY A 33 -9.88 6.73 7.14
C GLY A 33 -9.14 5.78 8.09
N ASN A 34 -9.87 5.22 9.04
CA ASN A 34 -9.29 4.30 10.01
C ASN A 34 -8.23 5.01 10.86
N LEU A 35 -8.54 6.22 11.28
CA LEU A 35 -7.63 7.01 12.10
C LEU A 35 -8.15 7.14 13.53
N PRO A 36 -7.28 6.84 14.51
CA PRO A 36 -7.64 6.93 15.92
C PRO A 36 -7.82 8.38 16.39
N VAL A 37 -8.47 8.54 17.55
CA VAL A 37 -8.70 9.86 18.10
C VAL A 37 -7.40 10.58 18.40
N SER A 38 -6.43 9.84 18.93
CA SER A 38 -5.13 10.41 19.26
C SER A 38 -4.10 10.10 18.18
N ALA A 39 -4.53 10.20 16.93
CA ALA A 39 -3.65 9.92 15.80
C ALA A 39 -2.68 11.08 15.57
N LYS A 40 -1.57 10.79 14.90
CA LYS A 40 -0.56 11.80 14.61
C LYS A 40 0.07 11.58 13.24
N CYS A 41 0.35 12.67 12.54
CA CYS A 41 0.96 12.58 11.22
C CYS A 41 2.47 12.36 11.32
N THR A 42 3.07 11.92 10.23
CA THR A 42 4.51 11.67 10.19
C THR A 42 5.22 12.66 9.28
N VAL A 43 4.47 13.23 8.33
CA VAL A 43 5.03 14.19 7.38
C VAL A 43 5.14 15.57 8.01
N CYS A 44 4.06 16.00 8.67
CA CYS A 44 4.03 17.30 9.32
C CYS A 44 4.18 17.16 10.83
N ASP A 45 3.73 16.03 11.37
CA ASP A 45 3.82 15.76 12.80
C ASP A 45 2.76 16.56 13.55
N LYS A 46 1.51 16.44 13.11
CA LYS A 46 0.41 17.14 13.75
C LYS A 46 -0.83 16.24 13.87
N THR A 47 -1.58 16.42 14.94
CA THR A 47 -2.78 15.62 15.17
C THR A 47 -3.48 15.29 13.86
N CYS A 48 -3.87 14.03 13.70
CA CYS A 48 -4.56 13.59 12.50
C CYS A 48 -5.83 12.83 12.83
N GLY A 49 -6.73 12.71 11.85
CA GLY A 49 -7.98 12.00 12.07
C GLY A 49 -9.19 12.89 11.87
N SER A 50 -10.14 12.41 11.09
CA SER A 50 -11.36 13.17 10.80
C SER A 50 -12.55 12.58 11.54
N VAL A 51 -13.06 13.32 12.51
CA VAL A 51 -14.21 12.87 13.30
C VAL A 51 -15.45 12.74 12.43
N LEU A 52 -15.87 13.86 11.85
CA LEU A 52 -17.07 13.88 10.99
C LEU A 52 -17.05 12.69 10.04
N ARG A 53 -15.99 12.58 9.24
CA ARG A 53 -15.86 11.49 8.28
C ARG A 53 -14.39 11.16 8.03
N LEU A 54 -13.98 9.97 8.43
CA LEU A 54 -12.61 9.54 8.23
C LEU A 54 -12.18 9.68 6.78
N GLN A 55 -11.15 10.51 6.55
CA GLN A 55 -10.66 10.74 5.20
C GLN A 55 -9.16 10.48 5.13
N ASP A 56 -8.43 10.93 6.15
CA ASP A 56 -6.98 10.74 6.20
C ASP A 56 -6.60 9.33 5.74
N TRP A 57 -5.33 9.15 5.41
CA TRP A 57 -4.83 7.86 4.96
C TRP A 57 -3.70 7.36 5.84
N ARG A 58 -3.84 6.14 6.34
CA ARG A 58 -2.83 5.55 7.21
C ARG A 58 -2.37 4.18 6.67
N CYS A 59 -1.09 3.90 6.82
CA CYS A 59 -0.53 2.63 6.35
C CYS A 59 -0.90 1.50 7.29
N LEU A 60 -0.88 0.26 6.78
CA LEU A 60 -1.21 -0.91 7.58
C LEU A 60 0.05 -1.67 7.95
N TRP A 61 1.11 -1.49 7.18
CA TRP A 61 2.37 -2.17 7.43
C TRP A 61 3.24 -1.35 8.39
N CYS A 62 3.47 -0.09 8.05
CA CYS A 62 4.29 0.80 8.86
C CYS A 62 3.41 1.69 9.73
N LYS A 63 2.12 1.37 9.79
CA LYS A 63 1.17 2.14 10.58
C LYS A 63 1.56 3.61 10.61
N ALA A 64 1.72 4.20 9.43
CA ALA A 64 2.10 5.61 9.33
C ALA A 64 0.92 6.45 8.84
N MET A 65 0.46 7.37 9.69
CA MET A 65 -0.66 8.23 9.34
C MET A 65 -0.17 9.52 8.67
N VAL A 66 -0.77 9.87 7.54
CA VAL A 66 -0.39 11.07 6.81
C VAL A 66 -1.61 11.77 6.22
N HIS A 67 -1.58 13.10 6.22
CA HIS A 67 -2.69 13.88 5.69
C HIS A 67 -2.76 13.76 4.16
N THR A 68 -3.98 13.68 3.64
CA THR A 68 -4.18 13.56 2.20
C THR A 68 -3.12 14.34 1.43
N SER A 69 -2.92 15.60 1.82
CA SER A 69 -1.95 16.46 1.16
C SER A 69 -0.53 16.00 1.48
N CYS A 70 -0.24 15.81 2.76
CA CYS A 70 1.07 15.38 3.20
C CYS A 70 1.53 14.15 2.42
N LYS A 71 0.67 13.14 2.36
CA LYS A 71 0.97 11.91 1.64
C LYS A 71 1.77 12.21 0.38
N GLU A 72 1.30 13.16 -0.42
CA GLU A 72 1.98 13.54 -1.65
C GLU A 72 3.42 13.93 -1.39
N SER A 73 3.64 14.64 -0.29
CA SER A 73 4.99 15.08 0.08
C SER A 73 5.86 13.89 0.44
N LEU A 74 5.33 13.00 1.27
CA LEU A 74 6.07 11.80 1.69
C LEU A 74 6.88 11.23 0.54
N LEU A 75 8.18 11.07 0.76
CA LEU A 75 9.07 10.52 -0.26
C LEU A 75 9.88 9.36 0.30
N THR A 76 9.33 8.66 1.29
CA THR A 76 10.00 7.53 1.91
C THR A 76 9.37 6.22 1.47
N LYS A 77 10.13 5.13 1.60
CA LYS A 77 9.64 3.81 1.22
C LYS A 77 9.05 3.08 2.42
N CYS A 78 8.31 2.01 2.16
CA CYS A 78 7.70 1.22 3.23
C CYS A 78 8.57 0.03 3.60
N SER A 79 8.31 -0.55 4.77
CA SER A 79 9.07 -1.69 5.26
C SER A 79 8.36 -3.00 4.91
N GLY A 80 7.05 -3.03 5.15
CA GLY A 80 6.28 -4.23 4.86
C GLY A 80 5.55 -4.75 6.08
N PRO A 81 4.56 -5.63 5.85
CA PRO A 81 3.77 -6.23 6.93
C PRO A 81 4.58 -7.21 7.78
N SER A 82 5.40 -8.02 7.11
CA SER A 82 6.23 -9.00 7.79
C SER A 82 7.72 -8.69 7.62
N SER A 83 8.29 -8.03 8.61
CA SER A 83 9.70 -7.66 8.57
C SER A 83 10.58 -8.88 8.26
N GLY A 84 10.33 -9.97 8.98
CA GLY A 84 11.09 -11.18 8.79
C GLY A 84 10.54 -12.04 7.67
N GLY A 1 -39.07 -33.91 13.11
CA GLY A 1 -38.59 -35.02 12.30
C GLY A 1 -38.41 -34.64 10.84
N SER A 2 -37.37 -33.87 10.55
CA SER A 2 -37.09 -33.44 9.19
C SER A 2 -35.77 -32.68 9.12
N SER A 3 -35.25 -32.51 7.91
CA SER A 3 -33.99 -31.81 7.71
C SER A 3 -33.85 -31.35 6.25
N GLY A 4 -33.11 -30.27 6.05
CA GLY A 4 -32.91 -29.74 4.71
C GLY A 4 -31.98 -28.55 4.68
N SER A 5 -31.22 -28.42 3.60
CA SER A 5 -30.28 -27.32 3.46
C SER A 5 -29.70 -27.28 2.05
N SER A 6 -29.45 -26.06 1.55
CA SER A 6 -28.90 -25.89 0.21
C SER A 6 -27.98 -24.68 0.16
N GLY A 7 -27.24 -24.55 -0.94
CA GLY A 7 -26.33 -23.43 -1.08
C GLY A 7 -24.99 -23.85 -1.66
N THR A 8 -24.62 -23.27 -2.80
CA THR A 8 -23.36 -23.58 -3.45
C THR A 8 -22.52 -22.33 -3.66
N THR A 9 -21.45 -22.20 -2.88
CA THR A 9 -20.56 -21.05 -2.99
C THR A 9 -19.13 -21.43 -2.61
N LEU A 10 -18.17 -20.80 -3.29
CA LEU A 10 -16.76 -21.08 -3.03
C LEU A 10 -15.93 -19.81 -3.20
N ALA A 11 -15.03 -19.56 -2.24
CA ALA A 11 -14.18 -18.39 -2.29
C ALA A 11 -12.73 -18.75 -1.95
N SER A 12 -11.98 -19.18 -2.98
CA SER A 12 -10.59 -19.56 -2.79
C SER A 12 -9.70 -18.89 -3.83
N ILE A 13 -8.90 -17.93 -3.38
CA ILE A 13 -8.01 -17.20 -4.27
C ILE A 13 -6.55 -17.44 -3.88
N GLY A 14 -5.63 -16.93 -4.71
CA GLY A 14 -4.21 -17.09 -4.44
C GLY A 14 -3.35 -16.62 -5.59
N LYS A 15 -2.57 -15.58 -5.34
CA LYS A 15 -1.68 -15.02 -6.37
C LYS A 15 -0.26 -14.88 -5.84
N ASP A 16 0.68 -15.58 -6.47
CA ASP A 16 2.08 -15.53 -6.06
C ASP A 16 2.75 -14.26 -6.60
N ILE A 17 3.07 -13.34 -5.70
CA ILE A 17 3.72 -12.10 -6.09
C ILE A 17 5.24 -12.23 -6.04
N ILE A 18 5.86 -12.33 -7.21
CA ILE A 18 7.31 -12.46 -7.30
C ILE A 18 8.00 -11.21 -6.78
N GLU A 19 8.79 -11.37 -5.72
CA GLU A 19 9.52 -10.25 -5.13
C GLU A 19 10.92 -10.13 -5.73
N ASP A 20 11.24 -8.94 -6.24
CA ASP A 20 12.55 -8.69 -6.83
C ASP A 20 12.89 -7.21 -6.80
N ALA A 21 14.09 -6.89 -6.31
CA ALA A 21 14.54 -5.50 -6.22
C ALA A 21 14.43 -4.81 -7.58
N ASP A 22 14.96 -5.44 -8.61
CA ASP A 22 14.92 -4.89 -9.95
C ASP A 22 13.48 -4.84 -10.48
N GLY A 23 12.83 -3.69 -10.29
CA GLY A 23 11.46 -3.54 -10.75
C GLY A 23 10.46 -3.57 -9.61
N ILE A 24 9.88 -4.75 -9.36
CA ILE A 24 8.90 -4.91 -8.30
C ILE A 24 9.23 -4.00 -7.11
N ALA A 25 8.18 -3.53 -6.43
CA ALA A 25 8.36 -2.66 -5.28
C ALA A 25 7.13 -2.68 -4.39
N MET A 26 7.33 -2.43 -3.10
CA MET A 26 6.24 -2.42 -2.13
C MET A 26 5.95 -1.00 -1.65
N PRO A 27 5.02 -0.32 -2.34
CA PRO A 27 4.63 1.06 -1.99
C PRO A 27 3.86 1.13 -0.69
N HIS A 28 3.55 2.35 -0.25
CA HIS A 28 2.81 2.55 0.99
C HIS A 28 1.34 2.17 0.82
N GLN A 29 0.88 1.23 1.64
CA GLN A 29 -0.51 0.79 1.58
C GLN A 29 -1.42 1.73 2.35
N TRP A 30 -1.95 2.72 1.65
CA TRP A 30 -2.85 3.69 2.29
C TRP A 30 -4.24 3.11 2.48
N LEU A 31 -4.83 3.37 3.64
CA LEU A 31 -6.17 2.86 3.96
C LEU A 31 -7.10 4.00 4.32
N GLU A 32 -8.02 4.32 3.41
CA GLU A 32 -8.99 5.40 3.64
C GLU A 32 -9.51 5.35 5.07
N GLY A 33 -9.46 6.50 5.75
CA GLY A 33 -9.92 6.58 7.12
C GLY A 33 -9.19 5.62 8.04
N ASN A 34 -9.92 5.03 8.99
CA ASN A 34 -9.32 4.10 9.93
C ASN A 34 -8.27 4.80 10.80
N LEU A 35 -8.59 5.99 11.28
CA LEU A 35 -7.68 6.75 12.11
C LEU A 35 -8.20 6.85 13.54
N PRO A 36 -7.30 6.62 14.51
CA PRO A 36 -7.64 6.67 15.93
C PRO A 36 -7.91 8.09 16.40
N VAL A 37 -8.59 8.21 17.55
CA VAL A 37 -8.92 9.51 18.11
C VAL A 37 -7.65 10.33 18.35
N SER A 38 -6.62 9.69 18.87
CA SER A 38 -5.36 10.36 19.16
C SER A 38 -4.35 10.12 18.03
N ALA A 39 -4.83 10.16 16.79
CA ALA A 39 -3.97 9.95 15.64
C ALA A 39 -3.08 11.17 15.38
N LYS A 40 -1.95 10.93 14.73
CA LYS A 40 -1.02 12.00 14.42
C LYS A 40 -0.35 11.77 13.07
N CYS A 41 0.07 12.86 12.42
CA CYS A 41 0.72 12.78 11.12
C CYS A 41 2.21 12.47 11.28
N THR A 42 2.78 11.82 10.27
CA THR A 42 4.19 11.46 10.30
C THR A 42 5.01 12.36 9.37
N VAL A 43 4.32 13.01 8.44
CA VAL A 43 4.98 13.91 7.49
C VAL A 43 5.21 15.28 8.10
N CYS A 44 4.21 15.77 8.85
CA CYS A 44 4.31 17.07 9.50
C CYS A 44 4.34 16.93 11.01
N ASP A 45 3.57 15.99 11.54
CA ASP A 45 3.52 15.75 12.97
C ASP A 45 2.72 16.85 13.67
N LYS A 46 1.49 17.05 13.23
CA LYS A 46 0.62 18.07 13.82
C LYS A 46 -0.58 17.42 14.51
N THR A 47 -1.47 16.84 13.71
CA THR A 47 -2.66 16.20 14.24
C THR A 47 -3.36 15.38 13.16
N CYS A 48 -3.84 14.20 13.54
CA CYS A 48 -4.53 13.31 12.61
C CYS A 48 -5.87 12.86 13.18
N GLY A 49 -6.77 12.43 12.30
CA GLY A 49 -8.08 11.98 12.74
C GLY A 49 -9.20 12.92 12.33
N SER A 50 -10.05 12.44 11.42
CA SER A 50 -11.17 13.24 10.94
C SER A 50 -12.10 13.63 12.08
N VAL A 51 -13.15 14.38 11.74
CA VAL A 51 -14.13 14.81 12.74
C VAL A 51 -15.46 14.07 12.57
N LEU A 52 -16.04 14.20 11.37
CA LEU A 52 -17.31 13.55 11.07
C LEU A 52 -17.08 12.17 10.47
N ARG A 53 -16.47 12.14 9.29
CA ARG A 53 -16.19 10.89 8.60
C ARG A 53 -14.69 10.70 8.40
N LEU A 54 -14.20 9.49 8.64
CA LEU A 54 -12.79 9.16 8.48
C LEU A 54 -12.35 9.36 7.04
N GLN A 55 -11.27 10.13 6.85
CA GLN A 55 -10.75 10.40 5.52
C GLN A 55 -9.24 10.19 5.47
N ASP A 56 -8.56 10.70 6.50
CA ASP A 56 -7.10 10.58 6.58
C ASP A 56 -6.65 9.21 6.06
N TRP A 57 -5.43 9.16 5.53
CA TRP A 57 -4.87 7.93 5.00
C TRP A 57 -3.68 7.47 5.83
N ARG A 58 -3.78 6.27 6.41
CA ARG A 58 -2.72 5.73 7.23
C ARG A 58 -2.24 4.39 6.67
N CYS A 59 -0.92 4.21 6.63
CA CYS A 59 -0.34 2.97 6.12
C CYS A 59 -0.62 1.80 7.06
N LEU A 60 -0.69 0.60 6.50
CA LEU A 60 -0.96 -0.59 7.29
C LEU A 60 0.33 -1.38 7.54
N TRP A 61 1.30 -1.19 6.65
CA TRP A 61 2.58 -1.89 6.77
C TRP A 61 3.47 -1.21 7.80
N CYS A 62 3.87 0.02 7.52
CA CYS A 62 4.73 0.78 8.43
C CYS A 62 3.90 1.45 9.52
N LYS A 63 2.58 1.50 9.31
CA LYS A 63 1.68 2.11 10.29
C LYS A 63 1.98 3.60 10.45
N ALA A 64 2.03 4.31 9.32
CA ALA A 64 2.31 5.74 9.34
C ALA A 64 1.11 6.53 8.83
N MET A 65 0.55 7.36 9.70
CA MET A 65 -0.60 8.18 9.33
C MET A 65 -0.16 9.50 8.69
N VAL A 66 -0.81 9.86 7.59
CA VAL A 66 -0.48 11.09 6.88
C VAL A 66 -1.74 11.78 6.39
N HIS A 67 -1.62 13.07 6.10
CA HIS A 67 -2.75 13.86 5.61
C HIS A 67 -2.88 13.73 4.10
N THR A 68 -4.12 13.82 3.62
CA THR A 68 -4.38 13.72 2.18
C THR A 68 -3.32 14.45 1.37
N SER A 69 -2.85 15.58 1.91
CA SER A 69 -1.84 16.38 1.22
C SER A 69 -0.44 15.91 1.59
N CYS A 70 -0.19 15.74 2.89
CA CYS A 70 1.10 15.28 3.37
C CYS A 70 1.49 13.96 2.72
N LYS A 71 0.49 13.21 2.28
CA LYS A 71 0.73 11.92 1.64
C LYS A 71 1.69 12.06 0.46
N GLU A 72 1.26 12.82 -0.55
CA GLU A 72 2.08 13.04 -1.73
C GLU A 72 3.47 13.53 -1.35
N SER A 73 3.54 14.30 -0.27
CA SER A 73 4.82 14.84 0.20
C SER A 73 5.80 13.72 0.49
N LEU A 74 5.32 12.65 1.10
CA LEU A 74 6.16 11.51 1.43
C LEU A 74 6.71 10.85 0.16
N LEU A 75 8.01 10.60 0.16
CA LEU A 75 8.67 9.97 -0.98
C LEU A 75 9.38 8.69 -0.57
N THR A 76 10.05 8.74 0.57
CA THR A 76 10.78 7.57 1.08
C THR A 76 9.98 6.29 0.87
N LYS A 77 10.69 5.18 0.74
CA LYS A 77 10.04 3.88 0.54
C LYS A 77 9.31 3.44 1.80
N CYS A 78 8.56 2.34 1.68
CA CYS A 78 7.80 1.81 2.81
C CYS A 78 8.50 0.59 3.39
N SER A 79 8.20 0.30 4.66
CA SER A 79 8.80 -0.84 5.34
C SER A 79 8.30 -2.16 4.73
N GLY A 80 6.99 -2.31 4.66
CA GLY A 80 6.41 -3.52 4.10
C GLY A 80 5.58 -4.29 5.11
N PRO A 81 4.76 -5.22 4.61
CA PRO A 81 3.90 -6.05 5.47
C PRO A 81 4.70 -7.05 6.30
N SER A 82 6.01 -6.85 6.36
CA SER A 82 6.88 -7.75 7.11
C SER A 82 6.80 -7.46 8.61
N SER A 83 5.58 -7.27 9.10
CA SER A 83 5.36 -6.99 10.51
C SER A 83 4.35 -7.95 11.12
N GLY A 84 4.85 -9.05 11.67
CA GLY A 84 3.97 -10.04 12.28
C GLY A 84 3.19 -10.83 11.25
N GLY A 1 -4.85 -53.51 -36.17
CA GLY A 1 -3.83 -52.68 -35.59
C GLY A 1 -4.42 -51.57 -34.72
N SER A 2 -5.19 -51.96 -33.71
CA SER A 2 -5.81 -50.99 -32.82
C SER A 2 -4.76 -50.15 -32.10
N SER A 3 -3.72 -50.82 -31.59
CA SER A 3 -2.65 -50.13 -30.88
C SER A 3 -2.03 -49.05 -31.75
N GLY A 4 -2.13 -47.80 -31.29
CA GLY A 4 -1.57 -46.69 -32.04
C GLY A 4 -1.94 -45.34 -31.45
N SER A 5 -3.24 -45.08 -31.36
CA SER A 5 -3.73 -43.82 -30.81
C SER A 5 -2.83 -43.33 -29.70
N SER A 6 -2.49 -42.04 -29.74
CA SER A 6 -1.62 -41.44 -28.72
C SER A 6 -1.68 -39.92 -28.79
N GLY A 7 -0.98 -39.26 -27.87
CA GLY A 7 -0.96 -37.82 -27.83
C GLY A 7 -0.38 -37.28 -26.55
N THR A 8 0.66 -36.46 -26.66
CA THR A 8 1.31 -35.87 -25.50
C THR A 8 1.14 -34.35 -25.49
N THR A 9 0.67 -33.83 -24.35
CA THR A 9 0.47 -32.40 -24.20
C THR A 9 0.32 -32.02 -22.73
N LEU A 10 1.04 -30.98 -22.32
CA LEU A 10 0.98 -30.52 -20.93
C LEU A 10 -0.26 -29.65 -20.70
N ALA A 11 -0.40 -29.15 -19.48
CA ALA A 11 -1.54 -28.30 -19.13
C ALA A 11 -1.56 -27.04 -19.98
N SER A 12 -0.59 -26.16 -19.76
CA SER A 12 -0.51 -24.91 -20.50
C SER A 12 0.77 -24.15 -20.15
N ILE A 13 0.97 -23.00 -20.80
CA ILE A 13 2.15 -22.19 -20.55
C ILE A 13 1.77 -20.82 -19.99
N GLY A 14 2.54 -20.33 -19.03
CA GLY A 14 2.27 -19.05 -18.43
C GLY A 14 3.43 -18.52 -17.62
N LYS A 15 3.39 -17.24 -17.28
CA LYS A 15 4.44 -16.61 -16.51
C LYS A 15 3.91 -16.12 -15.16
N ASP A 16 4.83 -15.85 -14.23
CA ASP A 16 4.46 -15.38 -12.91
C ASP A 16 5.37 -14.25 -12.45
N ILE A 17 4.84 -13.38 -11.59
CA ILE A 17 5.61 -12.24 -11.09
C ILE A 17 6.33 -12.60 -9.79
N ILE A 18 7.32 -13.48 -9.89
CA ILE A 18 8.08 -13.90 -8.72
C ILE A 18 8.76 -12.72 -8.04
N GLU A 19 8.54 -12.57 -6.74
CA GLU A 19 9.14 -11.48 -5.99
C GLU A 19 10.62 -11.32 -6.33
N ASP A 20 11.19 -10.19 -5.95
CA ASP A 20 12.60 -9.91 -6.22
C ASP A 20 13.50 -10.93 -5.53
N ALA A 21 14.80 -10.81 -5.76
CA ALA A 21 15.76 -11.72 -5.16
C ALA A 21 16.20 -11.22 -3.78
N ASP A 22 16.49 -9.94 -3.69
CA ASP A 22 16.92 -9.34 -2.43
C ASP A 22 16.23 -8.00 -2.20
N GLY A 23 15.59 -7.84 -1.05
CA GLY A 23 14.90 -6.60 -0.73
C GLY A 23 13.87 -6.23 -1.78
N ILE A 24 12.61 -6.55 -1.50
CA ILE A 24 11.52 -6.25 -2.42
C ILE A 24 10.99 -4.85 -2.20
N ALA A 25 10.74 -4.13 -3.29
CA ALA A 25 10.22 -2.76 -3.21
C ALA A 25 8.70 -2.76 -3.14
N MET A 26 8.16 -2.35 -2.01
CA MET A 26 6.71 -2.30 -1.82
C MET A 26 6.28 -0.94 -1.27
N PRO A 27 5.29 -0.32 -1.94
CA PRO A 27 4.77 0.99 -1.54
C PRO A 27 3.98 0.92 -0.24
N HIS A 28 3.47 2.07 0.20
CA HIS A 28 2.69 2.13 1.43
C HIS A 28 1.21 1.86 1.17
N GLN A 29 0.64 0.94 1.93
CA GLN A 29 -0.77 0.58 1.78
C GLN A 29 -1.66 1.60 2.47
N TRP A 30 -2.10 2.61 1.70
CA TRP A 30 -2.96 3.65 2.24
C TRP A 30 -4.38 3.13 2.43
N LEU A 31 -4.95 3.37 3.61
CA LEU A 31 -6.30 2.92 3.92
C LEU A 31 -7.17 4.10 4.35
N GLU A 32 -8.10 4.49 3.47
CA GLU A 32 -8.99 5.60 3.75
C GLU A 32 -9.50 5.54 5.19
N GLY A 33 -9.23 6.59 5.95
CA GLY A 33 -9.66 6.64 7.34
C GLY A 33 -8.96 5.61 8.20
N ASN A 34 -9.64 5.16 9.25
CA ASN A 34 -9.07 4.16 10.15
C ASN A 34 -7.98 4.78 11.02
N LEU A 35 -8.20 6.02 11.44
CA LEU A 35 -7.24 6.73 12.29
C LEU A 35 -7.71 6.75 13.73
N PRO A 36 -6.77 6.51 14.67
CA PRO A 36 -7.06 6.50 16.10
C PRO A 36 -7.37 7.90 16.64
N VAL A 37 -7.88 7.96 17.86
CA VAL A 37 -8.22 9.24 18.49
C VAL A 37 -6.97 10.10 18.65
N SER A 38 -5.86 9.49 19.02
CA SER A 38 -4.61 10.22 19.20
C SER A 38 -3.71 10.06 17.99
N ALA A 39 -4.31 10.09 16.81
CA ALA A 39 -3.55 9.95 15.56
C ALA A 39 -2.63 11.14 15.35
N LYS A 40 -1.45 10.87 14.80
CA LYS A 40 -0.47 11.93 14.53
C LYS A 40 0.17 11.74 13.17
N CYS A 41 0.29 12.84 12.42
CA CYS A 41 0.89 12.79 11.09
C CYS A 41 2.38 12.52 11.18
N THR A 42 2.92 11.86 10.17
CA THR A 42 4.34 11.52 10.12
C THR A 42 5.09 12.46 9.17
N VAL A 43 4.35 13.14 8.32
CA VAL A 43 4.95 14.07 7.36
C VAL A 43 5.18 15.44 7.99
N CYS A 44 4.15 15.97 8.63
CA CYS A 44 4.24 17.27 9.28
C CYS A 44 4.31 17.12 10.80
N ASP A 45 3.59 16.14 11.32
CA ASP A 45 3.57 15.88 12.76
C ASP A 45 2.80 16.98 13.50
N LYS A 46 1.61 17.28 13.02
CA LYS A 46 0.77 18.32 13.62
C LYS A 46 -0.43 17.70 14.33
N THR A 47 -1.30 17.05 13.55
CA THR A 47 -2.49 16.43 14.10
C THR A 47 -3.25 15.66 13.03
N CYS A 48 -3.68 14.45 13.37
CA CYS A 48 -4.42 13.61 12.43
C CYS A 48 -5.62 12.97 13.11
N GLY A 49 -6.61 12.57 12.31
CA GLY A 49 -7.79 11.94 12.85
C GLY A 49 -9.07 12.51 12.27
N SER A 50 -10.04 11.64 12.00
CA SER A 50 -11.32 12.08 11.43
C SER A 50 -12.48 11.53 12.25
N VAL A 51 -13.60 12.23 12.20
CA VAL A 51 -14.79 11.83 12.93
C VAL A 51 -16.03 11.87 12.05
N LEU A 52 -16.32 13.04 11.49
CA LEU A 52 -17.47 13.22 10.62
C LEU A 52 -17.43 12.22 9.45
N ARG A 53 -16.40 12.34 8.62
CA ARG A 53 -16.24 11.46 7.48
C ARG A 53 -14.80 10.96 7.36
N LEU A 54 -14.63 9.64 7.38
CA LEU A 54 -13.30 9.04 7.28
C LEU A 54 -12.54 9.59 6.08
N GLN A 55 -11.41 10.21 6.34
CA GLN A 55 -10.58 10.79 5.28
C GLN A 55 -9.11 10.45 5.48
N ASP A 56 -8.55 10.91 6.59
CA ASP A 56 -7.15 10.65 6.90
C ASP A 56 -6.74 9.26 6.43
N TRP A 57 -5.51 9.15 5.94
CA TRP A 57 -4.99 7.87 5.45
C TRP A 57 -3.87 7.36 6.35
N ARG A 58 -3.73 6.04 6.43
CA ARG A 58 -2.69 5.43 7.25
C ARG A 58 -2.24 4.10 6.65
N CYS A 59 -0.94 3.84 6.71
CA CYS A 59 -0.37 2.60 6.18
C CYS A 59 -0.83 1.40 6.99
N LEU A 60 -1.07 0.29 6.31
CA LEU A 60 -1.51 -0.93 6.97
C LEU A 60 -0.33 -1.78 7.41
N TRP A 61 0.88 -1.28 7.12
CA TRP A 61 2.10 -2.00 7.48
C TRP A 61 2.92 -1.19 8.48
N CYS A 62 3.42 -0.04 8.03
CA CYS A 62 4.22 0.83 8.89
C CYS A 62 3.34 1.78 9.68
N LYS A 63 2.05 1.48 9.73
CA LYS A 63 1.09 2.31 10.46
C LYS A 63 1.51 3.77 10.42
N ALA A 64 1.76 4.29 9.22
CA ALA A 64 2.17 5.68 9.05
C ALA A 64 0.99 6.55 8.67
N MET A 65 0.52 7.37 9.61
CA MET A 65 -0.60 8.25 9.37
C MET A 65 -0.15 9.55 8.71
N VAL A 66 -0.83 9.93 7.63
CA VAL A 66 -0.48 11.16 6.91
C VAL A 66 -1.73 11.80 6.31
N HIS A 67 -1.67 13.12 6.13
CA HIS A 67 -2.80 13.85 5.56
C HIS A 67 -2.85 13.68 4.05
N THR A 68 -4.05 13.47 3.52
CA THR A 68 -4.22 13.29 2.09
C THR A 68 -3.25 14.14 1.29
N SER A 69 -3.03 15.38 1.76
CA SER A 69 -2.13 16.30 1.09
C SER A 69 -0.67 15.94 1.39
N CYS A 70 -0.37 15.80 2.67
CA CYS A 70 0.99 15.45 3.10
C CYS A 70 1.49 14.22 2.36
N LYS A 71 0.62 13.22 2.21
CA LYS A 71 0.98 11.99 1.52
C LYS A 71 1.91 12.27 0.36
N GLU A 72 1.48 13.13 -0.56
CA GLU A 72 2.28 13.48 -1.72
C GLU A 72 3.71 13.84 -1.31
N SER A 73 3.83 14.66 -0.28
CA SER A 73 5.14 15.09 0.20
C SER A 73 5.96 13.89 0.67
N LEU A 74 5.33 13.03 1.46
CA LEU A 74 6.01 11.84 1.98
C LEU A 74 6.86 11.19 0.90
N LEU A 75 8.13 10.93 1.23
CA LEU A 75 9.05 10.31 0.29
C LEU A 75 9.55 8.97 0.83
N THR A 76 9.73 8.88 2.14
CA THR A 76 10.19 7.66 2.78
C THR A 76 9.48 6.45 2.21
N LYS A 77 10.21 5.33 2.09
CA LYS A 77 9.64 4.10 1.57
C LYS A 77 9.11 3.22 2.69
N CYS A 78 8.35 2.20 2.33
CA CYS A 78 7.77 1.28 3.32
C CYS A 78 8.68 0.08 3.52
N SER A 79 8.35 -0.76 4.51
CA SER A 79 9.13 -1.94 4.81
C SER A 79 8.30 -3.20 4.61
N GLY A 80 7.04 -3.16 5.06
CA GLY A 80 6.17 -4.30 4.93
C GLY A 80 5.40 -4.60 6.20
N PRO A 81 4.37 -5.45 6.10
CA PRO A 81 3.54 -5.83 7.24
C PRO A 81 4.28 -6.70 8.24
N SER A 82 5.59 -6.85 8.03
CA SER A 82 6.42 -7.65 8.92
C SER A 82 6.70 -6.91 10.23
N SER A 83 7.30 -5.73 10.11
CA SER A 83 7.63 -4.93 11.28
C SER A 83 6.46 -4.88 12.25
N GLY A 84 6.57 -5.61 13.35
CA GLY A 84 5.52 -5.64 14.34
C GLY A 84 5.98 -5.11 15.70
N GLY A 1 -41.17 -23.43 -46.13
CA GLY A 1 -39.88 -23.04 -46.64
C GLY A 1 -39.16 -22.05 -45.74
N SER A 2 -37.97 -22.44 -45.27
CA SER A 2 -37.19 -21.58 -44.39
C SER A 2 -35.71 -21.95 -44.46
N SER A 3 -34.87 -21.09 -43.89
CA SER A 3 -33.43 -21.31 -43.88
C SER A 3 -32.73 -20.33 -42.97
N GLY A 4 -31.56 -20.72 -42.45
CA GLY A 4 -30.81 -19.86 -41.56
C GLY A 4 -29.50 -20.49 -41.11
N SER A 5 -28.51 -19.65 -40.86
CA SER A 5 -27.19 -20.13 -40.44
C SER A 5 -26.37 -18.99 -39.84
N SER A 6 -25.64 -19.30 -38.78
CA SER A 6 -24.81 -18.30 -38.10
C SER A 6 -23.59 -18.96 -37.46
N GLY A 7 -22.70 -18.13 -36.92
CA GLY A 7 -21.51 -18.65 -36.29
C GLY A 7 -20.46 -17.57 -36.07
N THR A 8 -19.74 -17.66 -34.94
CA THR A 8 -18.71 -16.69 -34.62
C THR A 8 -17.51 -17.36 -33.96
N THR A 9 -16.40 -16.64 -33.89
CA THR A 9 -15.18 -17.17 -33.28
C THR A 9 -14.96 -16.58 -31.89
N LEU A 10 -14.18 -17.28 -31.08
CA LEU A 10 -13.88 -16.83 -29.72
C LEU A 10 -12.47 -16.27 -29.63
N ALA A 11 -12.34 -15.09 -29.06
CA ALA A 11 -11.04 -14.45 -28.90
C ALA A 11 -11.16 -13.15 -28.10
N SER A 12 -10.45 -13.08 -26.98
CA SER A 12 -10.47 -11.91 -26.13
C SER A 12 -9.07 -11.52 -25.69
N ILE A 13 -8.89 -10.25 -25.34
CA ILE A 13 -7.58 -9.76 -24.90
C ILE A 13 -7.26 -10.25 -23.49
N GLY A 14 -6.02 -10.04 -23.07
CA GLY A 14 -5.60 -10.47 -21.74
C GLY A 14 -4.10 -10.50 -21.59
N LYS A 15 -3.63 -10.46 -20.34
CA LYS A 15 -2.21 -10.49 -20.06
C LYS A 15 -1.94 -10.60 -18.56
N ASP A 16 -0.83 -11.22 -18.20
CA ASP A 16 -0.46 -11.40 -16.80
C ASP A 16 0.65 -10.43 -16.40
N ILE A 17 0.27 -9.29 -15.84
CA ILE A 17 1.23 -8.28 -15.42
C ILE A 17 2.21 -8.86 -14.40
N ILE A 18 3.43 -9.13 -14.86
CA ILE A 18 4.47 -9.68 -14.01
C ILE A 18 4.72 -8.78 -12.81
N GLU A 19 4.79 -9.38 -11.62
CA GLU A 19 5.02 -8.62 -10.39
C GLU A 19 6.51 -8.31 -10.24
N ASP A 20 7.30 -9.32 -9.92
CA ASP A 20 8.74 -9.14 -9.74
C ASP A 20 9.45 -9.12 -11.09
N ALA A 21 10.02 -7.96 -11.43
CA ALA A 21 10.74 -7.81 -12.68
C ALA A 21 12.20 -7.47 -12.45
N ASP A 22 12.73 -7.95 -11.33
CA ASP A 22 14.13 -7.70 -10.99
C ASP A 22 14.32 -6.27 -10.51
N GLY A 23 13.49 -5.84 -9.57
CA GLY A 23 13.58 -4.49 -9.05
C GLY A 23 12.24 -3.92 -8.63
N ILE A 24 11.57 -4.63 -7.73
CA ILE A 24 10.27 -4.20 -7.24
C ILE A 24 10.37 -3.64 -5.82
N ALA A 25 9.68 -2.53 -5.58
CA ALA A 25 9.68 -1.90 -4.27
C ALA A 25 8.29 -1.89 -3.66
N MET A 26 8.20 -2.32 -2.40
CA MET A 26 6.91 -2.36 -1.70
C MET A 26 6.38 -0.95 -1.46
N PRO A 27 5.27 -0.62 -2.14
CA PRO A 27 4.63 0.69 -2.01
C PRO A 27 3.98 0.90 -0.65
N HIS A 28 3.28 2.02 -0.49
CA HIS A 28 2.62 2.33 0.77
C HIS A 28 1.12 2.03 0.68
N GLN A 29 0.69 0.99 1.38
CA GLN A 29 -0.72 0.60 1.38
C GLN A 29 -1.55 1.55 2.23
N TRP A 30 -2.09 2.59 1.59
CA TRP A 30 -2.90 3.58 2.28
C TRP A 30 -4.32 3.07 2.49
N LEU A 31 -4.88 3.34 3.66
CA LEU A 31 -6.24 2.91 3.98
C LEU A 31 -7.09 4.08 4.43
N GLU A 32 -7.99 4.54 3.56
CA GLU A 32 -8.87 5.65 3.89
C GLU A 32 -9.41 5.54 5.31
N GLY A 33 -9.53 6.67 5.99
CA GLY A 33 -10.03 6.68 7.35
C GLY A 33 -9.25 5.74 8.26
N ASN A 34 -9.92 5.21 9.27
CA ASN A 34 -9.29 4.30 10.21
C ASN A 34 -8.14 4.99 10.95
N LEU A 35 -8.44 6.12 11.57
CA LEU A 35 -7.44 6.88 12.31
C LEU A 35 -7.80 6.97 13.79
N PRO A 36 -6.83 6.66 14.66
CA PRO A 36 -7.02 6.69 16.11
C PRO A 36 -7.17 8.11 16.63
N VAL A 37 -7.85 8.25 17.77
CA VAL A 37 -8.07 9.56 18.39
C VAL A 37 -6.75 10.32 18.53
N SER A 38 -5.75 9.66 19.09
CA SER A 38 -4.45 10.26 19.30
C SER A 38 -3.56 10.06 18.07
N ALA A 39 -4.15 10.18 16.89
CA ALA A 39 -3.42 10.01 15.65
C ALA A 39 -2.54 11.22 15.35
N LYS A 40 -1.43 11.00 14.66
CA LYS A 40 -0.51 12.09 14.31
C LYS A 40 -0.02 11.94 12.88
N CYS A 41 0.51 13.02 12.33
CA CYS A 41 1.03 13.01 10.96
C CYS A 41 2.54 12.78 10.95
N THR A 42 2.98 11.83 10.13
CA THR A 42 4.39 11.51 10.02
C THR A 42 5.06 12.33 8.93
N VAL A 43 4.41 13.41 8.52
CA VAL A 43 4.95 14.29 7.48
C VAL A 43 5.06 15.73 7.98
N CYS A 44 4.08 16.16 8.75
CA CYS A 44 4.08 17.51 9.29
C CYS A 44 3.92 17.49 10.81
N ASP A 45 3.90 16.30 11.38
CA ASP A 45 3.76 16.14 12.82
C ASP A 45 2.59 16.97 13.35
N LYS A 46 1.42 16.75 12.78
CA LYS A 46 0.22 17.48 13.18
C LYS A 46 -0.93 16.51 13.46
N THR A 47 -1.48 16.59 14.68
CA THR A 47 -2.59 15.73 15.07
C THR A 47 -3.49 15.40 13.89
N CYS A 48 -3.84 14.13 13.74
CA CYS A 48 -4.69 13.68 12.65
C CYS A 48 -6.01 13.14 13.17
N GLY A 49 -6.89 12.75 12.26
CA GLY A 49 -8.18 12.22 12.65
C GLY A 49 -9.33 13.14 12.31
N SER A 50 -9.54 13.38 11.02
CA SER A 50 -10.61 14.26 10.56
C SER A 50 -11.94 13.85 11.17
N VAL A 51 -12.96 14.67 10.94
CA VAL A 51 -14.29 14.40 11.47
C VAL A 51 -14.73 12.97 11.15
N LEU A 52 -15.90 12.59 11.65
CA LEU A 52 -16.43 11.25 11.42
C LEU A 52 -16.04 10.73 10.04
N ARG A 53 -16.50 11.44 9.00
CA ARG A 53 -16.21 11.05 7.63
C ARG A 53 -14.79 10.48 7.51
N LEU A 54 -14.69 9.25 7.04
CA LEU A 54 -13.41 8.59 6.88
C LEU A 54 -12.65 9.16 5.68
N GLN A 55 -11.54 9.82 5.96
CA GLN A 55 -10.73 10.41 4.90
C GLN A 55 -9.24 10.12 5.13
N ASP A 56 -8.68 10.71 6.18
CA ASP A 56 -7.28 10.51 6.52
C ASP A 56 -6.81 9.13 6.09
N TRP A 57 -5.56 9.04 5.64
CA TRP A 57 -4.99 7.76 5.20
C TRP A 57 -3.87 7.33 6.13
N ARG A 58 -3.78 6.03 6.37
CA ARG A 58 -2.75 5.47 7.25
C ARG A 58 -2.28 4.12 6.74
N CYS A 59 -0.97 4.01 6.51
CA CYS A 59 -0.38 2.76 6.02
C CYS A 59 -0.62 1.62 7.02
N LEU A 60 -0.78 0.42 6.50
CA LEU A 60 -1.00 -0.76 7.33
C LEU A 60 0.27 -1.57 7.49
N TRP A 61 1.23 -1.35 6.59
CA TRP A 61 2.49 -2.06 6.62
C TRP A 61 3.45 -1.43 7.62
N CYS A 62 3.71 -0.13 7.44
CA CYS A 62 4.60 0.60 8.33
C CYS A 62 3.83 1.26 9.47
N LYS A 63 2.52 1.40 9.29
CA LYS A 63 1.67 2.00 10.31
C LYS A 63 1.98 3.49 10.46
N ALA A 64 1.99 4.21 9.34
CA ALA A 64 2.27 5.63 9.36
C ALA A 64 1.07 6.43 8.87
N MET A 65 0.56 7.32 9.72
CA MET A 65 -0.59 8.14 9.37
C MET A 65 -0.14 9.45 8.73
N VAL A 66 -0.86 9.87 7.69
CA VAL A 66 -0.54 11.10 6.98
C VAL A 66 -1.79 11.77 6.42
N HIS A 67 -1.69 13.05 6.09
CA HIS A 67 -2.82 13.80 5.55
C HIS A 67 -2.93 13.60 4.05
N THR A 68 -4.15 13.72 3.54
CA THR A 68 -4.39 13.55 2.10
C THR A 68 -3.35 14.31 1.28
N SER A 69 -3.01 15.51 1.73
CA SER A 69 -2.04 16.34 1.03
C SER A 69 -0.61 15.87 1.33
N CYS A 70 -0.26 15.85 2.60
CA CYS A 70 1.07 15.43 3.02
C CYS A 70 1.47 14.13 2.33
N LYS A 71 0.50 13.23 2.19
CA LYS A 71 0.76 11.94 1.54
C LYS A 71 1.66 12.11 0.33
N GLU A 72 1.46 13.19 -0.41
CA GLU A 72 2.27 13.47 -1.59
C GLU A 72 3.71 13.80 -1.22
N SER A 73 3.86 14.58 -0.15
CA SER A 73 5.18 14.96 0.32
C SER A 73 6.05 13.74 0.60
N LEU A 74 5.50 12.80 1.38
CA LEU A 74 6.23 11.58 1.72
C LEU A 74 6.97 11.03 0.51
N LEU A 75 8.28 10.85 0.66
CA LEU A 75 9.11 10.32 -0.42
C LEU A 75 9.71 8.97 -0.05
N THR A 76 10.05 8.81 1.23
CA THR A 76 10.62 7.56 1.72
C THR A 76 9.79 6.37 1.26
N LYS A 77 10.48 5.27 0.95
CA LYS A 77 9.81 4.05 0.51
C LYS A 77 9.33 3.23 1.71
N CYS A 78 8.27 2.46 1.51
CA CYS A 78 7.72 1.62 2.57
C CYS A 78 8.65 0.44 2.87
N SER A 79 8.46 -0.17 4.03
CA SER A 79 9.28 -1.30 4.44
C SER A 79 8.58 -2.62 4.15
N GLY A 80 7.27 -2.65 4.39
CA GLY A 80 6.50 -3.86 4.14
C GLY A 80 5.70 -4.29 5.36
N PRO A 81 4.67 -5.12 5.12
CA PRO A 81 3.79 -5.62 6.19
C PRO A 81 4.52 -6.61 7.11
N SER A 82 3.85 -6.99 8.19
CA SER A 82 4.43 -7.94 9.14
C SER A 82 3.37 -8.91 9.66
N SER A 83 3.82 -10.03 10.19
CA SER A 83 2.90 -11.05 10.71
C SER A 83 2.20 -10.56 11.98
N GLY A 84 2.98 -10.00 12.90
CA GLY A 84 2.41 -9.49 14.13
C GLY A 84 1.89 -8.07 13.99
N GLY A 1 -14.42 -51.81 -37.07
CA GLY A 1 -13.09 -51.49 -37.58
C GLY A 1 -12.21 -50.84 -36.53
N SER A 2 -11.34 -49.93 -36.98
CA SER A 2 -10.44 -49.24 -36.07
C SER A 2 -10.06 -47.86 -36.63
N SER A 3 -9.58 -46.99 -35.76
CA SER A 3 -9.17 -45.65 -36.15
C SER A 3 -8.29 -44.99 -35.09
N GLY A 4 -7.40 -44.12 -35.53
CA GLY A 4 -6.51 -43.45 -34.60
C GLY A 4 -5.43 -42.64 -35.31
N SER A 5 -4.90 -41.63 -34.62
CA SER A 5 -3.86 -40.78 -35.19
C SER A 5 -2.80 -40.46 -34.15
N SER A 6 -1.55 -40.75 -34.49
CA SER A 6 -0.44 -40.48 -33.58
C SER A 6 -0.11 -38.99 -33.53
N GLY A 7 0.58 -38.57 -32.47
CA GLY A 7 0.93 -37.19 -32.32
C GLY A 7 0.04 -36.45 -31.34
N THR A 8 0.62 -36.03 -30.22
CA THR A 8 -0.14 -35.32 -29.20
C THR A 8 0.74 -34.30 -28.47
N THR A 9 0.26 -33.07 -28.39
CA THR A 9 1.01 -32.01 -27.71
C THR A 9 1.00 -32.19 -26.21
N LEU A 10 2.14 -31.96 -25.58
CA LEU A 10 2.26 -32.10 -24.14
C LEU A 10 3.13 -30.99 -23.54
N ALA A 11 2.69 -30.42 -22.43
CA ALA A 11 3.42 -29.35 -21.76
C ALA A 11 2.77 -28.97 -20.44
N SER A 12 3.47 -28.17 -19.65
CA SER A 12 2.96 -27.73 -18.36
C SER A 12 3.75 -26.55 -17.82
N ILE A 13 3.09 -25.41 -17.67
CA ILE A 13 3.75 -24.20 -17.17
C ILE A 13 3.12 -23.75 -15.84
N GLY A 14 3.77 -22.80 -15.20
CA GLY A 14 3.26 -22.29 -13.93
C GLY A 14 3.13 -20.78 -13.92
N LYS A 15 2.35 -20.27 -12.98
CA LYS A 15 2.14 -18.82 -12.86
C LYS A 15 2.91 -18.25 -11.68
N ASP A 16 3.69 -17.21 -11.94
CA ASP A 16 4.49 -16.57 -10.90
C ASP A 16 4.78 -15.11 -11.25
N ILE A 17 4.38 -14.20 -10.37
CA ILE A 17 4.61 -12.78 -10.60
C ILE A 17 6.07 -12.42 -10.41
N ILE A 18 6.74 -12.09 -11.51
CA ILE A 18 8.15 -11.72 -11.46
C ILE A 18 8.36 -10.49 -10.58
N GLU A 19 8.86 -10.72 -9.36
CA GLU A 19 9.11 -9.63 -8.43
C GLU A 19 10.58 -9.21 -8.48
N ASP A 20 10.84 -7.96 -8.10
CA ASP A 20 12.19 -7.43 -8.09
C ASP A 20 13.05 -8.10 -7.02
N ALA A 21 13.69 -9.20 -7.40
CA ALA A 21 14.55 -9.94 -6.47
C ALA A 21 15.38 -8.99 -5.61
N ASP A 22 15.83 -7.90 -6.23
CA ASP A 22 16.64 -6.91 -5.52
C ASP A 22 15.76 -5.95 -4.73
N GLY A 23 15.80 -6.08 -3.40
CA GLY A 23 15.01 -5.22 -2.54
C GLY A 23 13.67 -4.86 -3.17
N ILE A 24 12.77 -5.83 -3.22
CA ILE A 24 11.45 -5.62 -3.80
C ILE A 24 10.91 -4.24 -3.44
N ALA A 25 10.20 -3.63 -4.38
CA ALA A 25 9.63 -2.30 -4.15
C ALA A 25 8.33 -2.40 -3.35
N MET A 26 8.41 -2.11 -2.05
CA MET A 26 7.25 -2.15 -1.18
C MET A 26 6.76 -0.75 -0.85
N PRO A 27 5.72 -0.30 -1.58
CA PRO A 27 5.15 1.03 -1.38
C PRO A 27 4.39 1.14 -0.07
N HIS A 28 3.64 2.24 0.10
CA HIS A 28 2.86 2.46 1.32
C HIS A 28 1.38 2.19 1.07
N GLN A 29 0.84 1.19 1.76
CA GLN A 29 -0.56 0.83 1.62
C GLN A 29 -1.44 1.81 2.38
N TRP A 30 -1.90 2.85 1.69
CA TRP A 30 -2.76 3.86 2.30
C TRP A 30 -4.19 3.35 2.43
N LEU A 31 -4.78 3.55 3.60
CA LEU A 31 -6.16 3.12 3.85
C LEU A 31 -7.01 4.28 4.35
N GLU A 32 -7.79 4.86 3.45
CA GLU A 32 -8.67 5.97 3.81
C GLU A 32 -9.32 5.74 5.17
N GLY A 33 -9.44 6.80 5.95
CA GLY A 33 -10.05 6.70 7.26
C GLY A 33 -9.29 5.75 8.18
N ASN A 34 -10.00 5.17 9.14
CA ASN A 34 -9.39 4.25 10.09
C ASN A 34 -8.32 4.95 10.93
N LEU A 35 -8.72 6.06 11.55
CA LEU A 35 -7.79 6.83 12.38
C LEU A 35 -8.27 6.86 13.83
N PRO A 36 -7.34 6.61 14.77
CA PRO A 36 -7.63 6.61 16.20
C PRO A 36 -7.95 8.00 16.73
N VAL A 37 -8.35 8.07 18.01
CA VAL A 37 -8.69 9.33 18.63
C VAL A 37 -7.44 10.20 18.80
N SER A 38 -6.34 9.59 19.18
CA SER A 38 -5.08 10.30 19.38
C SER A 38 -4.16 10.12 18.18
N ALA A 39 -4.74 10.06 16.99
CA ALA A 39 -3.98 9.90 15.76
C ALA A 39 -3.23 11.17 15.41
N LYS A 40 -2.04 11.02 14.84
CA LYS A 40 -1.21 12.16 14.45
C LYS A 40 -0.52 11.90 13.13
N CYS A 41 -0.21 12.97 12.39
CA CYS A 41 0.46 12.86 11.11
C CYS A 41 1.96 12.62 11.29
N THR A 42 2.59 12.05 10.28
CA THR A 42 4.02 11.77 10.32
C THR A 42 4.77 12.67 9.35
N VAL A 43 4.04 13.36 8.49
CA VAL A 43 4.66 14.25 7.52
C VAL A 43 4.78 15.67 8.07
N CYS A 44 3.78 16.09 8.81
CA CYS A 44 3.77 17.43 9.41
C CYS A 44 3.76 17.35 10.93
N ASP A 45 3.48 16.15 11.45
CA ASP A 45 3.44 15.95 12.89
C ASP A 45 2.30 16.73 13.52
N LYS A 46 1.10 16.58 12.95
CA LYS A 46 -0.08 17.28 13.47
C LYS A 46 -1.32 16.38 13.39
N THR A 47 -2.13 16.42 14.43
CA THR A 47 -3.34 15.61 14.48
C THR A 47 -3.94 15.43 13.10
N CYS A 48 -4.47 14.24 12.84
CA CYS A 48 -5.08 13.94 11.54
C CYS A 48 -6.51 13.44 11.71
N GLY A 49 -6.69 12.47 12.61
CA GLY A 49 -8.00 11.91 12.84
C GLY A 49 -9.11 12.93 12.65
N SER A 50 -9.73 12.91 11.47
CA SER A 50 -10.80 13.85 11.16
C SER A 50 -12.00 13.61 12.06
N VAL A 51 -12.64 14.70 12.49
CA VAL A 51 -13.80 14.61 13.36
C VAL A 51 -14.72 13.47 12.93
N LEU A 52 -14.75 12.42 13.75
CA LEU A 52 -15.59 11.26 13.46
C LEU A 52 -15.72 11.05 11.95
N ARG A 53 -14.65 11.33 11.22
CA ARG A 53 -14.65 11.18 9.77
C ARG A 53 -13.65 10.10 9.34
N LEU A 54 -13.84 9.57 8.14
CA LEU A 54 -12.95 8.54 7.61
C LEU A 54 -12.25 9.02 6.35
N GLN A 55 -11.42 10.06 6.50
CA GLN A 55 -10.68 10.61 5.36
C GLN A 55 -9.19 10.33 5.51
N ASP A 56 -8.59 10.87 6.56
CA ASP A 56 -7.16 10.68 6.80
C ASP A 56 -6.71 9.28 6.37
N TRP A 57 -5.50 9.19 5.83
CA TRP A 57 -4.96 7.92 5.37
C TRP A 57 -3.92 7.38 6.35
N ARG A 58 -3.72 6.08 6.35
CA ARG A 58 -2.74 5.45 7.24
C ARG A 58 -2.21 4.15 6.63
N CYS A 59 -0.90 3.97 6.70
CA CYS A 59 -0.26 2.77 6.16
C CYS A 59 -0.66 1.54 6.96
N LEU A 60 -0.78 0.41 6.27
CA LEU A 60 -1.16 -0.84 6.91
C LEU A 60 0.07 -1.69 7.21
N TRP A 61 1.22 -1.24 6.72
CA TRP A 61 2.47 -1.97 6.95
C TRP A 61 3.36 -1.22 7.94
N CYS A 62 3.50 0.08 7.74
CA CYS A 62 4.32 0.91 8.62
C CYS A 62 3.44 1.71 9.57
N LYS A 63 2.16 1.37 9.63
CA LYS A 63 1.22 2.07 10.50
C LYS A 63 1.55 3.56 10.58
N ALA A 64 1.86 4.16 9.43
CA ALA A 64 2.19 5.57 9.38
C ALA A 64 1.01 6.40 8.86
N MET A 65 0.45 7.22 9.74
CA MET A 65 -0.69 8.06 9.36
C MET A 65 -0.21 9.36 8.71
N VAL A 66 -0.89 9.76 7.64
CA VAL A 66 -0.53 10.98 6.93
C VAL A 66 -1.77 11.64 6.32
N HIS A 67 -1.71 12.96 6.14
CA HIS A 67 -2.82 13.71 5.57
C HIS A 67 -2.87 13.53 4.06
N THR A 68 -4.08 13.54 3.51
CA THR A 68 -4.27 13.38 2.07
C THR A 68 -3.30 14.25 1.28
N SER A 69 -3.04 15.45 1.80
CA SER A 69 -2.13 16.39 1.14
C SER A 69 -0.68 16.05 1.48
N CYS A 70 -0.45 15.60 2.71
CA CYS A 70 0.89 15.25 3.15
C CYS A 70 1.36 13.97 2.48
N LYS A 71 0.42 13.11 2.11
CA LYS A 71 0.74 11.85 1.45
C LYS A 71 1.80 12.05 0.37
N GLU A 72 1.43 12.78 -0.67
CA GLU A 72 2.34 13.05 -1.78
C GLU A 72 3.68 13.56 -1.26
N SER A 73 3.63 14.47 -0.29
CA SER A 73 4.83 15.05 0.29
C SER A 73 5.79 13.96 0.75
N LEU A 74 5.23 12.92 1.38
CA LEU A 74 6.04 11.82 1.88
C LEU A 74 6.87 11.19 0.75
N LEU A 75 8.18 11.10 0.98
CA LEU A 75 9.08 10.52 0.00
C LEU A 75 9.65 9.19 0.47
N THR A 76 9.96 9.13 1.77
CA THR A 76 10.53 7.92 2.35
C THR A 76 9.81 6.68 1.83
N LYS A 77 10.52 5.56 1.80
CA LYS A 77 9.97 4.30 1.32
C LYS A 77 9.44 3.46 2.49
N CYS A 78 8.57 2.51 2.18
CA CYS A 78 7.98 1.64 3.19
C CYS A 78 8.85 0.40 3.41
N SER A 79 8.57 -0.33 4.48
CA SER A 79 9.33 -1.53 4.80
C SER A 79 8.56 -2.79 4.37
N GLY A 80 7.28 -2.83 4.70
CA GLY A 80 6.46 -3.97 4.35
C GLY A 80 5.66 -4.51 5.52
N PRO A 81 4.61 -5.28 5.22
CA PRO A 81 3.75 -5.87 6.25
C PRO A 81 4.46 -6.97 7.02
N SER A 82 3.91 -7.32 8.18
CA SER A 82 4.49 -8.36 9.02
C SER A 82 4.16 -9.74 8.47
N SER A 83 5.14 -10.65 8.52
CA SER A 83 4.96 -12.01 8.03
C SER A 83 5.91 -12.98 8.73
N GLY A 84 5.75 -14.26 8.44
CA GLY A 84 6.60 -15.27 9.06
C GLY A 84 5.86 -16.07 10.11
N GLY A 1 0.32 -14.20 -64.84
CA GLY A 1 0.60 -15.36 -64.02
C GLY A 1 2.09 -15.63 -63.90
N SER A 2 2.52 -16.01 -62.70
CA SER A 2 3.93 -16.30 -62.44
C SER A 2 4.13 -16.82 -61.03
N SER A 3 5.14 -17.68 -60.86
CA SER A 3 5.43 -18.27 -59.56
C SER A 3 5.55 -17.19 -58.49
N GLY A 4 5.76 -17.61 -57.25
CA GLY A 4 5.88 -16.67 -56.16
C GLY A 4 5.48 -17.27 -54.82
N SER A 5 6.12 -16.80 -53.75
CA SER A 5 5.82 -17.31 -52.42
C SER A 5 6.30 -16.33 -51.34
N SER A 6 5.71 -16.43 -50.16
CA SER A 6 6.07 -15.54 -49.05
C SER A 6 6.82 -16.31 -47.97
N GLY A 7 7.20 -15.60 -46.91
CA GLY A 7 7.92 -16.22 -45.81
C GLY A 7 7.01 -16.60 -44.66
N THR A 8 7.60 -16.80 -43.49
CA THR A 8 6.83 -17.16 -42.31
C THR A 8 6.92 -16.07 -41.24
N THR A 9 5.80 -15.84 -40.56
CA THR A 9 5.74 -14.82 -39.52
C THR A 9 6.68 -15.16 -38.36
N LEU A 10 7.35 -14.13 -37.85
CA LEU A 10 8.29 -14.32 -36.75
C LEU A 10 7.85 -13.51 -35.52
N ALA A 11 7.06 -14.15 -34.65
CA ALA A 11 6.58 -13.49 -33.44
C ALA A 11 7.68 -13.40 -32.40
N SER A 12 8.19 -12.20 -32.17
CA SER A 12 9.25 -11.97 -31.19
C SER A 12 8.79 -12.38 -29.80
N ILE A 13 9.74 -12.85 -28.99
CA ILE A 13 9.42 -13.27 -27.63
C ILE A 13 8.91 -12.11 -26.79
N GLY A 14 8.33 -12.42 -25.64
CA GLY A 14 7.81 -11.39 -24.76
C GLY A 14 8.66 -11.21 -23.51
N LYS A 15 8.30 -10.23 -22.68
CA LYS A 15 9.02 -9.95 -21.46
C LYS A 15 8.08 -9.95 -20.26
N ASP A 16 8.40 -10.77 -19.26
CA ASP A 16 7.58 -10.85 -18.05
C ASP A 16 8.19 -10.03 -16.92
N ILE A 17 7.35 -9.23 -16.27
CA ILE A 17 7.80 -8.39 -15.17
C ILE A 17 8.75 -9.14 -14.25
N ILE A 18 10.04 -8.84 -14.35
CA ILE A 18 11.05 -9.49 -13.53
C ILE A 18 11.03 -8.94 -12.10
N GLU A 19 11.24 -9.82 -11.14
CA GLU A 19 11.25 -9.43 -9.73
C GLU A 19 12.68 -9.26 -9.22
N ASP A 20 12.86 -8.39 -8.23
CA ASP A 20 14.17 -8.15 -7.66
C ASP A 20 14.48 -9.15 -6.55
N ALA A 21 15.70 -9.11 -6.04
CA ALA A 21 16.11 -10.02 -4.97
C ALA A 21 16.37 -9.26 -3.68
N ASP A 22 16.93 -8.06 -3.80
CA ASP A 22 17.23 -7.23 -2.64
C ASP A 22 16.07 -6.28 -2.33
N GLY A 23 15.14 -6.74 -1.50
CA GLY A 23 13.99 -5.93 -1.14
C GLY A 23 13.24 -5.44 -2.36
N ILE A 24 12.09 -6.06 -2.62
CA ILE A 24 11.25 -5.69 -3.76
C ILE A 24 10.42 -4.45 -3.45
N ALA A 25 10.20 -3.62 -4.45
CA ALA A 25 9.40 -2.41 -4.29
C ALA A 25 8.27 -2.62 -3.30
N MET A 26 8.32 -1.89 -2.19
CA MET A 26 7.29 -2.00 -1.16
C MET A 26 6.74 -0.63 -0.79
N PRO A 27 5.67 -0.21 -1.47
CA PRO A 27 5.03 1.08 -1.23
C PRO A 27 4.31 1.13 0.12
N HIS A 28 3.51 2.17 0.31
CA HIS A 28 2.77 2.34 1.56
C HIS A 28 1.29 2.03 1.35
N GLN A 29 0.76 1.07 2.10
CA GLN A 29 -0.63 0.68 1.98
C GLN A 29 -1.54 1.72 2.64
N TRP A 30 -1.97 2.70 1.86
CA TRP A 30 -2.83 3.76 2.37
C TRP A 30 -4.27 3.28 2.46
N LEU A 31 -4.83 3.35 3.67
CA LEU A 31 -6.22 2.93 3.89
C LEU A 31 -7.11 4.12 4.25
N GLU A 32 -7.91 4.56 3.29
CA GLU A 32 -8.80 5.69 3.50
C GLU A 32 -9.58 5.53 4.80
N GLY A 33 -9.55 6.55 5.65
CA GLY A 33 -10.26 6.50 6.91
C GLY A 33 -9.59 5.56 7.90
N ASN A 34 -10.40 4.96 8.77
CA ASN A 34 -9.89 4.03 9.77
C ASN A 34 -8.71 4.66 10.53
N LEU A 35 -8.93 5.86 11.05
CA LEU A 35 -7.89 6.56 11.80
C LEU A 35 -8.17 6.50 13.30
N PRO A 36 -7.09 6.27 14.08
CA PRO A 36 -7.19 6.20 15.54
C PRO A 36 -7.51 7.54 16.19
N VAL A 37 -7.97 7.50 17.44
CA VAL A 37 -8.31 8.72 18.16
C VAL A 37 -7.07 9.60 18.36
N SER A 38 -5.94 8.97 18.65
CA SER A 38 -4.70 9.71 18.86
C SER A 38 -3.80 9.61 17.64
N ALA A 39 -4.40 9.71 16.45
CA ALA A 39 -3.65 9.65 15.20
C ALA A 39 -2.87 10.93 14.96
N LYS A 40 -1.56 10.78 14.73
CA LYS A 40 -0.70 11.93 14.49
C LYS A 40 0.03 11.78 13.15
N CYS A 41 0.07 12.86 12.38
CA CYS A 41 0.74 12.86 11.08
C CYS A 41 2.22 12.55 11.25
N THR A 42 2.82 11.98 10.21
CA THR A 42 4.24 11.64 10.23
C THR A 42 5.03 12.51 9.26
N VAL A 43 4.32 13.26 8.43
CA VAL A 43 4.95 14.15 7.46
C VAL A 43 5.15 15.54 8.03
N CYS A 44 4.17 16.02 8.77
CA CYS A 44 4.22 17.35 9.37
C CYS A 44 4.26 17.25 10.90
N ASP A 45 3.93 16.06 11.41
CA ASP A 45 3.93 15.84 12.85
C ASP A 45 2.87 16.70 13.54
N LYS A 46 1.67 16.70 12.97
CA LYS A 46 0.56 17.47 13.53
C LYS A 46 -0.64 16.58 13.84
N THR A 47 -1.73 17.19 14.27
CA THR A 47 -2.93 16.45 14.60
C THR A 47 -3.44 15.66 13.40
N CYS A 48 -3.73 14.38 13.62
CA CYS A 48 -4.22 13.51 12.56
C CYS A 48 -5.49 12.78 12.99
N GLY A 49 -6.12 12.08 12.05
CA GLY A 49 -7.33 11.36 12.36
C GLY A 49 -8.57 12.22 12.24
N SER A 50 -8.88 12.66 11.03
CA SER A 50 -10.04 13.50 10.79
C SER A 50 -11.16 13.17 11.76
N VAL A 51 -11.27 13.96 12.83
CA VAL A 51 -12.30 13.74 13.83
C VAL A 51 -13.64 13.42 13.20
N LEU A 52 -14.21 12.28 13.58
CA LEU A 52 -15.50 11.85 13.04
C LEU A 52 -15.49 11.90 11.50
N ARG A 53 -14.51 11.24 10.90
CA ARG A 53 -14.39 11.22 9.45
C ARG A 53 -13.55 10.04 8.99
N LEU A 54 -13.61 9.73 7.70
CA LEU A 54 -12.84 8.62 7.13
C LEU A 54 -12.10 9.06 5.88
N GLN A 55 -11.39 10.19 5.98
CA GLN A 55 -10.63 10.71 4.85
C GLN A 55 -9.14 10.43 5.02
N ASP A 56 -8.61 10.78 6.18
CA ASP A 56 -7.19 10.57 6.48
C ASP A 56 -6.72 9.22 5.94
N TRP A 57 -5.41 9.07 5.80
CA TRP A 57 -4.84 7.83 5.28
C TRP A 57 -3.78 7.29 6.24
N ARG A 58 -3.82 5.98 6.47
CA ARG A 58 -2.87 5.33 7.36
C ARG A 58 -2.31 4.06 6.74
N CYS A 59 -1.02 3.81 6.97
CA CYS A 59 -0.37 2.63 6.42
C CYS A 59 -0.74 1.38 7.22
N LEU A 60 -0.77 0.24 6.54
CA LEU A 60 -1.11 -1.02 7.18
C LEU A 60 0.14 -1.77 7.62
N TRP A 61 1.24 -1.54 6.90
CA TRP A 61 2.50 -2.19 7.20
C TRP A 61 3.30 -1.39 8.22
N CYS A 62 3.86 -0.26 7.76
CA CYS A 62 4.65 0.60 8.64
C CYS A 62 3.78 1.22 9.72
N LYS A 63 2.48 1.31 9.45
CA LYS A 63 1.54 1.89 10.40
C LYS A 63 1.79 3.39 10.58
N ALA A 64 1.93 4.09 9.46
CA ALA A 64 2.18 5.54 9.50
C ALA A 64 1.02 6.30 8.85
N MET A 65 0.54 7.32 9.54
CA MET A 65 -0.56 8.13 9.05
C MET A 65 -0.05 9.44 8.45
N VAL A 66 -0.81 10.01 7.52
CA VAL A 66 -0.43 11.26 6.87
C VAL A 66 -1.65 11.98 6.32
N HIS A 67 -1.54 13.30 6.16
CA HIS A 67 -2.63 14.10 5.64
C HIS A 67 -2.76 13.93 4.13
N THR A 68 -3.99 13.75 3.66
CA THR A 68 -4.25 13.57 2.24
C THR A 68 -3.31 14.41 1.39
N SER A 69 -2.93 15.57 1.92
CA SER A 69 -2.02 16.47 1.21
C SER A 69 -0.57 16.11 1.48
N CYS A 70 -0.28 15.75 2.74
CA CYS A 70 1.07 15.38 3.14
C CYS A 70 1.53 14.11 2.42
N LYS A 71 0.59 13.18 2.25
CA LYS A 71 0.90 11.92 1.59
C LYS A 71 1.83 12.14 0.40
N GLU A 72 1.33 12.82 -0.63
CA GLU A 72 2.12 13.10 -1.82
C GLU A 72 3.46 13.74 -1.45
N SER A 73 3.51 14.35 -0.26
CA SER A 73 4.73 15.01 0.20
C SER A 73 5.72 13.97 0.74
N LEU A 74 5.19 12.89 1.30
CA LEU A 74 6.03 11.83 1.84
C LEU A 74 6.89 11.19 0.75
N LEU A 75 8.20 11.14 1.00
CA LEU A 75 9.13 10.55 0.04
C LEU A 75 9.62 9.19 0.52
N THR A 76 10.10 9.14 1.76
CA THR A 76 10.59 7.89 2.34
C THR A 76 9.79 6.69 1.84
N LYS A 77 10.46 5.55 1.76
CA LYS A 77 9.80 4.33 1.30
C LYS A 77 9.30 3.50 2.48
N CYS A 78 8.47 2.50 2.19
CA CYS A 78 7.91 1.64 3.22
C CYS A 78 8.78 0.41 3.42
N SER A 79 8.56 -0.30 4.53
CA SER A 79 9.32 -1.50 4.84
C SER A 79 8.60 -2.76 4.33
N GLY A 80 7.31 -2.84 4.63
CA GLY A 80 6.53 -3.98 4.19
C GLY A 80 5.94 -4.76 5.35
N PRO A 81 4.96 -5.63 5.06
CA PRO A 81 4.30 -6.45 6.08
C PRO A 81 5.22 -7.52 6.65
N SER A 82 5.56 -7.39 7.93
CA SER A 82 6.43 -8.34 8.60
C SER A 82 5.70 -9.65 8.87
N SER A 83 4.48 -9.55 9.38
CA SER A 83 3.68 -10.72 9.70
C SER A 83 2.21 -10.34 9.93
N GLY A 84 1.33 -10.93 9.13
CA GLY A 84 -0.09 -10.65 9.27
C GLY A 84 -0.91 -11.88 9.59
N GLY A 1 -48.40 -33.14 -16.52
CA GLY A 1 -47.52 -32.01 -16.80
C GLY A 1 -46.10 -32.27 -16.35
N SER A 2 -45.15 -31.61 -16.99
CA SER A 2 -43.73 -31.77 -16.65
C SER A 2 -42.98 -30.44 -16.81
N SER A 3 -41.78 -30.39 -16.26
CA SER A 3 -40.96 -29.19 -16.35
C SER A 3 -39.57 -29.44 -15.75
N GLY A 4 -38.65 -28.52 -16.03
CA GLY A 4 -37.29 -28.67 -15.52
C GLY A 4 -36.38 -27.55 -15.99
N SER A 5 -35.24 -27.39 -15.31
CA SER A 5 -34.28 -26.35 -15.66
C SER A 5 -32.86 -26.77 -15.32
N SER A 6 -31.89 -25.98 -15.75
CA SER A 6 -30.48 -26.29 -15.50
C SER A 6 -29.69 -25.01 -15.25
N GLY A 7 -28.71 -25.09 -14.35
CA GLY A 7 -27.89 -23.93 -14.05
C GLY A 7 -26.45 -24.30 -13.76
N THR A 8 -25.59 -23.29 -13.66
CA THR A 8 -24.18 -23.51 -13.38
C THR A 8 -23.55 -22.32 -12.69
N THR A 9 -22.80 -22.58 -11.63
CA THR A 9 -22.14 -21.52 -10.87
C THR A 9 -20.66 -21.82 -10.68
N LEU A 10 -19.81 -20.99 -11.28
CA LEU A 10 -18.37 -21.17 -11.18
C LEU A 10 -17.64 -19.88 -11.54
N ALA A 11 -17.01 -19.26 -10.55
CA ALA A 11 -16.28 -18.02 -10.77
C ALA A 11 -15.15 -17.86 -9.75
N SER A 12 -13.92 -17.83 -10.24
CA SER A 12 -12.75 -17.69 -9.37
C SER A 12 -11.85 -16.56 -9.85
N ILE A 13 -11.40 -15.73 -8.92
CA ILE A 13 -10.51 -14.62 -9.25
C ILE A 13 -9.32 -14.55 -8.29
N GLY A 14 -8.21 -14.02 -8.78
CA GLY A 14 -7.02 -13.90 -7.96
C GLY A 14 -5.78 -14.44 -8.65
N LYS A 15 -4.84 -13.55 -8.94
CA LYS A 15 -3.61 -13.94 -9.61
C LYS A 15 -2.39 -13.33 -8.90
N ASP A 16 -1.29 -14.07 -8.90
CA ASP A 16 -0.06 -13.60 -8.26
C ASP A 16 0.79 -12.80 -9.24
N ILE A 17 1.04 -11.54 -8.90
CA ILE A 17 1.84 -10.66 -9.74
C ILE A 17 3.33 -10.89 -9.52
N ILE A 18 4.08 -10.93 -10.60
CA ILE A 18 5.53 -11.14 -10.53
C ILE A 18 6.20 -10.03 -9.73
N GLU A 19 7.07 -10.41 -8.80
CA GLU A 19 7.77 -9.44 -7.97
C GLU A 19 8.95 -8.84 -8.74
N ASP A 20 9.58 -7.83 -8.13
CA ASP A 20 10.72 -7.17 -8.75
C ASP A 20 11.86 -8.15 -9.00
N ALA A 21 12.73 -7.82 -9.94
CA ALA A 21 13.86 -8.67 -10.28
C ALA A 21 14.93 -8.61 -9.20
N ASP A 22 15.36 -7.40 -8.86
CA ASP A 22 16.38 -7.21 -7.84
C ASP A 22 15.94 -6.16 -6.82
N GLY A 23 16.07 -6.49 -5.54
CA GLY A 23 15.68 -5.57 -4.49
C GLY A 23 14.20 -5.27 -4.50
N ILE A 24 13.42 -6.13 -3.85
CA ILE A 24 11.97 -5.95 -3.79
C ILE A 24 11.61 -4.64 -3.10
N ALA A 25 10.65 -3.93 -3.67
CA ALA A 25 10.20 -2.66 -3.10
C ALA A 25 8.70 -2.68 -2.83
N MET A 26 8.34 -2.41 -1.58
CA MET A 26 6.93 -2.39 -1.18
C MET A 26 6.50 -1.00 -0.74
N PRO A 27 5.50 -0.44 -1.44
CA PRO A 27 4.98 0.90 -1.14
C PRO A 27 4.21 0.93 0.18
N HIS A 28 3.53 2.05 0.43
CA HIS A 28 2.75 2.21 1.65
C HIS A 28 1.27 1.92 1.40
N GLN A 29 0.71 1.00 2.17
CA GLN A 29 -0.69 0.64 2.03
C GLN A 29 -1.60 1.69 2.67
N TRP A 30 -2.02 2.66 1.87
CA TRP A 30 -2.88 3.73 2.36
C TRP A 30 -4.34 3.26 2.43
N LEU A 31 -4.95 3.41 3.60
CA LEU A 31 -6.33 3.00 3.80
C LEU A 31 -7.19 4.19 4.22
N GLU A 32 -8.04 4.65 3.29
CA GLU A 32 -8.91 5.79 3.57
C GLU A 32 -9.52 5.69 4.97
N GLY A 33 -9.50 6.80 5.69
CA GLY A 33 -10.04 6.81 7.04
C GLY A 33 -9.37 5.81 7.96
N ASN A 34 -10.06 5.40 9.01
CA ASN A 34 -9.51 4.43 9.96
C ASN A 34 -8.46 5.09 10.84
N LEU A 35 -8.76 6.29 11.33
CA LEU A 35 -7.83 7.02 12.19
C LEU A 35 -8.41 7.20 13.59
N PRO A 36 -7.57 6.97 14.61
CA PRO A 36 -7.97 7.10 16.01
C PRO A 36 -8.23 8.55 16.41
N VAL A 37 -8.77 8.75 17.61
CA VAL A 37 -9.07 10.08 18.11
C VAL A 37 -7.78 10.85 18.38
N SER A 38 -6.81 10.19 18.99
CA SER A 38 -5.53 10.81 19.31
C SER A 38 -4.49 10.51 18.25
N ALA A 39 -4.94 10.43 17.00
CA ALA A 39 -4.05 10.15 15.87
C ALA A 39 -3.09 11.30 15.63
N LYS A 40 -2.02 11.04 14.90
CA LYS A 40 -1.02 12.06 14.59
C LYS A 40 -0.37 11.79 13.23
N CYS A 41 0.11 12.85 12.60
CA CYS A 41 0.76 12.75 11.29
C CYS A 41 2.26 12.52 11.45
N THR A 42 2.89 12.01 10.39
CA THR A 42 4.32 11.76 10.41
C THR A 42 5.06 12.68 9.45
N VAL A 43 4.34 13.19 8.45
CA VAL A 43 4.93 14.09 7.47
C VAL A 43 5.01 15.52 8.01
N CYS A 44 3.94 15.95 8.68
CA CYS A 44 3.89 17.29 9.25
C CYS A 44 3.98 17.24 10.77
N ASP A 45 3.54 16.12 11.35
CA ASP A 45 3.57 15.95 12.79
C ASP A 45 2.48 16.78 13.46
N LYS A 46 1.33 16.88 12.81
CA LYS A 46 0.21 17.64 13.34
C LYS A 46 -1.02 16.76 13.52
N THR A 47 -1.88 17.13 14.46
CA THR A 47 -3.09 16.37 14.73
C THR A 47 -3.67 15.79 13.45
N CYS A 48 -4.21 14.58 13.55
CA CYS A 48 -4.80 13.91 12.39
C CYS A 48 -6.13 13.25 12.77
N GLY A 49 -7.06 13.22 11.82
CA GLY A 49 -8.36 12.62 12.07
C GLY A 49 -9.50 13.53 11.69
N SER A 50 -10.36 13.05 10.78
CA SER A 50 -11.50 13.84 10.31
C SER A 50 -12.46 14.12 11.47
N VAL A 51 -13.45 14.96 11.21
CA VAL A 51 -14.44 15.32 12.21
C VAL A 51 -15.84 14.85 11.80
N LEU A 52 -15.94 14.28 10.61
CA LEU A 52 -17.21 13.79 10.10
C LEU A 52 -17.07 12.40 9.50
N ARG A 53 -16.35 12.32 8.38
CA ARG A 53 -16.13 11.05 7.70
C ARG A 53 -14.64 10.75 7.57
N LEU A 54 -14.20 9.68 8.20
CA LEU A 54 -12.79 9.28 8.15
C LEU A 54 -12.24 9.38 6.73
N GLN A 55 -11.32 10.31 6.51
CA GLN A 55 -10.72 10.51 5.20
C GLN A 55 -9.21 10.26 5.25
N ASP A 56 -8.57 10.78 6.30
CA ASP A 56 -7.14 10.62 6.46
C ASP A 56 -6.69 9.24 6.03
N TRP A 57 -5.41 9.11 5.68
CA TRP A 57 -4.85 7.84 5.25
C TRP A 57 -3.76 7.37 6.20
N ARG A 58 -3.57 6.06 6.29
CA ARG A 58 -2.55 5.48 7.17
C ARG A 58 -2.03 4.17 6.60
N CYS A 59 -0.75 3.90 6.83
CA CYS A 59 -0.13 2.67 6.33
C CYS A 59 -0.63 1.47 7.12
N LEU A 60 -0.83 0.35 6.42
CA LEU A 60 -1.30 -0.88 7.07
C LEU A 60 -0.12 -1.70 7.58
N TRP A 61 1.09 -1.26 7.26
CA TRP A 61 2.29 -1.97 7.69
C TRP A 61 3.12 -1.10 8.63
N CYS A 62 3.62 0.02 8.13
CA CYS A 62 4.42 0.94 8.92
C CYS A 62 3.53 1.82 9.79
N LYS A 63 2.26 1.45 9.91
CA LYS A 63 1.31 2.21 10.71
C LYS A 63 1.66 3.70 10.71
N ALA A 64 1.87 4.25 9.53
CA ALA A 64 2.20 5.66 9.38
C ALA A 64 1.03 6.47 8.86
N MET A 65 0.55 7.42 9.67
CA MET A 65 -0.57 8.26 9.28
C MET A 65 -0.10 9.53 8.60
N VAL A 66 -0.84 9.97 7.60
CA VAL A 66 -0.49 11.18 6.85
C VAL A 66 -1.74 11.83 6.26
N HIS A 67 -1.72 13.16 6.19
CA HIS A 67 -2.85 13.91 5.63
C HIS A 67 -2.93 13.73 4.12
N THR A 68 -4.15 13.73 3.60
CA THR A 68 -4.37 13.57 2.16
C THR A 68 -3.30 14.31 1.36
N SER A 69 -3.00 15.54 1.77
CA SER A 69 -2.00 16.36 1.09
C SER A 69 -0.60 15.89 1.44
N CYS A 70 -0.33 15.71 2.73
CA CYS A 70 0.97 15.27 3.19
C CYS A 70 1.42 14.03 2.44
N LYS A 71 0.54 13.03 2.37
CA LYS A 71 0.84 11.78 1.68
C LYS A 71 1.73 12.04 0.47
N GLU A 72 1.28 12.93 -0.41
CA GLU A 72 2.03 13.26 -1.62
C GLU A 72 3.46 13.68 -1.27
N SER A 73 3.60 14.45 -0.20
CA SER A 73 4.92 14.91 0.23
C SER A 73 5.81 13.74 0.63
N LEU A 74 5.26 12.84 1.44
CA LEU A 74 6.00 11.67 1.89
C LEU A 74 6.79 11.05 0.75
N LEU A 75 8.05 10.75 1.00
CA LEU A 75 8.92 10.14 -0.01
C LEU A 75 9.54 8.85 0.51
N THR A 76 9.81 8.82 1.81
CA THR A 76 10.41 7.64 2.44
C THR A 76 9.72 6.36 1.97
N LYS A 77 10.49 5.28 1.86
CA LYS A 77 9.95 4.00 1.44
C LYS A 77 9.41 3.21 2.63
N CYS A 78 8.55 2.24 2.34
CA CYS A 78 7.96 1.42 3.38
C CYS A 78 8.80 0.18 3.65
N SER A 79 8.46 -0.56 4.70
CA SER A 79 9.20 -1.77 5.06
C SER A 79 8.40 -3.02 4.71
N GLY A 80 7.12 -3.02 5.05
CA GLY A 80 6.27 -4.15 4.76
C GLY A 80 5.61 -4.72 6.00
N PRO A 81 4.59 -5.56 5.81
CA PRO A 81 3.86 -6.19 6.90
C PRO A 81 4.69 -7.23 7.64
N SER A 82 5.46 -8.00 6.87
CA SER A 82 6.30 -9.04 7.46
C SER A 82 7.24 -9.63 6.40
N SER A 83 8.19 -10.44 6.85
CA SER A 83 9.16 -11.06 5.94
C SER A 83 8.46 -12.07 5.04
N GLY A 84 7.86 -13.09 5.63
CA GLY A 84 7.16 -14.10 4.86
C GLY A 84 8.12 -15.09 4.22
N GLY A 1 -32.22 -9.64 -54.65
CA GLY A 1 -32.14 -9.55 -53.20
C GLY A 1 -30.72 -9.73 -52.69
N SER A 2 -30.21 -8.72 -51.99
CA SER A 2 -28.86 -8.78 -51.45
C SER A 2 -28.79 -9.70 -50.23
N SER A 3 -27.59 -10.14 -49.89
CA SER A 3 -27.39 -11.03 -48.76
C SER A 3 -25.91 -11.18 -48.45
N GLY A 4 -25.61 -11.87 -47.35
CA GLY A 4 -24.23 -12.09 -46.96
C GLY A 4 -24.09 -13.09 -45.83
N SER A 5 -22.90 -13.19 -45.25
CA SER A 5 -22.64 -14.11 -44.16
C SER A 5 -21.51 -13.60 -43.27
N SER A 6 -21.53 -14.02 -42.01
CA SER A 6 -20.51 -13.61 -41.06
C SER A 6 -20.57 -14.46 -39.79
N GLY A 7 -19.58 -14.31 -38.92
CA GLY A 7 -19.54 -15.07 -37.69
C GLY A 7 -18.90 -14.29 -36.55
N THR A 8 -19.12 -14.76 -35.32
CA THR A 8 -18.58 -14.10 -34.15
C THR A 8 -18.00 -15.12 -33.17
N THR A 9 -16.82 -14.81 -32.63
CA THR A 9 -16.16 -15.70 -31.68
C THR A 9 -15.03 -14.98 -30.95
N LEU A 10 -15.03 -15.08 -29.63
CA LEU A 10 -14.01 -14.44 -28.80
C LEU A 10 -13.57 -15.37 -27.67
N ALA A 11 -12.71 -14.85 -26.80
CA ALA A 11 -12.21 -15.62 -25.66
C ALA A 11 -11.54 -14.72 -24.64
N SER A 12 -11.41 -15.21 -23.42
CA SER A 12 -10.79 -14.45 -22.34
C SER A 12 -9.67 -15.25 -21.68
N ILE A 13 -8.43 -14.80 -21.88
CA ILE A 13 -7.28 -15.48 -21.29
C ILE A 13 -6.34 -14.48 -20.63
N GLY A 14 -5.47 -14.98 -19.75
CA GLY A 14 -4.53 -14.13 -19.06
C GLY A 14 -3.46 -14.90 -18.34
N LYS A 15 -2.76 -14.24 -17.43
CA LYS A 15 -1.68 -14.88 -16.66
C LYS A 15 -1.75 -14.47 -15.20
N ASP A 16 -1.14 -15.28 -14.33
CA ASP A 16 -1.12 -15.00 -12.90
C ASP A 16 -0.43 -13.67 -12.62
N ILE A 17 -0.94 -12.96 -11.61
CA ILE A 17 -0.37 -11.66 -11.25
C ILE A 17 0.67 -11.82 -10.13
N ILE A 18 1.92 -11.52 -10.45
CA ILE A 18 3.00 -11.62 -9.47
C ILE A 18 3.36 -10.26 -8.91
N GLU A 19 3.67 -10.22 -7.62
CA GLU A 19 4.03 -8.97 -6.96
C GLU A 19 5.47 -8.59 -7.28
N ASP A 20 6.40 -9.49 -7.00
CA ASP A 20 7.81 -9.26 -7.26
C ASP A 20 8.43 -10.42 -8.03
N ALA A 21 9.46 -10.12 -8.82
CA ALA A 21 10.13 -11.15 -9.61
C ALA A 21 11.64 -11.08 -9.41
N ASP A 22 12.15 -9.87 -9.20
CA ASP A 22 13.58 -9.67 -8.99
C ASP A 22 13.83 -8.82 -7.75
N GLY A 23 13.27 -7.62 -7.73
CA GLY A 23 13.45 -6.72 -6.60
C GLY A 23 12.45 -5.59 -6.60
N ILE A 24 11.17 -5.93 -6.51
CA ILE A 24 10.11 -4.93 -6.49
C ILE A 24 10.01 -4.25 -5.12
N ALA A 25 9.88 -2.93 -5.14
CA ALA A 25 9.77 -2.16 -3.91
C ALA A 25 8.33 -2.04 -3.45
N MET A 26 8.02 -2.61 -2.29
CA MET A 26 6.67 -2.56 -1.75
C MET A 26 6.33 -1.17 -1.26
N PRO A 27 5.37 -0.52 -1.93
CA PRO A 27 4.92 0.84 -1.57
C PRO A 27 4.16 0.88 -0.26
N HIS A 28 3.68 2.05 0.11
CA HIS A 28 2.92 2.22 1.35
C HIS A 28 1.44 1.97 1.12
N GLN A 29 0.90 0.97 1.82
CA GLN A 29 -0.52 0.62 1.68
C GLN A 29 -1.39 1.66 2.38
N TRP A 30 -1.80 2.68 1.63
CA TRP A 30 -2.64 3.73 2.19
C TRP A 30 -4.08 3.26 2.35
N LEU A 31 -4.67 3.55 3.50
CA LEU A 31 -6.04 3.14 3.78
C LEU A 31 -6.92 4.36 4.04
N GLU A 32 -8.21 4.23 3.69
CA GLU A 32 -9.15 5.33 3.87
C GLU A 32 -9.57 5.45 5.34
N GLY A 33 -9.39 6.62 5.91
CA GLY A 33 -9.76 6.85 7.29
C GLY A 33 -9.13 5.83 8.23
N ASN A 34 -9.91 5.33 9.17
CA ASN A 34 -9.43 4.35 10.13
C ASN A 34 -8.31 4.94 11.00
N LEU A 35 -8.55 6.15 11.48
CA LEU A 35 -7.57 6.83 12.34
C LEU A 35 -7.97 6.74 13.81
N PRO A 36 -6.98 6.49 14.67
CA PRO A 36 -7.19 6.37 16.12
C PRO A 36 -7.56 7.71 16.76
N VAL A 37 -7.94 7.67 18.03
CA VAL A 37 -8.30 8.88 18.76
C VAL A 37 -7.13 9.86 18.83
N SER A 38 -6.04 9.43 19.45
CA SER A 38 -4.86 10.27 19.59
C SER A 38 -3.94 10.10 18.39
N ALA A 39 -4.54 10.00 17.20
CA ALA A 39 -3.77 9.84 15.97
C ALA A 39 -2.89 11.07 15.71
N LYS A 40 -1.90 10.89 14.85
CA LYS A 40 -0.98 11.98 14.51
C LYS A 40 -0.34 11.75 13.14
N CYS A 41 0.02 12.84 12.48
CA CYS A 41 0.64 12.76 11.17
C CYS A 41 2.13 12.43 11.28
N THR A 42 2.71 11.91 10.21
CA THR A 42 4.11 11.55 10.19
C THR A 42 4.91 12.47 9.26
N VAL A 43 4.20 13.12 8.34
CA VAL A 43 4.84 14.03 7.40
C VAL A 43 5.09 15.39 8.02
N CYS A 44 4.11 15.89 8.77
CA CYS A 44 4.24 17.18 9.43
C CYS A 44 4.30 17.02 10.95
N ASP A 45 3.76 15.90 11.43
CA ASP A 45 3.77 15.62 12.87
C ASP A 45 2.78 16.54 13.59
N LYS A 46 1.57 16.64 13.06
CA LYS A 46 0.53 17.48 13.66
C LYS A 46 -0.78 16.71 13.81
N THR A 47 -1.65 17.21 14.66
CA THR A 47 -2.95 16.57 14.91
C THR A 47 -3.48 15.93 13.63
N CYS A 48 -3.97 14.70 13.76
CA CYS A 48 -4.52 13.98 12.61
C CYS A 48 -5.80 13.25 13.00
N GLY A 49 -6.84 13.41 12.18
CA GLY A 49 -8.11 12.77 12.45
C GLY A 49 -9.30 13.67 12.17
N SER A 50 -10.09 13.31 11.17
CA SER A 50 -11.25 14.10 10.80
C SER A 50 -12.40 13.87 11.79
N VAL A 51 -13.34 14.81 11.82
CA VAL A 51 -14.48 14.72 12.72
C VAL A 51 -15.75 14.33 11.96
N LEU A 52 -16.03 15.06 10.89
CA LEU A 52 -17.21 14.79 10.07
C LEU A 52 -17.21 13.35 9.55
N ARG A 53 -16.13 12.99 8.87
CA ARG A 53 -16.00 11.64 8.32
C ARG A 53 -14.54 11.27 8.11
N LEU A 54 -14.12 10.17 8.72
CA LEU A 54 -12.74 9.71 8.60
C LEU A 54 -12.26 9.78 7.15
N GLN A 55 -11.18 10.53 6.92
CA GLN A 55 -10.62 10.68 5.59
C GLN A 55 -9.12 10.41 5.58
N ASP A 56 -8.43 10.92 6.60
CA ASP A 56 -6.99 10.74 6.71
C ASP A 56 -6.59 9.34 6.22
N TRP A 57 -5.35 9.22 5.78
CA TRP A 57 -4.83 7.94 5.29
C TRP A 57 -3.68 7.45 6.15
N ARG A 58 -3.72 6.16 6.51
CA ARG A 58 -2.68 5.57 7.34
C ARG A 58 -2.24 4.22 6.77
N CYS A 59 -0.93 4.05 6.62
CA CYS A 59 -0.38 2.81 6.10
C CYS A 59 -0.91 1.60 6.87
N LEU A 60 -0.92 0.44 6.22
CA LEU A 60 -1.40 -0.78 6.86
C LEU A 60 -0.25 -1.58 7.44
N TRP A 61 0.92 -1.46 6.82
CA TRP A 61 2.11 -2.17 7.27
C TRP A 61 2.87 -1.35 8.30
N CYS A 62 3.50 -0.27 7.84
CA CYS A 62 4.28 0.60 8.72
C CYS A 62 3.35 1.35 9.68
N LYS A 63 2.08 1.45 9.32
CA LYS A 63 1.10 2.15 10.14
C LYS A 63 1.44 3.62 10.28
N ALA A 64 1.77 4.25 9.16
CA ALA A 64 2.13 5.67 9.16
C ALA A 64 0.94 6.53 8.71
N MET A 65 0.44 7.35 9.62
CA MET A 65 -0.69 8.22 9.32
C MET A 65 -0.22 9.51 8.67
N VAL A 66 -0.87 9.90 7.58
CA VAL A 66 -0.52 11.11 6.86
C VAL A 66 -1.76 11.78 6.27
N HIS A 67 -1.68 13.10 6.11
CA HIS A 67 -2.80 13.87 5.56
C HIS A 67 -2.88 13.70 4.05
N THR A 68 -4.08 13.80 3.49
CA THR A 68 -4.29 13.66 2.06
C THR A 68 -3.26 14.48 1.27
N SER A 69 -2.86 15.61 1.83
CA SER A 69 -1.90 16.48 1.19
C SER A 69 -0.47 16.09 1.56
N CYS A 70 -0.30 15.62 2.79
CA CYS A 70 1.01 15.20 3.28
C CYS A 70 1.45 13.90 2.63
N LYS A 71 0.47 13.10 2.21
CA LYS A 71 0.75 11.82 1.57
C LYS A 71 1.74 11.99 0.43
N GLU A 72 1.34 12.73 -0.60
CA GLU A 72 2.19 12.97 -1.75
C GLU A 72 3.53 13.55 -1.32
N SER A 73 3.52 14.35 -0.26
CA SER A 73 4.73 14.97 0.25
C SER A 73 5.71 13.92 0.74
N LEU A 74 5.19 12.86 1.37
CA LEU A 74 6.02 11.79 1.89
C LEU A 74 6.81 11.11 0.77
N LEU A 75 8.10 10.91 1.01
CA LEU A 75 8.96 10.28 0.01
C LEU A 75 9.47 8.93 0.52
N THR A 76 9.97 8.92 1.76
CA THR A 76 10.49 7.71 2.36
C THR A 76 9.72 6.48 1.87
N LYS A 77 10.41 5.34 1.81
CA LYS A 77 9.79 4.10 1.36
C LYS A 77 9.19 3.33 2.54
N CYS A 78 8.55 2.22 2.25
CA CYS A 78 7.93 1.39 3.28
C CYS A 78 8.75 0.13 3.54
N SER A 79 8.43 -0.57 4.63
CA SER A 79 9.14 -1.78 4.99
C SER A 79 8.37 -3.02 4.54
N GLY A 80 7.08 -3.04 4.86
CA GLY A 80 6.25 -4.17 4.47
C GLY A 80 5.44 -4.70 5.64
N PRO A 81 4.44 -5.54 5.33
CA PRO A 81 3.56 -6.15 6.35
C PRO A 81 4.31 -7.17 7.21
N SER A 82 4.19 -7.02 8.53
CA SER A 82 4.85 -7.93 9.46
C SER A 82 4.71 -9.37 8.99
N SER A 83 5.82 -9.96 8.56
CA SER A 83 5.83 -11.34 8.08
C SER A 83 6.48 -12.26 9.11
N GLY A 84 6.48 -13.56 8.81
CA GLY A 84 7.07 -14.53 9.71
C GLY A 84 6.23 -14.76 10.95
N GLY A 1 -39.32 5.97 -26.58
CA GLY A 1 -39.50 4.67 -25.96
C GLY A 1 -38.43 4.37 -24.93
N SER A 2 -38.00 3.11 -24.88
CA SER A 2 -36.97 2.69 -23.93
C SER A 2 -36.52 1.26 -24.21
N SER A 3 -35.28 1.12 -24.68
CA SER A 3 -34.73 -0.19 -24.99
C SER A 3 -33.23 -0.09 -25.30
N GLY A 4 -32.60 -1.24 -25.49
CA GLY A 4 -31.18 -1.27 -25.78
C GLY A 4 -30.55 -2.61 -25.47
N SER A 5 -30.30 -3.41 -26.50
CA SER A 5 -29.69 -4.72 -26.33
C SER A 5 -28.23 -4.70 -26.77
N SER A 6 -27.41 -5.54 -26.13
CA SER A 6 -26.00 -5.63 -26.46
C SER A 6 -25.39 -6.91 -25.89
N GLY A 7 -24.14 -7.18 -26.28
CA GLY A 7 -23.46 -8.37 -25.79
C GLY A 7 -21.97 -8.15 -25.63
N THR A 8 -21.38 -8.83 -24.64
CA THR A 8 -19.95 -8.71 -24.38
C THR A 8 -19.46 -9.83 -23.47
N THR A 9 -18.23 -10.28 -23.70
CA THR A 9 -17.65 -11.35 -22.90
C THR A 9 -16.23 -11.00 -22.47
N LEU A 10 -15.84 -11.48 -21.30
CA LEU A 10 -14.50 -11.21 -20.78
C LEU A 10 -13.59 -12.42 -21.01
N ALA A 11 -12.28 -12.18 -20.95
CA ALA A 11 -11.30 -13.23 -21.15
C ALA A 11 -10.34 -13.33 -19.97
N SER A 12 -9.70 -14.47 -19.82
CA SER A 12 -8.76 -14.69 -18.73
C SER A 12 -7.38 -14.11 -19.06
N ILE A 13 -6.78 -13.45 -18.08
CA ILE A 13 -5.47 -12.84 -18.28
C ILE A 13 -4.57 -13.07 -17.06
N GLY A 14 -3.28 -12.89 -17.25
CA GLY A 14 -2.33 -13.10 -16.16
C GLY A 14 -1.22 -12.05 -16.16
N LYS A 15 -1.19 -11.23 -15.12
CA LYS A 15 -0.17 -10.19 -15.00
C LYS A 15 1.05 -10.70 -14.23
N ASP A 16 0.82 -11.68 -13.36
CA ASP A 16 1.90 -12.25 -12.56
C ASP A 16 2.98 -11.21 -12.27
N ILE A 17 2.57 -10.10 -11.68
CA ILE A 17 3.49 -9.02 -11.34
C ILE A 17 4.87 -9.58 -11.01
N ILE A 18 5.91 -8.93 -11.54
CA ILE A 18 7.28 -9.36 -11.30
C ILE A 18 7.97 -8.43 -10.30
N GLU A 19 8.93 -8.99 -9.55
CA GLU A 19 9.66 -8.22 -8.57
C GLU A 19 11.03 -7.81 -9.09
N ASP A 20 11.46 -6.60 -8.74
CA ASP A 20 12.75 -6.09 -9.19
C ASP A 20 13.86 -7.07 -8.85
N ALA A 21 15.08 -6.76 -9.34
CA ALA A 21 16.22 -7.62 -9.08
C ALA A 21 16.98 -7.15 -7.83
N ASP A 22 17.27 -5.86 -7.77
CA ASP A 22 17.98 -5.29 -6.62
C ASP A 22 17.15 -4.21 -5.95
N GLY A 23 17.18 -4.20 -4.62
CA GLY A 23 16.42 -3.21 -3.88
C GLY A 23 15.01 -3.06 -4.37
N ILE A 24 14.10 -3.85 -3.81
CA ILE A 24 12.70 -3.81 -4.21
C ILE A 24 12.06 -2.48 -3.81
N ALA A 25 11.15 -1.99 -4.66
CA ALA A 25 10.46 -0.74 -4.39
C ALA A 25 8.97 -0.96 -4.20
N MET A 26 8.53 -0.93 -2.94
CA MET A 26 7.12 -1.12 -2.63
C MET A 26 6.54 0.10 -1.93
N PRO A 27 5.42 0.61 -2.45
CA PRO A 27 4.75 1.79 -1.91
C PRO A 27 4.09 1.50 -0.56
N HIS A 28 3.46 2.52 0.02
CA HIS A 28 2.80 2.38 1.31
C HIS A 28 1.32 2.06 1.13
N GLN A 29 0.84 1.06 1.88
CA GLN A 29 -0.56 0.66 1.79
C GLN A 29 -1.47 1.67 2.51
N TRP A 30 -1.94 2.65 1.76
CA TRP A 30 -2.81 3.68 2.32
C TRP A 30 -4.24 3.17 2.46
N LEU A 31 -4.80 3.29 3.66
CA LEU A 31 -6.15 2.84 3.92
C LEU A 31 -7.07 4.01 4.25
N GLU A 32 -7.87 4.43 3.27
CA GLU A 32 -8.79 5.55 3.46
C GLU A 32 -9.31 5.58 4.90
N GLY A 33 -9.35 6.78 5.48
CA GLY A 33 -9.83 6.93 6.85
C GLY A 33 -9.23 5.90 7.78
N ASN A 34 -10.00 5.53 8.80
CA ASN A 34 -9.54 4.55 9.78
C ASN A 34 -8.45 5.13 10.67
N LEU A 35 -8.61 6.39 11.04
CA LEU A 35 -7.65 7.08 11.90
C LEU A 35 -8.15 7.14 13.33
N PRO A 36 -7.24 6.89 14.29
CA PRO A 36 -7.55 6.92 15.72
C PRO A 36 -7.84 8.33 16.22
N VAL A 37 -8.76 8.44 17.18
CA VAL A 37 -9.12 9.73 17.75
C VAL A 37 -7.87 10.55 18.07
N SER A 38 -6.84 9.88 18.56
CA SER A 38 -5.59 10.55 18.91
C SER A 38 -4.53 10.32 17.84
N ALA A 39 -4.93 10.38 16.58
CA ALA A 39 -4.02 10.18 15.47
C ALA A 39 -3.11 11.39 15.27
N LYS A 40 -1.86 11.14 14.93
CA LYS A 40 -0.90 12.21 14.71
C LYS A 40 -0.09 11.97 13.44
N CYS A 41 -0.25 12.86 12.46
CA CYS A 41 0.46 12.75 11.19
C CYS A 41 1.94 12.46 11.42
N THR A 42 2.58 11.86 10.42
CA THR A 42 4.00 11.53 10.52
C THR A 42 4.83 12.43 9.61
N VAL A 43 4.18 13.03 8.62
CA VAL A 43 4.86 13.91 7.68
C VAL A 43 5.04 15.30 8.27
N CYS A 44 3.97 15.85 8.84
CA CYS A 44 4.00 17.17 9.44
C CYS A 44 4.05 17.07 10.96
N ASP A 45 3.50 16.00 11.49
CA ASP A 45 3.47 15.78 12.94
C ASP A 45 2.44 16.68 13.61
N LYS A 46 1.20 16.62 13.10
CA LYS A 46 0.11 17.42 13.65
C LYS A 46 -1.17 16.60 13.75
N THR A 47 -2.09 17.06 14.59
CA THR A 47 -3.36 16.37 14.79
C THR A 47 -3.89 15.83 13.46
N CYS A 48 -4.40 14.60 13.49
CA CYS A 48 -4.95 13.97 12.30
C CYS A 48 -6.17 13.11 12.64
N GLY A 49 -7.00 12.85 11.64
CA GLY A 49 -8.19 12.05 11.86
C GLY A 49 -9.46 12.85 11.70
N SER A 50 -10.20 12.58 10.62
CA SER A 50 -11.44 13.29 10.36
C SER A 50 -12.64 12.47 10.84
N VAL A 51 -13.03 12.68 12.09
CA VAL A 51 -14.17 11.97 12.67
C VAL A 51 -15.23 11.68 11.62
N LEU A 52 -15.79 12.75 11.05
CA LEU A 52 -16.82 12.62 10.03
C LEU A 52 -16.20 12.46 8.64
N ARG A 53 -16.94 11.82 7.74
CA ARG A 53 -16.47 11.61 6.38
C ARG A 53 -14.99 11.24 6.37
N LEU A 54 -14.62 10.27 7.22
CA LEU A 54 -13.23 9.83 7.30
C LEU A 54 -12.53 9.93 5.95
N GLN A 55 -11.37 10.57 5.94
CA GLN A 55 -10.60 10.73 4.70
C GLN A 55 -9.13 10.42 4.93
N ASP A 56 -8.59 10.93 6.04
CA ASP A 56 -7.19 10.71 6.38
C ASP A 56 -6.73 9.33 5.92
N TRP A 57 -5.45 9.22 5.60
CA TRP A 57 -4.89 7.95 5.15
C TRP A 57 -3.77 7.49 6.08
N ARG A 58 -3.64 6.16 6.23
CA ARG A 58 -2.62 5.59 7.10
C ARG A 58 -2.10 4.27 6.53
N CYS A 59 -0.83 3.98 6.79
CA CYS A 59 -0.22 2.75 6.30
C CYS A 59 -0.54 1.58 7.24
N LEU A 60 -0.62 0.39 6.67
CA LEU A 60 -0.92 -0.81 7.44
C LEU A 60 0.36 -1.60 7.72
N TRP A 61 1.43 -1.25 7.02
CA TRP A 61 2.71 -1.93 7.20
C TRP A 61 3.57 -1.19 8.21
N CYS A 62 3.75 0.11 8.01
CA CYS A 62 4.55 0.93 8.91
C CYS A 62 3.67 1.75 9.84
N LYS A 63 2.38 1.42 9.87
CA LYS A 63 1.43 2.12 10.71
C LYS A 63 1.77 3.61 10.79
N ALA A 64 1.87 4.25 9.64
CA ALA A 64 2.18 5.67 9.58
C ALA A 64 1.02 6.47 8.99
N MET A 65 0.36 7.27 9.84
CA MET A 65 -0.76 8.08 9.40
C MET A 65 -0.28 9.38 8.78
N VAL A 66 -0.93 9.79 7.69
CA VAL A 66 -0.58 11.02 7.00
C VAL A 66 -1.81 11.69 6.39
N HIS A 67 -1.72 13.00 6.18
CA HIS A 67 -2.83 13.75 5.61
C HIS A 67 -2.87 13.57 4.09
N THR A 68 -3.96 14.02 3.48
CA THR A 68 -4.13 13.91 2.03
C THR A 68 -3.11 14.76 1.29
N SER A 69 -2.78 15.92 1.87
CA SER A 69 -1.82 16.83 1.25
C SER A 69 -0.39 16.42 1.61
N CYS A 70 -0.25 15.73 2.74
CA CYS A 70 1.06 15.30 3.20
C CYS A 70 1.49 14.02 2.49
N LYS A 71 0.61 13.01 2.50
CA LYS A 71 0.89 11.74 1.86
C LYS A 71 1.70 11.93 0.59
N GLU A 72 1.10 12.60 -0.40
CA GLU A 72 1.77 12.86 -1.66
C GLU A 72 3.17 13.43 -1.44
N SER A 73 3.31 14.23 -0.38
CA SER A 73 4.59 14.85 -0.06
C SER A 73 5.58 13.81 0.43
N LEU A 74 5.10 12.86 1.22
CA LEU A 74 5.95 11.80 1.75
C LEU A 74 6.69 11.08 0.62
N LEU A 75 8.00 11.30 0.55
CA LEU A 75 8.82 10.68 -0.48
C LEU A 75 9.42 9.37 0.03
N THR A 76 9.84 9.36 1.29
CA THR A 76 10.42 8.16 1.89
C THR A 76 9.60 6.92 1.55
N LYS A 77 10.30 5.86 1.13
CA LYS A 77 9.64 4.61 0.78
C LYS A 77 9.20 3.86 2.02
N CYS A 78 8.48 2.76 1.81
CA CYS A 78 8.00 1.93 2.92
C CYS A 78 8.94 0.77 3.18
N SER A 79 8.80 0.15 4.36
CA SER A 79 9.64 -0.97 4.74
C SER A 79 8.94 -2.29 4.45
N GLY A 80 7.65 -2.35 4.79
CA GLY A 80 6.88 -3.56 4.56
C GLY A 80 6.18 -4.05 5.82
N PRO A 81 5.20 -4.95 5.64
CA PRO A 81 4.43 -5.51 6.76
C PRO A 81 5.26 -6.43 7.63
N SER A 82 6.56 -6.48 7.36
CA SER A 82 7.48 -7.32 8.14
C SER A 82 7.18 -7.22 9.63
N SER A 83 7.32 -6.01 10.17
CA SER A 83 7.08 -5.78 11.58
C SER A 83 5.79 -6.47 12.04
N GLY A 84 4.67 -6.08 11.43
CA GLY A 84 3.39 -6.67 11.78
C GLY A 84 2.96 -7.75 10.81
N GLY A 1 3.36 -51.20 -31.38
CA GLY A 1 4.11 -49.96 -31.45
C GLY A 1 4.13 -49.36 -32.85
N SER A 2 4.26 -48.05 -32.94
CA SER A 2 4.31 -47.37 -34.22
C SER A 2 5.64 -46.68 -34.43
N SER A 3 5.86 -46.17 -35.65
CA SER A 3 7.12 -45.50 -35.99
C SER A 3 6.87 -44.01 -36.23
N GLY A 4 7.96 -43.27 -36.39
CA GLY A 4 7.85 -41.84 -36.63
C GLY A 4 9.16 -41.22 -37.06
N SER A 5 9.41 -40.00 -36.60
CA SER A 5 10.65 -39.29 -36.93
C SER A 5 10.94 -38.19 -35.91
N SER A 6 12.14 -37.63 -35.98
CA SER A 6 12.55 -36.57 -35.07
C SER A 6 13.82 -35.89 -35.56
N GLY A 7 14.24 -34.85 -34.83
CA GLY A 7 15.44 -34.13 -35.21
C GLY A 7 16.16 -33.54 -34.02
N THR A 8 16.46 -32.24 -34.09
CA THR A 8 17.16 -31.56 -33.01
C THR A 8 16.50 -30.23 -32.69
N THR A 9 16.64 -29.78 -31.45
CA THR A 9 16.06 -28.52 -31.01
C THR A 9 17.04 -27.72 -30.17
N LEU A 10 17.12 -26.42 -30.44
CA LEU A 10 18.03 -25.53 -29.71
C LEU A 10 17.31 -24.89 -28.53
N ALA A 11 17.78 -25.19 -27.32
CA ALA A 11 17.20 -24.63 -26.10
C ALA A 11 17.70 -23.21 -25.85
N SER A 12 16.87 -22.40 -25.20
CA SER A 12 17.24 -21.02 -24.90
C SER A 12 16.93 -20.68 -23.45
N ILE A 13 17.49 -19.58 -22.97
CA ILE A 13 17.26 -19.14 -21.60
C ILE A 13 16.41 -17.87 -21.56
N GLY A 14 15.68 -17.70 -20.46
CA GLY A 14 14.84 -16.53 -20.31
C GLY A 14 15.40 -15.52 -19.34
N LYS A 15 14.53 -14.75 -18.70
CA LYS A 15 14.96 -13.73 -17.75
C LYS A 15 13.85 -13.43 -16.74
N ASP A 16 14.14 -13.66 -15.47
CA ASP A 16 13.17 -13.40 -14.41
C ASP A 16 13.21 -11.94 -13.97
N ILE A 17 12.05 -11.28 -14.05
CA ILE A 17 11.95 -9.88 -13.66
C ILE A 17 12.34 -9.68 -12.20
N ILE A 18 13.32 -8.81 -11.97
CA ILE A 18 13.78 -8.52 -10.62
C ILE A 18 12.67 -7.96 -9.76
N GLU A 19 12.49 -8.54 -8.57
CA GLU A 19 11.45 -8.10 -7.65
C GLU A 19 12.01 -7.91 -6.25
N ASP A 20 12.72 -8.93 -5.76
CA ASP A 20 13.31 -8.88 -4.43
C ASP A 20 14.83 -8.78 -4.51
N ALA A 21 15.35 -7.56 -4.34
CA ALA A 21 16.79 -7.33 -4.39
C ALA A 21 17.31 -6.85 -3.05
N ASP A 22 17.16 -7.67 -2.02
CA ASP A 22 17.62 -7.33 -0.67
C ASP A 22 16.98 -6.04 -0.20
N GLY A 23 15.66 -5.92 -0.40
CA GLY A 23 14.96 -4.72 0.01
C GLY A 23 13.83 -4.35 -0.93
N ILE A 24 12.91 -5.28 -1.13
CA ILE A 24 11.78 -5.06 -2.02
C ILE A 24 11.30 -3.60 -1.94
N ALA A 25 10.86 -3.06 -3.06
CA ALA A 25 10.37 -1.69 -3.11
C ALA A 25 8.88 -1.62 -2.73
N MET A 26 8.51 -2.39 -1.72
CA MET A 26 7.13 -2.42 -1.25
C MET A 26 6.60 -1.00 -1.06
N PRO A 27 5.52 -0.67 -1.77
CA PRO A 27 4.89 0.65 -1.70
C PRO A 27 4.19 0.89 -0.37
N HIS A 28 3.51 2.02 -0.25
CA HIS A 28 2.79 2.36 0.97
C HIS A 28 1.30 2.11 0.82
N GLN A 29 0.80 1.09 1.51
CA GLN A 29 -0.62 0.74 1.45
C GLN A 29 -1.45 1.70 2.29
N TRP A 30 -1.91 2.78 1.65
CA TRP A 30 -2.73 3.77 2.34
C TRP A 30 -4.16 3.29 2.50
N LEU A 31 -4.77 3.62 3.63
CA LEU A 31 -6.15 3.22 3.92
C LEU A 31 -6.98 4.42 4.34
N GLU A 32 -7.87 4.87 3.45
CA GLU A 32 -8.73 6.01 3.74
C GLU A 32 -9.49 5.79 5.05
N GLY A 33 -9.54 6.83 5.87
CA GLY A 33 -10.24 6.73 7.14
C GLY A 33 -9.66 5.66 8.04
N ASN A 34 -10.41 5.31 9.08
CA ASN A 34 -9.96 4.28 10.03
C ASN A 34 -8.69 4.72 10.75
N LEU A 35 -8.74 5.89 11.37
CA LEU A 35 -7.59 6.43 12.10
C LEU A 35 -7.77 6.26 13.61
N PRO A 36 -6.65 6.12 14.32
CA PRO A 36 -6.65 5.96 15.78
C PRO A 36 -7.08 7.23 16.50
N VAL A 37 -7.42 7.08 17.79
CA VAL A 37 -7.84 8.22 18.59
C VAL A 37 -6.80 9.33 18.57
N SER A 38 -5.67 9.10 19.25
CA SER A 38 -4.60 10.08 19.31
C SER A 38 -3.69 9.97 18.09
N ALA A 39 -4.29 9.80 16.92
CA ALA A 39 -3.54 9.67 15.68
C ALA A 39 -2.58 10.85 15.50
N LYS A 40 -1.60 10.68 14.62
CA LYS A 40 -0.63 11.72 14.35
C LYS A 40 -0.04 11.58 12.94
N CYS A 41 0.29 12.71 12.34
CA CYS A 41 0.86 12.71 10.99
C CYS A 41 2.38 12.62 11.05
N THR A 42 2.95 11.80 10.16
CA THR A 42 4.39 11.63 10.10
C THR A 42 5.01 12.54 9.05
N VAL A 43 4.27 13.56 8.63
CA VAL A 43 4.75 14.51 7.64
C VAL A 43 4.73 15.93 8.18
N CYS A 44 3.70 16.25 8.95
CA CYS A 44 3.57 17.58 9.54
C CYS A 44 3.47 17.50 11.06
N ASP A 45 3.25 16.29 11.57
CA ASP A 45 3.13 16.09 13.01
C ASP A 45 1.90 16.79 13.57
N LYS A 46 0.78 16.66 12.87
CA LYS A 46 -0.47 17.27 13.29
C LYS A 46 -1.59 16.25 13.38
N THR A 47 -2.04 15.98 14.59
CA THR A 47 -3.11 15.02 14.82
C THR A 47 -4.11 15.02 13.68
N CYS A 48 -4.52 13.83 13.24
CA CYS A 48 -5.48 13.71 12.15
C CYS A 48 -6.77 13.07 12.63
N GLY A 49 -6.73 11.77 12.89
CA GLY A 49 -7.90 11.06 13.36
C GLY A 49 -9.18 11.61 12.76
N SER A 50 -9.64 10.98 11.68
CA SER A 50 -10.86 11.41 11.01
C SER A 50 -11.95 10.36 11.11
N VAL A 51 -12.68 10.36 12.22
CA VAL A 51 -13.76 9.40 12.43
C VAL A 51 -14.87 9.58 11.41
N LEU A 52 -15.65 10.65 11.57
CA LEU A 52 -16.75 10.93 10.66
C LEU A 52 -16.24 11.31 9.28
N ARG A 53 -14.99 11.78 9.23
CA ARG A 53 -14.38 12.17 7.97
C ARG A 53 -13.70 10.99 7.29
N LEU A 54 -13.26 10.04 8.10
CA LEU A 54 -12.59 8.84 7.58
C LEU A 54 -11.83 9.16 6.29
N GLN A 55 -11.24 10.34 6.23
CA GLN A 55 -10.48 10.76 5.06
C GLN A 55 -8.99 10.51 5.25
N ASP A 56 -8.51 10.72 6.49
CA ASP A 56 -7.10 10.52 6.80
C ASP A 56 -6.62 9.16 6.29
N TRP A 57 -5.41 9.13 5.74
CA TRP A 57 -4.84 7.90 5.22
C TRP A 57 -3.75 7.36 6.15
N ARG A 58 -3.82 6.07 6.43
CA ARG A 58 -2.84 5.43 7.30
C ARG A 58 -2.35 4.12 6.70
N CYS A 59 -1.03 3.93 6.70
CA CYS A 59 -0.43 2.72 6.16
C CYS A 59 -0.69 1.53 7.07
N LEU A 60 -0.89 0.37 6.47
CA LEU A 60 -1.15 -0.85 7.23
C LEU A 60 0.12 -1.69 7.36
N TRP A 61 1.13 -1.36 6.56
CA TRP A 61 2.40 -2.08 6.60
C TRP A 61 3.36 -1.44 7.60
N CYS A 62 3.70 -0.18 7.35
CA CYS A 62 4.61 0.55 8.22
C CYS A 62 3.87 1.20 9.37
N LYS A 63 2.54 1.26 9.25
CA LYS A 63 1.71 1.86 10.29
C LYS A 63 2.01 3.34 10.45
N ALA A 64 1.94 4.08 9.34
CA ALA A 64 2.21 5.52 9.37
C ALA A 64 1.02 6.31 8.86
N MET A 65 0.50 7.21 9.69
CA MET A 65 -0.64 8.03 9.32
C MET A 65 -0.19 9.36 8.73
N VAL A 66 -0.82 9.77 7.63
CA VAL A 66 -0.48 11.03 6.97
C VAL A 66 -1.73 11.70 6.40
N HIS A 67 -1.64 13.01 6.22
CA HIS A 67 -2.76 13.78 5.67
C HIS A 67 -2.90 13.53 4.17
N THR A 68 -4.15 13.46 3.70
CA THR A 68 -4.42 13.24 2.29
C THR A 68 -3.42 13.98 1.41
N SER A 69 -3.12 15.22 1.79
CA SER A 69 -2.19 16.04 1.02
C SER A 69 -0.75 15.70 1.38
N CYS A 70 -0.43 15.73 2.67
CA CYS A 70 0.91 15.42 3.14
C CYS A 70 1.45 14.18 2.45
N LYS A 71 0.56 13.24 2.14
CA LYS A 71 0.95 11.99 1.48
C LYS A 71 1.92 12.27 0.35
N GLU A 72 1.44 12.95 -0.69
CA GLU A 72 2.27 13.28 -1.84
C GLU A 72 3.63 13.82 -1.40
N SER A 73 3.66 14.41 -0.22
CA SER A 73 4.90 14.98 0.33
C SER A 73 5.88 13.88 0.70
N LEU A 74 5.38 12.85 1.37
CA LEU A 74 6.21 11.72 1.79
C LEU A 74 6.95 11.11 0.60
N LEU A 75 8.26 11.28 0.57
CA LEU A 75 9.08 10.74 -0.51
C LEU A 75 9.88 9.53 -0.04
N THR A 76 9.34 8.82 0.94
CA THR A 76 10.00 7.64 1.47
C THR A 76 9.33 6.36 0.99
N LYS A 77 10.00 5.22 1.18
CA LYS A 77 9.46 3.93 0.77
C LYS A 77 8.97 3.14 1.97
N CYS A 78 8.24 2.05 1.72
CA CYS A 78 7.72 1.21 2.78
C CYS A 78 8.59 -0.03 2.97
N SER A 79 8.41 -0.70 4.11
CA SER A 79 9.18 -1.90 4.41
C SER A 79 8.38 -3.15 4.12
N GLY A 80 7.10 -3.12 4.46
CA GLY A 80 6.23 -4.27 4.21
C GLY A 80 5.36 -4.59 5.40
N PRO A 81 4.30 -5.38 5.17
CA PRO A 81 3.35 -5.78 6.22
C PRO A 81 3.98 -6.75 7.22
N SER A 82 5.24 -7.11 6.98
CA SER A 82 5.95 -8.03 7.86
C SER A 82 7.42 -8.13 7.47
N SER A 83 8.26 -8.52 8.43
CA SER A 83 9.69 -8.66 8.19
C SER A 83 10.02 -10.00 7.56
N GLY A 84 9.42 -11.06 8.09
CA GLY A 84 9.67 -12.39 7.56
C GLY A 84 11.11 -12.59 7.14
N GLY A 1 -35.97 -21.10 -11.29
CA GLY A 1 -34.85 -21.02 -10.35
C GLY A 1 -34.48 -22.38 -9.78
N SER A 2 -33.53 -23.05 -10.42
CA SER A 2 -33.09 -24.36 -9.97
C SER A 2 -31.59 -24.53 -10.21
N SER A 3 -30.88 -25.01 -9.19
CA SER A 3 -29.44 -25.21 -9.28
C SER A 3 -29.10 -26.09 -10.49
N GLY A 4 -29.67 -27.29 -10.52
CA GLY A 4 -29.41 -28.20 -11.62
C GLY A 4 -27.94 -28.56 -11.75
N SER A 5 -27.66 -29.85 -11.87
CA SER A 5 -26.29 -30.32 -11.99
C SER A 5 -26.23 -31.68 -12.69
N SER A 6 -25.33 -31.81 -13.65
CA SER A 6 -25.19 -33.05 -14.40
C SER A 6 -23.72 -33.48 -14.47
N GLY A 7 -23.28 -34.23 -13.47
CA GLY A 7 -21.90 -34.69 -13.44
C GLY A 7 -21.08 -33.99 -12.37
N THR A 8 -20.05 -33.26 -12.79
CA THR A 8 -19.18 -32.55 -11.86
C THR A 8 -18.52 -31.36 -12.54
N THR A 9 -18.05 -30.41 -11.72
CA THR A 9 -17.39 -29.22 -12.23
C THR A 9 -16.11 -28.91 -11.46
N LEU A 10 -15.05 -28.57 -12.18
CA LEU A 10 -13.78 -28.26 -11.56
C LEU A 10 -13.24 -26.92 -12.07
N ALA A 11 -12.98 -25.99 -11.15
CA ALA A 11 -12.46 -24.68 -11.51
C ALA A 11 -10.96 -24.59 -11.24
N SER A 12 -10.28 -23.73 -11.99
CA SER A 12 -8.84 -23.56 -11.83
C SER A 12 -8.51 -22.13 -11.41
N ILE A 13 -7.44 -21.98 -10.64
CA ILE A 13 -7.02 -20.66 -10.17
C ILE A 13 -5.52 -20.64 -9.88
N GLY A 14 -4.92 -19.46 -9.95
CA GLY A 14 -3.50 -19.33 -9.68
C GLY A 14 -3.22 -18.55 -8.40
N LYS A 15 -3.18 -19.26 -7.29
CA LYS A 15 -2.92 -18.64 -5.99
C LYS A 15 -1.42 -18.45 -5.77
N ASP A 16 -0.62 -19.20 -6.52
CA ASP A 16 0.83 -19.11 -6.40
C ASP A 16 1.30 -17.67 -6.55
N ILE A 17 2.04 -17.20 -5.55
CA ILE A 17 2.55 -15.83 -5.56
C ILE A 17 3.87 -15.74 -6.32
N ILE A 18 4.04 -14.66 -7.07
CA ILE A 18 5.25 -14.45 -7.86
C ILE A 18 5.87 -13.10 -7.55
N GLU A 19 5.66 -12.62 -6.32
CA GLU A 19 6.21 -11.34 -5.91
C GLU A 19 7.31 -11.53 -4.87
N ASP A 20 8.47 -10.94 -5.13
CA ASP A 20 9.61 -11.05 -4.22
C ASP A 20 9.57 -9.94 -3.18
N ALA A 21 10.32 -10.13 -2.10
CA ALA A 21 10.37 -9.15 -1.02
C ALA A 21 11.80 -8.64 -0.81
N ASP A 22 12.46 -8.29 -1.91
CA ASP A 22 13.83 -7.79 -1.84
C ASP A 22 13.98 -6.50 -2.64
N GLY A 23 13.70 -6.57 -3.94
CA GLY A 23 13.81 -5.41 -4.79
C GLY A 23 12.45 -4.89 -5.23
N ILE A 24 11.54 -5.81 -5.54
CA ILE A 24 10.20 -5.43 -5.99
C ILE A 24 9.73 -4.16 -5.29
N ALA A 25 9.06 -3.29 -6.05
CA ALA A 25 8.55 -2.03 -5.51
C ALA A 25 7.35 -2.27 -4.60
N MET A 26 7.52 -1.99 -3.32
CA MET A 26 6.45 -2.17 -2.34
C MET A 26 6.08 -0.84 -1.69
N PRO A 27 5.07 -0.16 -2.24
CA PRO A 27 4.60 1.13 -1.71
C PRO A 27 3.90 0.99 -0.36
N HIS A 28 3.37 2.10 0.14
CA HIS A 28 2.68 2.10 1.42
C HIS A 28 1.19 1.84 1.23
N GLN A 29 0.64 0.92 2.00
CA GLN A 29 -0.78 0.57 1.92
C GLN A 29 -1.64 1.67 2.54
N TRP A 30 -2.06 2.62 1.71
CA TRP A 30 -2.90 3.73 2.18
C TRP A 30 -4.36 3.31 2.25
N LEU A 31 -4.91 3.31 3.46
CA LEU A 31 -6.31 2.93 3.66
C LEU A 31 -7.12 4.12 4.15
N GLU A 32 -7.95 4.67 3.27
CA GLU A 32 -8.78 5.82 3.62
C GLU A 32 -9.52 5.57 4.94
N GLY A 33 -9.17 6.35 5.96
CA GLY A 33 -9.81 6.20 7.25
C GLY A 33 -9.05 5.24 8.17
N ASN A 34 -9.78 4.58 9.06
CA ASN A 34 -9.17 3.65 9.99
C ASN A 34 -8.01 4.30 10.73
N LEU A 35 -8.28 5.43 11.36
CA LEU A 35 -7.25 6.16 12.12
C LEU A 35 -7.37 5.89 13.61
N PRO A 36 -6.22 5.68 14.27
CA PRO A 36 -6.18 5.41 15.71
C PRO A 36 -6.55 6.63 16.55
N VAL A 37 -7.21 6.39 17.67
CA VAL A 37 -7.62 7.46 18.56
C VAL A 37 -6.57 8.57 18.61
N SER A 38 -5.40 8.25 19.16
CA SER A 38 -4.32 9.21 19.27
C SER A 38 -3.51 9.28 17.97
N ALA A 39 -4.22 9.33 16.85
CA ALA A 39 -3.57 9.39 15.55
C ALA A 39 -2.73 10.66 15.41
N LYS A 40 -1.56 10.53 14.79
CA LYS A 40 -0.66 11.67 14.59
C LYS A 40 0.11 11.53 13.30
N CYS A 41 -0.10 12.46 12.37
CA CYS A 41 0.59 12.44 11.09
C CYS A 41 2.09 12.22 11.27
N THR A 42 2.75 11.81 10.20
CA THR A 42 4.19 11.56 10.24
C THR A 42 4.94 12.56 9.37
N VAL A 43 4.25 13.11 8.38
CA VAL A 43 4.85 14.08 7.47
C VAL A 43 4.91 15.47 8.10
N CYS A 44 3.84 15.84 8.79
CA CYS A 44 3.75 17.14 9.44
C CYS A 44 3.77 16.98 10.97
N ASP A 45 3.44 15.79 11.43
CA ASP A 45 3.42 15.51 12.87
C ASP A 45 2.37 16.36 13.57
N LYS A 46 1.16 16.38 13.02
CA LYS A 46 0.07 17.17 13.59
C LYS A 46 -1.16 16.30 13.82
N THR A 47 -1.83 16.50 14.95
CA THR A 47 -3.01 15.73 15.29
C THR A 47 -3.82 15.39 14.03
N CYS A 48 -4.02 14.09 13.82
CA CYS A 48 -4.77 13.62 12.66
C CYS A 48 -5.77 12.54 13.06
N GLY A 49 -6.73 12.28 12.18
CA GLY A 49 -7.73 11.26 12.46
C GLY A 49 -9.12 11.86 12.65
N SER A 50 -9.89 11.91 11.58
CA SER A 50 -11.25 12.46 11.63
C SER A 50 -12.20 11.48 12.31
N VAL A 51 -13.35 11.99 12.72
CA VAL A 51 -14.36 11.17 13.38
C VAL A 51 -15.63 11.05 12.53
N LEU A 52 -16.42 12.12 12.54
CA LEU A 52 -17.66 12.15 11.77
C LEU A 52 -17.49 11.42 10.44
N ARG A 53 -16.42 11.76 9.73
CA ARG A 53 -16.14 11.15 8.43
C ARG A 53 -14.68 10.70 8.34
N LEU A 54 -14.48 9.42 8.06
CA LEU A 54 -13.13 8.87 7.95
C LEU A 54 -12.48 9.28 6.63
N GLN A 55 -11.35 9.96 6.72
CA GLN A 55 -10.63 10.41 5.54
C GLN A 55 -9.14 10.14 5.67
N ASP A 56 -8.50 10.80 6.62
CA ASP A 56 -7.07 10.63 6.86
C ASP A 56 -6.62 9.24 6.44
N TRP A 57 -5.44 9.15 5.85
CA TRP A 57 -4.89 7.87 5.41
C TRP A 57 -3.77 7.41 6.34
N ARG A 58 -3.66 6.09 6.50
CA ARG A 58 -2.63 5.51 7.37
C ARG A 58 -2.16 4.17 6.83
N CYS A 59 -0.87 3.90 6.97
CA CYS A 59 -0.30 2.66 6.49
C CYS A 59 -0.75 1.48 7.35
N LEU A 60 -0.91 0.32 6.73
CA LEU A 60 -1.34 -0.88 7.44
C LEU A 60 -0.16 -1.78 7.77
N TRP A 61 1.04 -1.32 7.41
CA TRP A 61 2.25 -2.09 7.66
C TRP A 61 3.16 -1.34 8.63
N CYS A 62 3.73 -0.24 8.17
CA CYS A 62 4.63 0.56 8.99
C CYS A 62 3.85 1.40 10.00
N LYS A 63 2.54 1.50 9.78
CA LYS A 63 1.67 2.26 10.68
C LYS A 63 2.04 3.74 10.65
N ALA A 64 2.06 4.33 9.47
CA ALA A 64 2.39 5.73 9.31
C ALA A 64 1.19 6.53 8.80
N MET A 65 0.63 7.35 9.67
CA MET A 65 -0.53 8.18 9.31
C MET A 65 -0.09 9.46 8.63
N VAL A 66 -0.80 9.84 7.57
CA VAL A 66 -0.48 11.05 6.83
C VAL A 66 -1.74 11.70 6.26
N HIS A 67 -1.70 13.03 6.10
CA HIS A 67 -2.84 13.76 5.58
C HIS A 67 -2.90 13.66 4.06
N THR A 68 -4.11 13.58 3.51
CA THR A 68 -4.30 13.48 2.07
C THR A 68 -3.26 14.27 1.32
N SER A 69 -3.04 15.51 1.75
CA SER A 69 -2.06 16.39 1.11
C SER A 69 -0.64 15.95 1.44
N CYS A 70 -0.36 15.76 2.73
CA CYS A 70 0.96 15.34 3.17
C CYS A 70 1.42 14.11 2.40
N LYS A 71 0.57 13.09 2.35
CA LYS A 71 0.89 11.85 1.64
C LYS A 71 1.73 12.14 0.40
N GLU A 72 1.29 13.10 -0.40
CA GLU A 72 2.00 13.48 -1.62
C GLU A 72 3.47 13.77 -1.31
N SER A 73 3.70 14.54 -0.26
CA SER A 73 5.06 14.91 0.12
C SER A 73 5.89 13.67 0.44
N LEU A 74 5.32 12.77 1.23
CA LEU A 74 6.01 11.54 1.62
C LEU A 74 6.60 10.85 0.40
N LEU A 75 7.90 10.58 0.45
CA LEU A 75 8.59 9.92 -0.65
C LEU A 75 9.21 8.61 -0.19
N THR A 76 9.75 8.60 1.02
CA THR A 76 10.37 7.40 1.58
C THR A 76 9.58 6.15 1.21
N LYS A 77 10.25 5.02 1.19
CA LYS A 77 9.62 3.75 0.86
C LYS A 77 9.11 3.06 2.12
N CYS A 78 8.35 1.98 1.93
CA CYS A 78 7.80 1.22 3.05
C CYS A 78 8.60 -0.05 3.29
N SER A 79 8.39 -0.67 4.45
CA SER A 79 9.09 -1.90 4.80
C SER A 79 8.25 -3.13 4.45
N GLY A 80 6.99 -3.09 4.84
CA GLY A 80 6.10 -4.21 4.55
C GLY A 80 5.49 -4.80 5.81
N PRO A 81 4.41 -5.57 5.63
CA PRO A 81 3.71 -6.21 6.76
C PRO A 81 4.53 -7.34 7.39
N SER A 82 4.16 -7.72 8.61
CA SER A 82 4.87 -8.77 9.33
C SER A 82 4.67 -10.12 8.64
N SER A 83 3.42 -10.48 8.39
CA SER A 83 3.09 -11.74 7.74
C SER A 83 3.04 -11.57 6.22
N GLY A 84 4.14 -11.93 5.56
CA GLY A 84 4.21 -11.82 4.11
C GLY A 84 3.90 -13.13 3.41
N GLY A 1 50.31 -49.62 -32.89
CA GLY A 1 49.73 -48.81 -31.84
C GLY A 1 48.29 -48.44 -32.13
N SER A 2 47.72 -47.59 -31.28
CA SER A 2 46.33 -47.16 -31.44
C SER A 2 45.97 -46.09 -30.41
N SER A 3 45.16 -45.12 -30.83
CA SER A 3 44.74 -44.04 -29.95
C SER A 3 43.41 -43.46 -30.40
N GLY A 4 42.68 -42.87 -29.46
CA GLY A 4 41.38 -42.28 -29.77
C GLY A 4 40.63 -41.84 -28.54
N SER A 5 39.71 -40.90 -28.72
CA SER A 5 38.92 -40.38 -27.60
C SER A 5 37.72 -39.60 -28.11
N SER A 6 36.59 -39.73 -27.41
CA SER A 6 35.37 -39.03 -27.78
C SER A 6 34.28 -39.26 -26.75
N GLY A 7 33.41 -38.26 -26.59
CA GLY A 7 32.32 -38.37 -25.63
C GLY A 7 32.06 -37.07 -24.90
N THR A 8 30.90 -36.46 -25.15
CA THR A 8 30.55 -35.21 -24.50
C THR A 8 29.12 -35.26 -23.96
N THR A 9 28.72 -34.20 -23.27
CA THR A 9 27.38 -34.12 -22.69
C THR A 9 27.01 -32.69 -22.36
N LEU A 10 25.73 -32.37 -22.48
CA LEU A 10 25.24 -31.03 -22.19
C LEU A 10 23.80 -31.07 -21.68
N ALA A 11 23.32 -29.94 -21.17
CA ALA A 11 21.96 -29.84 -20.66
C ALA A 11 21.52 -28.39 -20.55
N SER A 12 20.22 -28.16 -20.68
CA SER A 12 19.67 -26.81 -20.60
C SER A 12 18.71 -26.69 -19.42
N ILE A 13 18.86 -25.62 -18.65
CA ILE A 13 18.00 -25.39 -17.48
C ILE A 13 17.39 -23.99 -17.53
N GLY A 14 16.28 -23.82 -16.81
CA GLY A 14 15.62 -22.53 -16.78
C GLY A 14 14.90 -22.28 -15.48
N LYS A 15 15.06 -21.08 -14.93
CA LYS A 15 14.42 -20.71 -13.67
C LYS A 15 14.02 -19.24 -13.66
N ASP A 16 12.73 -18.98 -13.56
CA ASP A 16 12.22 -17.61 -13.54
C ASP A 16 12.28 -17.03 -12.13
N ILE A 17 12.94 -15.88 -12.01
CA ILE A 17 13.08 -15.21 -10.72
C ILE A 17 11.74 -14.66 -10.24
N ILE A 18 11.35 -15.02 -9.03
CA ILE A 18 10.09 -14.56 -8.45
C ILE A 18 10.34 -13.59 -7.29
N GLU A 19 9.55 -12.53 -7.24
CA GLU A 19 9.69 -11.54 -6.18
C GLU A 19 9.93 -12.21 -4.82
N ASP A 20 10.68 -11.53 -3.96
CA ASP A 20 10.99 -12.06 -2.64
C ASP A 20 10.12 -11.41 -1.57
N ALA A 21 10.15 -11.95 -0.36
CA ALA A 21 9.37 -11.43 0.74
C ALA A 21 10.26 -11.11 1.94
N ASP A 22 11.42 -10.52 1.67
CA ASP A 22 12.37 -10.16 2.72
C ASP A 22 12.85 -8.73 2.56
N GLY A 23 13.43 -8.43 1.40
CA GLY A 23 13.93 -7.09 1.14
C GLY A 23 13.58 -6.61 -0.26
N ILE A 24 12.29 -6.55 -0.55
CA ILE A 24 11.82 -6.10 -1.87
C ILE A 24 11.12 -4.75 -1.77
N ALA A 25 11.23 -3.96 -2.83
CA ALA A 25 10.60 -2.64 -2.87
C ALA A 25 9.11 -2.73 -2.54
N MET A 26 8.77 -2.38 -1.31
CA MET A 26 7.38 -2.43 -0.87
C MET A 26 6.82 -1.02 -0.70
N PRO A 27 5.75 -0.71 -1.45
CA PRO A 27 5.10 0.59 -1.42
C PRO A 27 4.36 0.83 -0.11
N HIS A 28 3.67 1.97 -0.02
CA HIS A 28 2.92 2.32 1.18
C HIS A 28 1.43 2.05 0.99
N GLN A 29 0.93 1.03 1.68
CA GLN A 29 -0.49 0.67 1.58
C GLN A 29 -1.36 1.67 2.34
N TRP A 30 -1.81 2.70 1.64
CA TRP A 30 -2.66 3.72 2.25
C TRP A 30 -4.10 3.24 2.37
N LEU A 31 -4.76 3.62 3.46
CA LEU A 31 -6.14 3.23 3.69
C LEU A 31 -6.97 4.41 4.18
N GLU A 32 -7.82 4.94 3.31
CA GLU A 32 -8.68 6.07 3.66
C GLU A 32 -9.30 5.87 5.04
N GLY A 33 -9.32 6.95 5.82
CA GLY A 33 -9.89 6.89 7.15
C GLY A 33 -9.09 5.98 8.08
N ASN A 34 -9.77 5.39 9.06
CA ASN A 34 -9.12 4.51 10.01
C ASN A 34 -8.11 5.27 10.87
N LEU A 35 -8.54 6.41 11.39
CA LEU A 35 -7.67 7.24 12.22
C LEU A 35 -8.33 7.54 13.56
N PRO A 36 -7.61 7.27 14.66
CA PRO A 36 -8.11 7.51 16.01
C PRO A 36 -8.22 8.99 16.34
N VAL A 37 -8.86 9.29 17.46
CA VAL A 37 -9.04 10.68 17.89
C VAL A 37 -7.71 11.30 18.33
N SER A 38 -6.79 10.45 18.76
CA SER A 38 -5.48 10.92 19.21
C SER A 38 -4.38 10.47 18.24
N ALA A 39 -4.71 10.49 16.95
CA ALA A 39 -3.76 10.09 15.92
C ALA A 39 -2.89 11.27 15.48
N LYS A 40 -1.64 10.99 15.15
CA LYS A 40 -0.71 12.04 14.73
C LYS A 40 -0.22 11.78 13.30
N CYS A 41 0.18 12.84 12.61
CA CYS A 41 0.67 12.72 11.24
C CYS A 41 2.08 12.14 11.22
N THR A 42 2.54 11.77 10.03
CA THR A 42 3.88 11.19 9.87
C THR A 42 4.73 12.04 8.93
N VAL A 43 4.07 12.88 8.13
CA VAL A 43 4.76 13.74 7.19
C VAL A 43 5.05 15.11 7.80
N CYS A 44 4.03 15.68 8.45
CA CYS A 44 4.17 16.99 9.08
C CYS A 44 4.34 16.84 10.59
N ASP A 45 3.84 15.74 11.14
CA ASP A 45 3.93 15.49 12.57
C ASP A 45 2.93 16.35 13.33
N LYS A 46 1.77 16.58 12.74
CA LYS A 46 0.73 17.39 13.37
C LYS A 46 -0.56 16.59 13.56
N THR A 47 -1.39 17.03 14.48
CA THR A 47 -2.66 16.36 14.76
C THR A 47 -3.23 15.73 13.50
N CYS A 48 -3.87 14.57 13.65
CA CYS A 48 -4.47 13.86 12.52
C CYS A 48 -5.71 13.11 12.96
N GLY A 49 -6.64 12.92 12.02
CA GLY A 49 -7.86 12.20 12.32
C GLY A 49 -9.10 13.04 12.03
N SER A 50 -9.76 12.76 10.91
CA SER A 50 -10.95 13.50 10.52
C SER A 50 -12.03 13.38 11.59
N VAL A 51 -12.77 14.46 11.82
CA VAL A 51 -13.83 14.47 12.81
C VAL A 51 -14.69 13.22 12.71
N LEU A 52 -15.38 13.07 11.58
CA LEU A 52 -16.23 11.91 11.36
C LEU A 52 -16.01 11.32 9.96
N ARG A 53 -15.92 12.20 8.96
CA ARG A 53 -15.70 11.77 7.59
C ARG A 53 -14.33 11.11 7.44
N LEU A 54 -14.35 9.83 7.07
CA LEU A 54 -13.11 9.07 6.89
C LEU A 54 -12.31 9.63 5.72
N GLN A 55 -11.16 10.23 6.03
CA GLN A 55 -10.30 10.80 4.99
C GLN A 55 -8.84 10.43 5.25
N ASP A 56 -8.27 10.95 6.33
CA ASP A 56 -6.89 10.68 6.68
C ASP A 56 -6.48 9.28 6.22
N TRP A 57 -5.23 9.16 5.76
CA TRP A 57 -4.71 7.88 5.28
C TRP A 57 -3.63 7.35 6.20
N ARG A 58 -3.69 6.06 6.51
CA ARG A 58 -2.72 5.43 7.39
C ARG A 58 -2.23 4.10 6.80
N CYS A 59 -0.92 3.95 6.72
CA CYS A 59 -0.32 2.73 6.17
C CYS A 59 -0.70 1.52 7.01
N LEU A 60 -0.97 0.40 6.35
CA LEU A 60 -1.35 -0.83 7.03
C LEU A 60 -0.12 -1.67 7.37
N TRP A 61 1.05 -1.19 6.96
CA TRP A 61 2.30 -1.90 7.21
C TRP A 61 3.16 -1.13 8.22
N CYS A 62 3.74 -0.03 7.77
CA CYS A 62 4.59 0.79 8.62
C CYS A 62 3.75 1.56 9.64
N LYS A 63 2.44 1.52 9.47
CA LYS A 63 1.52 2.21 10.37
C LYS A 63 1.83 3.70 10.42
N ALA A 64 2.05 4.30 9.26
CA ALA A 64 2.36 5.72 9.17
C ALA A 64 1.12 6.52 8.74
N MET A 65 0.61 7.34 9.65
CA MET A 65 -0.56 8.15 9.38
C MET A 65 -0.16 9.49 8.75
N VAL A 66 -0.79 9.83 7.63
CA VAL A 66 -0.50 11.07 6.94
C VAL A 66 -1.77 11.68 6.36
N HIS A 67 -1.80 13.00 6.27
CA HIS A 67 -2.96 13.73 5.73
C HIS A 67 -3.05 13.52 4.22
N THR A 68 -4.23 13.78 3.67
CA THR A 68 -4.46 13.63 2.24
C THR A 68 -3.31 14.23 1.43
N SER A 69 -3.12 15.54 1.57
CA SER A 69 -2.06 16.24 0.86
C SER A 69 -0.69 15.75 1.30
N CYS A 70 -0.48 15.71 2.62
CA CYS A 70 0.79 15.26 3.18
C CYS A 70 1.25 13.96 2.51
N LYS A 71 0.31 13.06 2.27
CA LYS A 71 0.61 11.78 1.63
C LYS A 71 1.56 11.97 0.45
N GLU A 72 1.24 12.94 -0.40
CA GLU A 72 2.06 13.22 -1.57
C GLU A 72 3.49 13.56 -1.16
N SER A 73 3.63 14.36 -0.12
CA SER A 73 4.95 14.76 0.37
C SER A 73 5.84 13.54 0.55
N LEU A 74 5.30 12.49 1.14
CA LEU A 74 6.05 11.27 1.38
C LEU A 74 6.41 10.59 0.06
N LEU A 75 7.66 10.17 -0.07
CA LEU A 75 8.13 9.50 -1.29
C LEU A 75 8.85 8.21 -0.95
N THR A 76 9.67 8.24 0.10
CA THR A 76 10.42 7.07 0.53
C THR A 76 9.57 5.81 0.43
N LYS A 77 10.23 4.66 0.37
CA LYS A 77 9.53 3.38 0.27
C LYS A 77 8.96 2.97 1.63
N CYS A 78 8.36 1.79 1.68
CA CYS A 78 7.77 1.28 2.90
C CYS A 78 8.54 0.06 3.41
N SER A 79 8.37 -0.26 4.69
CA SER A 79 9.05 -1.40 5.30
C SER A 79 8.35 -2.71 4.93
N GLY A 80 7.02 -2.69 4.98
CA GLY A 80 6.26 -3.88 4.66
C GLY A 80 5.54 -4.45 5.86
N PRO A 81 4.51 -5.28 5.60
CA PRO A 81 3.71 -5.90 6.65
C PRO A 81 4.50 -6.96 7.42
N SER A 82 4.23 -7.08 8.72
CA SER A 82 4.91 -8.05 9.55
C SER A 82 3.93 -9.04 10.16
N SER A 83 2.98 -9.50 9.33
CA SER A 83 1.97 -10.45 9.78
C SER A 83 2.02 -11.72 8.95
N GLY A 84 2.79 -12.71 9.42
CA GLY A 84 2.90 -13.97 8.71
C GLY A 84 3.27 -13.78 7.25
N GLY A 1 -18.24 -18.45 -59.98
CA GLY A 1 -16.83 -18.32 -59.67
C GLY A 1 -16.60 -17.69 -58.31
N SER A 2 -16.06 -18.48 -57.38
CA SER A 2 -15.79 -18.00 -56.03
C SER A 2 -14.85 -18.95 -55.30
N SER A 3 -14.41 -18.53 -54.11
CA SER A 3 -13.50 -19.34 -53.31
C SER A 3 -13.58 -18.95 -51.83
N GLY A 4 -13.03 -19.80 -50.97
CA GLY A 4 -13.05 -19.53 -49.55
C GLY A 4 -11.81 -20.02 -48.84
N SER A 5 -11.79 -19.91 -47.51
CA SER A 5 -10.65 -20.35 -46.72
C SER A 5 -10.96 -20.25 -45.23
N SER A 6 -10.20 -21.00 -44.43
CA SER A 6 -10.40 -21.00 -42.99
C SER A 6 -9.12 -21.41 -42.27
N GLY A 7 -9.14 -21.37 -40.94
CA GLY A 7 -7.98 -21.75 -40.16
C GLY A 7 -7.20 -20.54 -39.66
N THR A 8 -7.91 -19.55 -39.15
CA THR A 8 -7.28 -18.34 -38.63
C THR A 8 -7.33 -18.30 -37.11
N THR A 9 -8.51 -18.58 -36.56
CA THR A 9 -8.69 -18.57 -35.12
C THR A 9 -7.43 -19.03 -34.39
N LEU A 10 -6.69 -18.08 -33.85
CA LEU A 10 -5.45 -18.39 -33.13
C LEU A 10 -5.11 -17.30 -32.12
N ALA A 11 -4.60 -17.69 -30.96
CA ALA A 11 -4.23 -16.74 -29.93
C ALA A 11 -3.31 -17.39 -28.89
N SER A 12 -2.31 -16.64 -28.44
CA SER A 12 -1.37 -17.14 -27.45
C SER A 12 -0.55 -16.00 -26.85
N ILE A 13 -0.79 -15.71 -25.58
CA ILE A 13 -0.07 -14.64 -24.89
C ILE A 13 0.17 -14.99 -23.42
N GLY A 14 1.24 -14.46 -22.86
CA GLY A 14 1.56 -14.73 -21.48
C GLY A 14 1.27 -13.55 -20.57
N LYS A 15 1.14 -13.81 -19.28
CA LYS A 15 0.86 -12.76 -18.30
C LYS A 15 1.76 -12.89 -17.08
N ASP A 16 2.53 -11.86 -16.81
CA ASP A 16 3.45 -11.86 -15.66
C ASP A 16 3.76 -10.43 -15.23
N ILE A 17 3.26 -10.05 -14.05
CA ILE A 17 3.49 -8.72 -13.51
C ILE A 17 4.82 -8.65 -12.76
N ILE A 18 5.91 -8.91 -13.47
CA ILE A 18 7.24 -8.88 -12.87
C ILE A 18 7.49 -7.55 -12.17
N GLU A 19 7.72 -7.60 -10.86
CA GLU A 19 7.98 -6.40 -10.08
C GLU A 19 9.32 -5.78 -10.46
N ASP A 20 10.40 -6.51 -10.22
CA ASP A 20 11.74 -6.03 -10.54
C ASP A 20 12.71 -7.20 -10.70
N ALA A 21 13.88 -6.92 -11.27
CA ALA A 21 14.89 -7.94 -11.48
C ALA A 21 15.90 -7.96 -10.35
N ASP A 22 16.32 -6.78 -9.91
CA ASP A 22 17.28 -6.66 -8.82
C ASP A 22 16.57 -6.52 -7.48
N GLY A 23 15.76 -5.49 -7.35
CA GLY A 23 15.04 -5.26 -6.11
C GLY A 23 13.64 -4.72 -6.34
N ILE A 24 12.69 -5.21 -5.56
CA ILE A 24 11.29 -4.78 -5.69
C ILE A 24 10.99 -3.61 -4.76
N ALA A 25 10.19 -2.67 -5.23
CA ALA A 25 9.83 -1.50 -4.44
C ALA A 25 8.40 -1.63 -3.90
N MET A 26 8.27 -1.70 -2.58
CA MET A 26 6.97 -1.81 -1.95
C MET A 26 6.49 -0.47 -1.42
N PRO A 27 5.42 0.06 -2.04
CA PRO A 27 4.84 1.35 -1.65
C PRO A 27 4.16 1.30 -0.29
N HIS A 28 3.37 2.33 0.01
CA HIS A 28 2.66 2.40 1.29
C HIS A 28 1.18 2.13 1.09
N GLN A 29 0.66 1.12 1.78
CA GLN A 29 -0.74 0.75 1.67
C GLN A 29 -1.62 1.77 2.41
N TRP A 30 -2.08 2.78 1.68
CA TRP A 30 -2.93 3.81 2.26
C TRP A 30 -4.35 3.31 2.45
N LEU A 31 -4.85 3.40 3.68
CA LEU A 31 -6.20 2.95 4.00
C LEU A 31 -7.11 4.13 4.30
N GLU A 32 -7.99 4.45 3.34
CA GLU A 32 -8.92 5.56 3.51
C GLU A 32 -9.47 5.61 4.93
N GLY A 33 -9.13 6.67 5.65
CA GLY A 33 -9.60 6.82 7.02
C GLY A 33 -8.98 5.80 7.96
N ASN A 34 -9.75 5.38 8.96
CA ASN A 34 -9.27 4.41 9.93
C ASN A 34 -8.20 5.01 10.84
N LEU A 35 -8.46 6.23 11.32
CA LEU A 35 -7.52 6.91 12.20
C LEU A 35 -8.07 7.00 13.62
N PRO A 36 -7.20 6.71 14.61
CA PRO A 36 -7.57 6.74 16.02
C PRO A 36 -7.82 8.17 16.52
N VAL A 37 -8.52 8.27 17.65
CA VAL A 37 -8.82 9.57 18.23
C VAL A 37 -7.55 10.34 18.56
N SER A 38 -6.49 9.61 18.88
CA SER A 38 -5.21 10.22 19.23
C SER A 38 -4.19 9.99 18.12
N ALA A 39 -4.63 10.08 16.88
CA ALA A 39 -3.75 9.88 15.73
C ALA A 39 -2.80 11.06 15.56
N LYS A 40 -1.76 10.87 14.75
CA LYS A 40 -0.78 11.92 14.50
C LYS A 40 -0.08 11.69 13.17
N CYS A 41 0.11 12.78 12.42
CA CYS A 41 0.77 12.70 11.12
C CYS A 41 2.27 12.46 11.28
N THR A 42 2.89 11.91 10.24
CA THR A 42 4.32 11.62 10.27
C THR A 42 5.08 12.55 9.33
N VAL A 43 4.34 13.23 8.44
CA VAL A 43 4.96 14.14 7.49
C VAL A 43 5.08 15.55 8.09
N CYS A 44 4.05 15.98 8.80
CA CYS A 44 4.04 17.29 9.41
C CYS A 44 4.03 17.18 10.93
N ASP A 45 3.55 16.05 11.44
CA ASP A 45 3.49 15.82 12.87
C ASP A 45 2.40 16.67 13.51
N LYS A 46 1.22 16.67 12.90
CA LYS A 46 0.10 17.44 13.42
C LYS A 46 -1.14 16.56 13.58
N THR A 47 -1.94 16.84 14.61
CA THR A 47 -3.15 16.08 14.88
C THR A 47 -3.78 15.58 13.58
N CYS A 48 -4.40 14.41 13.64
CA CYS A 48 -5.05 13.82 12.47
C CYS A 48 -6.44 13.30 12.82
N GLY A 49 -7.10 12.69 11.84
CA GLY A 49 -8.43 12.15 12.07
C GLY A 49 -9.50 13.24 12.09
N SER A 50 -10.45 13.14 11.17
CA SER A 50 -11.53 14.12 11.07
C SER A 50 -12.76 13.65 11.86
N VAL A 51 -13.64 14.60 12.17
CA VAL A 51 -14.85 14.29 12.91
C VAL A 51 -16.00 13.92 11.98
N LEU A 52 -16.48 14.91 11.24
CA LEU A 52 -17.58 14.70 10.29
C LEU A 52 -17.52 13.30 9.70
N ARG A 53 -16.31 12.81 9.46
CA ARG A 53 -16.13 11.48 8.90
C ARG A 53 -14.64 11.11 8.86
N LEU A 54 -14.34 9.93 8.33
CA LEU A 54 -12.97 9.46 8.23
C LEU A 54 -12.41 9.69 6.83
N GLN A 55 -11.27 10.37 6.76
CA GLN A 55 -10.62 10.67 5.49
C GLN A 55 -9.13 10.38 5.55
N ASP A 56 -8.46 10.97 6.53
CA ASP A 56 -7.03 10.77 6.71
C ASP A 56 -6.61 9.36 6.28
N TRP A 57 -5.43 9.24 5.69
CA TRP A 57 -4.92 7.95 5.23
C TRP A 57 -3.76 7.49 6.09
N ARG A 58 -3.75 6.20 6.42
CA ARG A 58 -2.70 5.63 7.24
C ARG A 58 -2.26 4.27 6.70
N CYS A 59 -0.95 4.01 6.75
CA CYS A 59 -0.39 2.76 6.26
C CYS A 59 -0.74 1.61 7.20
N LEU A 60 -0.82 0.40 6.65
CA LEU A 60 -1.14 -0.77 7.44
C LEU A 60 0.10 -1.63 7.68
N TRP A 61 1.13 -1.41 6.86
CA TRP A 61 2.38 -2.16 6.99
C TRP A 61 3.30 -1.51 8.00
N CYS A 62 3.65 -0.25 7.75
CA CYS A 62 4.54 0.49 8.64
C CYS A 62 3.73 1.25 9.70
N LYS A 63 2.42 1.33 9.49
CA LYS A 63 1.54 2.03 10.42
C LYS A 63 1.90 3.51 10.50
N ALA A 64 1.93 4.18 9.35
CA ALA A 64 2.26 5.59 9.30
C ALA A 64 1.06 6.41 8.84
N MET A 65 0.57 7.28 9.72
CA MET A 65 -0.58 8.13 9.41
C MET A 65 -0.13 9.42 8.75
N VAL A 66 -0.76 9.76 7.62
CA VAL A 66 -0.42 10.97 6.89
C VAL A 66 -1.67 11.66 6.35
N HIS A 67 -1.59 12.97 6.14
CA HIS A 67 -2.71 13.74 5.63
C HIS A 67 -2.81 13.61 4.11
N THR A 68 -4.04 13.48 3.62
CA THR A 68 -4.27 13.35 2.19
C THR A 68 -3.26 14.16 1.38
N SER A 69 -3.04 15.40 1.81
CA SER A 69 -2.10 16.28 1.13
C SER A 69 -0.66 15.87 1.42
N CYS A 70 -0.34 15.74 2.70
CA CYS A 70 1.00 15.36 3.12
C CYS A 70 1.47 14.10 2.37
N LYS A 71 0.61 13.10 2.32
CA LYS A 71 0.93 11.85 1.64
C LYS A 71 1.78 12.11 0.40
N GLU A 72 1.34 13.05 -0.43
CA GLU A 72 2.07 13.39 -1.65
C GLU A 72 3.50 13.79 -1.33
N SER A 73 3.67 14.57 -0.26
CA SER A 73 5.00 15.03 0.15
C SER A 73 5.90 13.84 0.48
N LEU A 74 5.39 12.93 1.30
CA LEU A 74 6.15 11.75 1.70
C LEU A 74 6.79 11.08 0.49
N LEU A 75 8.12 11.00 0.51
CA LEU A 75 8.86 10.39 -0.59
C LEU A 75 9.40 9.02 -0.18
N THR A 76 9.85 8.90 1.06
CA THR A 76 10.39 7.65 1.58
C THR A 76 9.50 6.47 1.18
N LYS A 77 10.13 5.32 0.99
CA LYS A 77 9.39 4.11 0.60
C LYS A 77 9.01 3.30 1.84
N CYS A 78 8.10 2.35 1.65
CA CYS A 78 7.64 1.51 2.75
C CYS A 78 8.47 0.23 2.83
N SER A 79 8.38 -0.45 3.96
CA SER A 79 9.12 -1.68 4.17
C SER A 79 8.29 -2.90 3.77
N GLY A 80 7.03 -2.91 4.18
CA GLY A 80 6.16 -4.02 3.85
C GLY A 80 5.50 -4.63 5.08
N PRO A 81 4.49 -5.47 4.85
CA PRO A 81 3.75 -6.14 5.93
C PRO A 81 4.60 -7.18 6.65
N SER A 82 3.96 -7.96 7.52
CA SER A 82 4.65 -8.99 8.28
C SER A 82 4.03 -10.36 8.03
N SER A 83 4.82 -11.41 8.21
CA SER A 83 4.33 -12.78 8.00
C SER A 83 3.59 -13.27 9.23
N GLY A 84 2.28 -13.04 9.26
CA GLY A 84 1.47 -13.47 10.38
C GLY A 84 2.17 -13.29 11.71
N GLY A 1 -23.12 -42.85 32.97
CA GLY A 1 -22.31 -41.78 33.54
C GLY A 1 -21.11 -41.44 32.70
N SER A 2 -21.19 -40.32 31.98
CA SER A 2 -20.10 -39.89 31.12
C SER A 2 -20.26 -38.42 30.74
N SER A 3 -19.33 -37.59 31.17
CA SER A 3 -19.36 -36.16 30.88
C SER A 3 -19.40 -35.92 29.38
N GLY A 4 -18.47 -36.56 28.66
CA GLY A 4 -18.41 -36.40 27.22
C GLY A 4 -17.77 -35.09 26.81
N SER A 5 -16.60 -35.19 26.17
CA SER A 5 -15.88 -34.01 25.73
C SER A 5 -14.83 -34.37 24.68
N SER A 6 -14.53 -33.43 23.79
CA SER A 6 -13.55 -33.65 22.73
C SER A 6 -13.28 -32.37 21.96
N GLY A 7 -12.06 -32.23 21.45
CA GLY A 7 -11.70 -31.05 20.70
C GLY A 7 -10.19 -30.93 20.52
N THR A 8 -9.74 -31.08 19.28
CA THR A 8 -8.32 -30.98 18.97
C THR A 8 -8.09 -30.30 17.63
N THR A 9 -7.18 -29.33 17.61
CA THR A 9 -6.87 -28.60 16.39
C THR A 9 -5.43 -28.10 16.40
N LEU A 10 -4.87 -27.90 15.21
CA LEU A 10 -3.50 -27.42 15.09
C LEU A 10 -3.17 -27.09 13.63
N ALA A 11 -2.42 -26.01 13.44
CA ALA A 11 -2.04 -25.56 12.10
C ALA A 11 -1.03 -24.43 12.16
N SER A 12 -0.25 -24.27 11.10
CA SER A 12 0.76 -23.21 11.03
C SER A 12 1.27 -23.05 9.60
N ILE A 13 1.03 -21.86 9.04
CA ILE A 13 1.46 -21.56 7.68
C ILE A 13 2.36 -20.33 7.64
N GLY A 14 3.32 -20.32 6.72
CA GLY A 14 4.23 -19.19 6.60
C GLY A 14 4.70 -18.99 5.18
N LYS A 15 4.01 -18.12 4.45
CA LYS A 15 4.37 -17.83 3.06
C LYS A 15 4.45 -16.33 2.83
N ASP A 16 5.59 -15.73 3.18
CA ASP A 16 5.80 -14.30 3.00
C ASP A 16 5.71 -13.91 1.54
N ILE A 17 4.90 -12.91 1.24
CA ILE A 17 4.72 -12.45 -0.14
C ILE A 17 6.04 -11.93 -0.71
N ILE A 18 6.28 -12.22 -1.99
CA ILE A 18 7.49 -11.78 -2.65
C ILE A 18 7.24 -10.52 -3.48
N GLU A 19 8.20 -9.60 -3.44
CA GLU A 19 8.08 -8.34 -4.17
C GLU A 19 9.26 -8.16 -5.13
N ASP A 20 10.46 -8.46 -4.63
CA ASP A 20 11.67 -8.33 -5.44
C ASP A 20 12.86 -8.99 -4.75
N ALA A 21 13.95 -9.16 -5.49
CA ALA A 21 15.15 -9.77 -4.94
C ALA A 21 16.30 -8.77 -4.89
N ASP A 22 16.30 -7.83 -5.83
CA ASP A 22 17.34 -6.82 -5.89
C ASP A 22 17.08 -5.71 -4.88
N GLY A 23 15.95 -5.03 -5.03
CA GLY A 23 15.60 -3.96 -4.11
C GLY A 23 14.10 -3.74 -4.01
N ILE A 24 13.47 -4.39 -3.05
CA ILE A 24 12.03 -4.27 -2.85
C ILE A 24 11.57 -2.83 -3.09
N ALA A 25 10.47 -2.68 -3.82
CA ALA A 25 9.93 -1.37 -4.12
C ALA A 25 8.42 -1.34 -3.91
N MET A 26 7.98 -1.84 -2.77
CA MET A 26 6.55 -1.88 -2.44
C MET A 26 6.11 -0.58 -1.76
N PRO A 27 5.08 0.07 -2.32
CA PRO A 27 4.55 1.33 -1.79
C PRO A 27 3.83 1.13 -0.46
N HIS A 28 3.33 2.22 0.11
CA HIS A 28 2.62 2.17 1.38
C HIS A 28 1.14 1.92 1.15
N GLN A 29 0.59 0.90 1.84
CA GLN A 29 -0.81 0.56 1.71
C GLN A 29 -1.69 1.56 2.47
N TRP A 30 -2.11 2.60 1.77
CA TRP A 30 -2.96 3.62 2.37
C TRP A 30 -4.38 3.12 2.55
N LEU A 31 -4.92 3.29 3.75
CA LEU A 31 -6.28 2.84 4.06
C LEU A 31 -7.16 4.03 4.41
N GLU A 32 -7.98 4.47 3.46
CA GLU A 32 -8.87 5.60 3.67
C GLU A 32 -9.50 5.53 5.05
N GLY A 33 -9.43 6.64 5.79
CA GLY A 33 -10.00 6.68 7.13
C GLY A 33 -9.38 5.67 8.06
N ASN A 34 -10.16 5.19 9.02
CA ASN A 34 -9.68 4.20 9.98
C ASN A 34 -8.54 4.77 10.81
N LEU A 35 -8.73 5.99 11.31
CA LEU A 35 -7.72 6.65 12.13
C LEU A 35 -8.21 6.84 13.56
N PRO A 36 -7.37 6.46 14.53
CA PRO A 36 -7.69 6.58 15.95
C PRO A 36 -7.74 8.03 16.42
N VAL A 37 -8.65 8.33 17.35
CA VAL A 37 -8.79 9.68 17.88
C VAL A 37 -7.43 10.28 18.20
N SER A 38 -6.52 9.46 18.70
CA SER A 38 -5.18 9.91 19.06
C SER A 38 -4.20 9.69 17.90
N ALA A 39 -4.67 9.94 16.69
CA ALA A 39 -3.85 9.79 15.49
C ALA A 39 -3.17 11.09 15.12
N LYS A 40 -1.90 11.01 14.73
CA LYS A 40 -1.14 12.19 14.33
C LYS A 40 -0.50 11.99 12.96
N CYS A 41 0.06 13.06 12.41
CA CYS A 41 0.70 13.02 11.11
C CYS A 41 2.19 12.76 11.24
N THR A 42 2.78 12.11 10.24
CA THR A 42 4.20 11.80 10.25
C THR A 42 4.96 12.69 9.28
N VAL A 43 4.24 13.57 8.58
CA VAL A 43 4.85 14.48 7.62
C VAL A 43 4.95 15.89 8.19
N CYS A 44 3.89 16.34 8.86
CA CYS A 44 3.86 17.66 9.45
C CYS A 44 3.77 17.58 10.97
N ASP A 45 3.74 16.36 11.49
CA ASP A 45 3.65 16.13 12.93
C ASP A 45 2.51 16.94 13.54
N LYS A 46 1.31 16.76 13.00
CA LYS A 46 0.13 17.46 13.49
C LYS A 46 -1.04 16.50 13.68
N THR A 47 -2.00 16.91 14.51
CA THR A 47 -3.17 16.08 14.78
C THR A 47 -3.64 15.37 13.51
N CYS A 48 -4.34 14.26 13.70
CA CYS A 48 -4.85 13.47 12.58
C CYS A 48 -6.14 12.75 12.96
N GLY A 49 -7.09 12.73 12.03
CA GLY A 49 -8.36 12.07 12.29
C GLY A 49 -9.52 13.04 12.33
N SER A 50 -10.32 13.05 11.28
CA SER A 50 -11.47 13.95 11.20
C SER A 50 -12.52 13.58 12.26
N VAL A 51 -13.26 14.60 12.72
CA VAL A 51 -14.28 14.38 13.74
C VAL A 51 -15.48 13.65 13.15
N LEU A 52 -16.06 12.73 13.93
CA LEU A 52 -17.21 11.97 13.50
C LEU A 52 -17.11 11.60 12.02
N ARG A 53 -15.87 11.52 11.53
CA ARG A 53 -15.63 11.18 10.13
C ARG A 53 -14.27 10.48 9.97
N LEU A 54 -14.19 9.58 8.99
CA LEU A 54 -12.96 8.84 8.73
C LEU A 54 -12.50 9.05 7.29
N GLN A 55 -11.42 9.80 7.12
CA GLN A 55 -10.88 10.08 5.80
C GLN A 55 -9.37 9.88 5.78
N ASP A 56 -8.69 10.53 6.72
CA ASP A 56 -7.23 10.43 6.82
C ASP A 56 -6.75 9.06 6.35
N TRP A 57 -5.57 9.03 5.75
CA TRP A 57 -4.99 7.78 5.26
C TRP A 57 -3.85 7.31 6.16
N ARG A 58 -3.77 6.00 6.36
CA ARG A 58 -2.72 5.42 7.20
C ARG A 58 -2.29 4.06 6.68
N CYS A 59 -0.98 3.82 6.70
CA CYS A 59 -0.44 2.55 6.22
C CYS A 59 -0.78 1.42 7.17
N LEU A 60 -0.93 0.22 6.61
CA LEU A 60 -1.26 -0.96 7.41
C LEU A 60 -0.02 -1.79 7.69
N TRP A 61 1.03 -1.56 6.92
CA TRP A 61 2.28 -2.29 7.09
C TRP A 61 3.17 -1.61 8.11
N CYS A 62 3.61 -0.40 7.81
CA CYS A 62 4.48 0.36 8.71
C CYS A 62 3.65 1.08 9.78
N LYS A 63 2.33 1.06 9.61
CA LYS A 63 1.43 1.72 10.55
C LYS A 63 1.72 3.20 10.64
N ALA A 64 1.70 3.88 9.49
CA ALA A 64 1.96 5.31 9.43
C ALA A 64 0.69 6.09 9.11
N MET A 65 0.67 7.36 9.49
CA MET A 65 -0.49 8.21 9.25
C MET A 65 -0.07 9.53 8.61
N VAL A 66 -0.72 9.88 7.50
CA VAL A 66 -0.41 11.12 6.80
C VAL A 66 -1.68 11.78 6.27
N HIS A 67 -1.60 13.08 6.02
CA HIS A 67 -2.75 13.84 5.52
C HIS A 67 -2.85 13.73 4.01
N THR A 68 -4.07 13.69 3.50
CA THR A 68 -4.31 13.59 2.06
C THR A 68 -3.24 14.35 1.28
N SER A 69 -2.98 15.59 1.68
CA SER A 69 -1.99 16.42 1.01
C SER A 69 -0.57 15.96 1.37
N CYS A 70 -0.27 15.93 2.66
CA CYS A 70 1.04 15.51 3.13
C CYS A 70 1.50 14.24 2.42
N LYS A 71 0.60 13.27 2.32
CA LYS A 71 0.90 12.00 1.66
C LYS A 71 1.82 12.22 0.46
N GLU A 72 1.38 13.07 -0.46
CA GLU A 72 2.15 13.37 -1.65
C GLU A 72 3.58 13.79 -1.29
N SER A 73 3.70 14.54 -0.19
CA SER A 73 5.00 15.02 0.26
C SER A 73 5.85 13.86 0.78
N LEU A 74 5.21 12.92 1.46
CA LEU A 74 5.91 11.76 2.01
C LEU A 74 6.75 11.07 0.94
N LEU A 75 8.03 10.86 1.24
CA LEU A 75 8.94 10.21 0.30
C LEU A 75 9.37 8.85 0.83
N THR A 76 9.78 8.80 2.10
CA THR A 76 10.22 7.56 2.71
C THR A 76 9.41 6.38 2.20
N LYS A 77 10.11 5.30 1.84
CA LYS A 77 9.47 4.09 1.33
C LYS A 77 9.03 3.18 2.48
N CYS A 78 8.17 2.22 2.18
CA CYS A 78 7.69 1.28 3.18
C CYS A 78 8.59 0.05 3.25
N SER A 79 8.40 -0.75 4.30
CA SER A 79 9.20 -1.95 4.48
C SER A 79 8.38 -3.20 4.18
N GLY A 80 7.16 -3.23 4.68
CA GLY A 80 6.28 -4.38 4.45
C GLY A 80 5.47 -4.73 5.68
N PRO A 81 4.42 -5.54 5.48
CA PRO A 81 3.54 -5.99 6.57
C PRO A 81 4.23 -6.95 7.52
N SER A 82 5.00 -7.88 6.96
CA SER A 82 5.72 -8.87 7.76
C SER A 82 7.21 -8.86 7.43
N SER A 83 7.53 -8.50 6.19
CA SER A 83 8.91 -8.46 5.74
C SER A 83 9.01 -7.84 4.34
N GLY A 84 10.24 -7.59 3.91
CA GLY A 84 10.45 -7.00 2.59
C GLY A 84 11.92 -6.76 2.30
N GLY A 1 -32.84 -7.01 -46.77
CA GLY A 1 -32.14 -7.76 -45.75
C GLY A 1 -32.12 -7.02 -44.42
N SER A 2 -33.29 -6.65 -43.92
CA SER A 2 -33.39 -5.93 -42.65
C SER A 2 -32.44 -6.52 -41.61
N SER A 3 -32.47 -7.85 -41.49
CA SER A 3 -31.62 -8.54 -40.53
C SER A 3 -30.21 -7.96 -40.53
N GLY A 4 -29.51 -8.13 -39.41
CA GLY A 4 -28.16 -7.61 -39.29
C GLY A 4 -27.16 -8.68 -38.88
N SER A 5 -26.18 -8.29 -38.07
CA SER A 5 -25.16 -9.21 -37.60
C SER A 5 -24.83 -8.97 -36.14
N SER A 6 -24.14 -9.92 -35.52
CA SER A 6 -23.76 -9.80 -34.12
C SER A 6 -22.26 -9.77 -33.96
N GLY A 7 -21.80 -9.33 -32.79
CA GLY A 7 -20.36 -9.26 -32.53
C GLY A 7 -19.95 -10.07 -31.33
N THR A 8 -18.69 -9.94 -30.93
CA THR A 8 -18.17 -10.66 -29.78
C THR A 8 -16.81 -10.13 -29.36
N THR A 9 -16.45 -10.34 -28.10
CA THR A 9 -15.17 -9.87 -27.57
C THR A 9 -14.54 -10.92 -26.66
N LEU A 10 -13.32 -10.66 -26.21
CA LEU A 10 -12.60 -11.58 -25.34
C LEU A 10 -11.74 -10.81 -24.33
N ALA A 11 -11.56 -11.41 -23.16
CA ALA A 11 -10.75 -10.78 -22.11
C ALA A 11 -9.76 -11.77 -21.52
N SER A 12 -8.52 -11.72 -22.00
CA SER A 12 -7.48 -12.62 -21.52
C SER A 12 -6.37 -11.84 -20.82
N ILE A 13 -6.68 -11.30 -19.65
CA ILE A 13 -5.71 -10.53 -18.88
C ILE A 13 -4.31 -11.10 -19.04
N GLY A 14 -4.21 -12.43 -19.06
CA GLY A 14 -2.91 -13.07 -19.21
C GLY A 14 -2.46 -13.76 -17.94
N LYS A 15 -1.15 -13.85 -17.75
CA LYS A 15 -0.59 -14.49 -16.57
C LYS A 15 -0.19 -13.45 -15.52
N ASP A 16 0.15 -13.93 -14.32
CA ASP A 16 0.55 -13.05 -13.24
C ASP A 16 2.00 -12.58 -13.42
N ILE A 17 2.17 -11.29 -13.69
CA ILE A 17 3.50 -10.73 -13.87
C ILE A 17 4.16 -10.42 -12.54
N ILE A 18 5.46 -10.67 -12.45
CA ILE A 18 6.22 -10.41 -11.23
C ILE A 18 6.77 -8.99 -11.21
N GLU A 19 6.82 -8.40 -10.02
CA GLU A 19 7.34 -7.04 -9.87
C GLU A 19 8.83 -6.98 -10.17
N ASP A 20 9.61 -7.72 -9.39
CA ASP A 20 11.06 -7.76 -9.58
C ASP A 20 11.65 -9.02 -8.96
N ALA A 21 12.62 -9.62 -9.65
CA ALA A 21 13.27 -10.83 -9.17
C ALA A 21 14.26 -10.51 -8.05
N ASP A 22 15.10 -9.50 -8.28
CA ASP A 22 16.09 -9.10 -7.28
C ASP A 22 15.83 -7.68 -6.80
N GLY A 23 15.07 -7.55 -5.72
CA GLY A 23 14.76 -6.24 -5.19
C GLY A 23 13.39 -5.74 -5.62
N ILE A 24 12.37 -6.08 -4.84
CA ILE A 24 11.01 -5.66 -5.14
C ILE A 24 10.67 -4.35 -4.45
N ALA A 25 10.02 -3.45 -5.17
CA ALA A 25 9.63 -2.16 -4.63
C ALA A 25 8.12 -2.07 -4.44
N MET A 26 7.68 -1.92 -3.19
CA MET A 26 6.26 -1.83 -2.88
C MET A 26 5.95 -0.55 -2.11
N PRO A 27 4.96 0.20 -2.59
CA PRO A 27 4.55 1.47 -1.96
C PRO A 27 3.86 1.25 -0.62
N HIS A 28 3.38 2.33 -0.02
CA HIS A 28 2.70 2.27 1.27
C HIS A 28 1.21 1.98 1.09
N GLN A 29 0.71 1.00 1.82
CA GLN A 29 -0.70 0.62 1.74
C GLN A 29 -1.57 1.65 2.45
N TRP A 30 -2.03 2.65 1.71
CA TRP A 30 -2.88 3.70 2.28
C TRP A 30 -4.32 3.22 2.41
N LEU A 31 -4.85 3.31 3.63
CA LEU A 31 -6.22 2.88 3.90
C LEU A 31 -7.11 4.08 4.19
N GLU A 32 -7.99 4.41 3.25
CA GLU A 32 -8.91 5.53 3.41
C GLU A 32 -9.51 5.55 4.80
N GLY A 33 -9.09 6.53 5.61
CA GLY A 33 -9.60 6.63 6.96
C GLY A 33 -8.91 5.68 7.92
N ASN A 34 -9.59 5.35 9.02
CA ASN A 34 -9.03 4.44 10.01
C ASN A 34 -7.95 5.13 10.83
N LEU A 35 -8.23 6.34 11.28
CA LEU A 35 -7.27 7.11 12.07
C LEU A 35 -7.76 7.29 13.50
N PRO A 36 -6.92 6.91 14.47
CA PRO A 36 -7.25 7.03 15.90
C PRO A 36 -7.30 8.47 16.37
N VAL A 37 -7.99 8.70 17.48
CA VAL A 37 -8.11 10.04 18.03
C VAL A 37 -6.75 10.70 18.20
N SER A 38 -5.83 9.99 18.85
CA SER A 38 -4.49 10.51 19.08
C SER A 38 -3.59 10.22 17.88
N ALA A 39 -4.14 10.37 16.68
CA ALA A 39 -3.38 10.14 15.46
C ALA A 39 -2.54 11.34 15.08
N LYS A 40 -1.37 11.10 14.51
CA LYS A 40 -0.47 12.17 14.11
C LYS A 40 -0.10 12.04 12.64
N CYS A 41 0.81 12.90 12.18
CA CYS A 41 1.26 12.88 10.79
C CYS A 41 2.76 12.66 10.70
N THR A 42 3.16 11.61 10.00
CA THR A 42 4.58 11.30 9.84
C THR A 42 5.23 12.21 8.80
N VAL A 43 4.52 13.27 8.42
CA VAL A 43 5.03 14.22 7.44
C VAL A 43 5.23 15.59 8.07
N CYS A 44 4.31 15.98 8.94
CA CYS A 44 4.40 17.28 9.61
C CYS A 44 4.29 17.11 11.12
N ASP A 45 3.89 15.92 11.56
CA ASP A 45 3.76 15.63 12.99
C ASP A 45 2.68 16.50 13.62
N LYS A 46 1.48 16.44 13.05
CA LYS A 46 0.36 17.23 13.56
C LYS A 46 -0.85 16.33 13.81
N THR A 47 -1.76 16.80 14.66
CA THR A 47 -2.97 16.06 15.00
C THR A 47 -3.69 15.60 13.73
N CYS A 48 -3.60 14.31 13.43
CA CYS A 48 -4.25 13.76 12.25
C CYS A 48 -5.62 13.19 12.60
N GLY A 49 -6.47 13.03 11.59
CA GLY A 49 -7.80 12.50 11.81
C GLY A 49 -8.89 13.51 11.50
N SER A 50 -10.01 13.03 10.99
CA SER A 50 -11.13 13.91 10.64
C SER A 50 -12.16 13.94 11.76
N VAL A 51 -13.00 14.97 11.75
CA VAL A 51 -14.03 15.13 12.77
C VAL A 51 -14.88 13.87 12.89
N LEU A 52 -15.72 13.64 11.88
CA LEU A 52 -16.59 12.46 11.87
C LEU A 52 -16.30 11.58 10.66
N ARG A 53 -16.37 12.18 9.47
CA ARG A 53 -16.12 11.44 8.24
C ARG A 53 -14.67 10.94 8.20
N LEU A 54 -14.48 9.79 7.55
CA LEU A 54 -13.15 9.21 7.43
C LEU A 54 -12.48 9.62 6.13
N GLN A 55 -11.33 10.28 6.24
CA GLN A 55 -10.59 10.73 5.07
C GLN A 55 -9.10 10.41 5.21
N ASP A 56 -8.47 10.97 6.23
CA ASP A 56 -7.05 10.74 6.48
C ASP A 56 -6.65 9.33 6.08
N TRP A 57 -5.42 9.19 5.61
CA TRP A 57 -4.91 7.88 5.19
C TRP A 57 -3.77 7.42 6.10
N ARG A 58 -3.75 6.14 6.44
CA ARG A 58 -2.72 5.58 7.30
C ARG A 58 -2.27 4.21 6.79
N CYS A 59 -0.96 3.99 6.78
CA CYS A 59 -0.41 2.71 6.33
C CYS A 59 -0.75 1.59 7.30
N LEU A 60 -0.81 0.37 6.79
CA LEU A 60 -1.13 -0.79 7.61
C LEU A 60 0.13 -1.60 7.93
N TRP A 61 1.12 -1.50 7.05
CA TRP A 61 2.38 -2.22 7.23
C TRP A 61 3.29 -1.48 8.21
N CYS A 62 3.70 -0.28 7.83
CA CYS A 62 4.58 0.54 8.67
C CYS A 62 3.77 1.27 9.73
N LYS A 63 2.47 1.41 9.48
CA LYS A 63 1.59 2.11 10.42
C LYS A 63 1.93 3.59 10.50
N ALA A 64 2.04 4.23 9.33
CA ALA A 64 2.35 5.65 9.28
C ALA A 64 1.15 6.46 8.81
N MET A 65 0.64 7.32 9.70
CA MET A 65 -0.50 8.15 9.39
C MET A 65 -0.06 9.47 8.75
N VAL A 66 -0.72 9.84 7.64
CA VAL A 66 -0.39 11.06 6.94
C VAL A 66 -1.66 11.76 6.45
N HIS A 67 -1.53 13.05 6.14
CA HIS A 67 -2.66 13.84 5.67
C HIS A 67 -2.84 13.67 4.16
N THR A 68 -4.08 13.78 3.69
CA THR A 68 -4.39 13.63 2.28
C THR A 68 -3.36 14.35 1.42
N SER A 69 -2.93 15.52 1.88
CA SER A 69 -1.95 16.32 1.14
C SER A 69 -0.53 15.85 1.47
N CYS A 70 -0.19 15.87 2.75
CA CYS A 70 1.13 15.45 3.19
C CYS A 70 1.53 14.13 2.55
N LYS A 71 0.54 13.29 2.27
CA LYS A 71 0.79 11.99 1.65
C LYS A 71 1.72 12.13 0.45
N GLU A 72 1.28 12.89 -0.54
CA GLU A 72 2.07 13.10 -1.75
C GLU A 72 3.47 13.60 -1.40
N SER A 73 3.56 14.43 -0.36
CA SER A 73 4.84 14.99 0.07
C SER A 73 5.77 13.87 0.54
N LEU A 74 5.24 12.94 1.31
CA LEU A 74 6.02 11.83 1.83
C LEU A 74 6.85 11.19 0.73
N LEU A 75 8.15 11.05 0.97
CA LEU A 75 9.06 10.46 0.00
C LEU A 75 9.56 9.11 0.48
N THR A 76 9.78 8.99 1.79
CA THR A 76 10.27 7.74 2.38
C THR A 76 9.48 6.54 1.86
N LYS A 77 10.18 5.45 1.61
CA LYS A 77 9.54 4.24 1.10
C LYS A 77 9.14 3.32 2.26
N CYS A 78 8.23 2.39 1.97
CA CYS A 78 7.76 1.45 2.98
C CYS A 78 8.64 0.20 3.01
N SER A 79 8.47 -0.60 4.05
CA SER A 79 9.26 -1.83 4.20
C SER A 79 8.39 -3.06 3.94
N GLY A 80 7.18 -3.05 4.50
CA GLY A 80 6.28 -4.17 4.31
C GLY A 80 5.64 -4.62 5.61
N PRO A 81 4.56 -5.42 5.49
CA PRO A 81 3.84 -5.94 6.66
C PRO A 81 4.65 -6.97 7.44
N SER A 82 4.86 -6.71 8.73
CA SER A 82 5.61 -7.61 9.58
C SER A 82 4.73 -8.73 10.12
N SER A 83 3.53 -8.36 10.57
CA SER A 83 2.58 -9.33 11.12
C SER A 83 1.18 -8.74 11.19
N GLY A 84 0.18 -9.59 11.02
CA GLY A 84 -1.20 -9.15 11.06
C GLY A 84 -1.63 -8.48 9.76
N GLY A 1 22.38 -40.19 -38.59
CA GLY A 1 20.99 -39.77 -38.61
C GLY A 1 20.62 -38.95 -37.39
N SER A 2 19.48 -39.25 -36.78
CA SER A 2 19.02 -38.53 -35.61
C SER A 2 19.39 -39.27 -34.33
N SER A 3 20.44 -38.81 -33.66
CA SER A 3 20.90 -39.43 -32.43
C SER A 3 21.62 -38.42 -31.54
N GLY A 4 21.32 -38.46 -30.24
CA GLY A 4 21.94 -37.53 -29.32
C GLY A 4 22.39 -38.22 -28.04
N SER A 5 23.33 -37.60 -27.34
CA SER A 5 23.86 -38.16 -26.10
C SER A 5 23.64 -37.21 -24.93
N SER A 6 24.01 -37.64 -23.74
CA SER A 6 23.85 -36.82 -22.54
C SER A 6 24.93 -35.75 -22.45
N GLY A 7 24.56 -34.53 -22.82
CA GLY A 7 25.51 -33.42 -22.78
C GLY A 7 25.17 -32.40 -21.71
N THR A 8 23.90 -32.05 -21.61
CA THR A 8 23.45 -31.08 -20.63
C THR A 8 24.12 -31.30 -19.28
N THR A 9 24.63 -30.23 -18.68
CA THR A 9 25.30 -30.32 -17.40
C THR A 9 24.31 -30.15 -16.25
N LEU A 10 24.77 -30.42 -15.03
CA LEU A 10 23.93 -30.30 -13.85
C LEU A 10 23.54 -28.86 -13.60
N ALA A 11 22.35 -28.48 -14.09
CA ALA A 11 21.86 -27.11 -13.92
C ALA A 11 21.22 -26.94 -12.54
N SER A 12 21.13 -25.68 -12.10
CA SER A 12 20.54 -25.38 -10.80
C SER A 12 19.02 -25.28 -10.90
N ILE A 13 18.34 -25.79 -9.88
CA ILE A 13 16.88 -25.76 -9.85
C ILE A 13 16.37 -25.49 -8.44
N GLY A 14 15.06 -25.25 -8.33
CA GLY A 14 14.47 -24.98 -7.03
C GLY A 14 13.47 -23.84 -7.08
N LYS A 15 12.63 -23.74 -6.06
CA LYS A 15 11.63 -22.69 -5.98
C LYS A 15 12.12 -21.54 -5.11
N ASP A 16 12.20 -20.34 -5.71
CA ASP A 16 12.65 -19.16 -4.99
C ASP A 16 11.55 -18.10 -4.93
N ILE A 17 10.93 -17.96 -3.77
CA ILE A 17 9.86 -16.99 -3.60
C ILE A 17 10.13 -15.72 -4.39
N ILE A 18 9.09 -15.17 -5.00
CA ILE A 18 9.22 -13.95 -5.79
C ILE A 18 9.74 -12.80 -4.95
N GLU A 19 10.97 -12.37 -5.23
CA GLU A 19 11.58 -11.28 -4.49
C GLU A 19 12.62 -10.55 -5.35
N ASP A 20 13.14 -9.46 -4.83
CA ASP A 20 14.14 -8.67 -5.55
C ASP A 20 15.55 -9.00 -5.05
N ALA A 21 16.55 -8.50 -5.76
CA ALA A 21 17.94 -8.73 -5.38
C ALA A 21 18.32 -7.92 -4.15
N ASP A 22 18.00 -6.63 -4.17
CA ASP A 22 18.31 -5.75 -3.06
C ASP A 22 17.23 -4.68 -2.89
N GLY A 23 16.68 -4.58 -1.70
CA GLY A 23 15.64 -3.59 -1.43
C GLY A 23 14.32 -3.96 -2.09
N ILE A 24 13.54 -4.80 -1.42
CA ILE A 24 12.24 -5.22 -1.94
C ILE A 24 11.38 -4.02 -2.31
N ALA A 25 10.67 -4.13 -3.43
CA ALA A 25 9.80 -3.05 -3.88
C ALA A 25 8.43 -3.14 -3.23
N MET A 26 8.28 -2.46 -2.10
CA MET A 26 7.00 -2.47 -1.37
C MET A 26 6.52 -1.03 -1.13
N PRO A 27 5.44 -0.65 -1.82
CA PRO A 27 4.86 0.69 -1.69
C PRO A 27 4.19 0.90 -0.34
N HIS A 28 3.46 2.00 -0.21
CA HIS A 28 2.76 2.32 1.03
C HIS A 28 1.27 2.04 0.90
N GLN A 29 0.80 1.02 1.60
CA GLN A 29 -0.61 0.65 1.57
C GLN A 29 -1.45 1.64 2.36
N TRP A 30 -1.92 2.68 1.70
CA TRP A 30 -2.74 3.69 2.34
C TRP A 30 -4.17 3.19 2.55
N LEU A 31 -4.71 3.46 3.73
CA LEU A 31 -6.07 3.03 4.05
C LEU A 31 -6.98 4.24 4.31
N GLU A 32 -7.89 4.49 3.39
CA GLU A 32 -8.83 5.61 3.52
C GLU A 32 -9.32 5.74 4.96
N GLY A 33 -9.29 6.96 5.48
CA GLY A 33 -9.73 7.20 6.84
C GLY A 33 -9.16 6.21 7.83
N ASN A 34 -9.98 5.76 8.77
CA ASN A 34 -9.54 4.80 9.78
C ASN A 34 -8.47 5.42 10.67
N LEU A 35 -8.75 6.59 11.23
CA LEU A 35 -7.81 7.27 12.10
C LEU A 35 -8.31 7.29 13.54
N PRO A 36 -7.43 6.90 14.48
CA PRO A 36 -7.76 6.86 15.90
C PRO A 36 -7.94 8.25 16.49
N VAL A 37 -8.65 8.33 17.62
CA VAL A 37 -8.89 9.60 18.29
C VAL A 37 -7.58 10.30 18.63
N SER A 38 -6.54 9.51 18.91
CA SER A 38 -5.24 10.05 19.25
C SER A 38 -4.23 9.80 18.12
N ALA A 39 -4.70 9.91 16.89
CA ALA A 39 -3.84 9.70 15.72
C ALA A 39 -2.82 10.82 15.58
N LYS A 40 -1.72 10.53 14.89
CA LYS A 40 -0.67 11.52 14.68
C LYS A 40 -0.02 11.33 13.31
N CYS A 41 0.22 12.45 12.62
CA CYS A 41 0.85 12.41 11.30
C CYS A 41 2.35 12.26 11.42
N THR A 42 2.99 11.86 10.32
CA THR A 42 4.44 11.68 10.30
C THR A 42 5.11 12.73 9.41
N VAL A 43 4.36 13.25 8.46
CA VAL A 43 4.87 14.26 7.53
C VAL A 43 4.88 15.64 8.18
N CYS A 44 3.77 16.02 8.80
CA CYS A 44 3.65 17.31 9.47
C CYS A 44 3.75 17.15 10.98
N ASP A 45 3.49 15.94 11.46
CA ASP A 45 3.55 15.65 12.89
C ASP A 45 2.48 16.44 13.64
N LYS A 46 1.24 16.36 13.15
CA LYS A 46 0.13 17.06 13.77
C LYS A 46 -1.09 16.14 13.91
N THR A 47 -1.53 15.93 15.15
CA THR A 47 -2.68 15.07 15.41
C THR A 47 -3.69 15.14 14.27
N CYS A 48 -4.23 13.98 13.90
CA CYS A 48 -5.21 13.91 12.82
C CYS A 48 -6.35 12.95 13.18
N GLY A 49 -7.43 13.01 12.42
CA GLY A 49 -8.57 12.15 12.67
C GLY A 49 -9.87 12.75 12.20
N SER A 50 -10.13 12.66 10.89
CA SER A 50 -11.35 13.21 10.32
C SER A 50 -12.58 12.53 10.90
N VAL A 51 -12.95 12.90 12.12
CA VAL A 51 -14.10 12.32 12.79
C VAL A 51 -15.13 11.82 11.78
N LEU A 52 -15.48 12.68 10.83
CA LEU A 52 -16.45 12.32 9.79
C LEU A 52 -15.74 11.97 8.48
N ARG A 53 -16.49 11.36 7.57
CA ARG A 53 -15.94 10.98 6.27
C ARG A 53 -14.44 10.71 6.38
N LEU A 54 -14.04 9.98 7.41
CA LEU A 54 -12.64 9.66 7.62
C LEU A 54 -11.86 9.68 6.30
N GLN A 55 -11.22 10.81 6.02
CA GLN A 55 -10.44 10.97 4.80
C GLN A 55 -8.98 10.61 5.04
N ASP A 56 -8.42 11.10 6.15
CA ASP A 56 -7.03 10.84 6.48
C ASP A 56 -6.61 9.45 6.04
N TRP A 57 -5.38 9.33 5.56
CA TRP A 57 -4.86 8.04 5.10
C TRP A 57 -3.77 7.53 6.03
N ARG A 58 -3.82 6.23 6.34
CA ARG A 58 -2.84 5.62 7.23
C ARG A 58 -2.38 4.28 6.67
N CYS A 59 -1.07 4.06 6.66
CA CYS A 59 -0.49 2.83 6.16
C CYS A 59 -0.78 1.67 7.11
N LEU A 60 -0.78 0.45 6.56
CA LEU A 60 -1.05 -0.74 7.36
C LEU A 60 0.24 -1.50 7.65
N TRP A 61 1.18 -1.45 6.70
CA TRP A 61 2.46 -2.13 6.85
C TRP A 61 3.34 -1.41 7.87
N CYS A 62 3.76 -0.19 7.52
CA CYS A 62 4.61 0.59 8.40
C CYS A 62 3.79 1.27 9.49
N LYS A 63 2.48 1.35 9.27
CA LYS A 63 1.58 1.97 10.24
C LYS A 63 1.90 3.46 10.41
N ALA A 64 2.00 4.17 9.29
CA ALA A 64 2.30 5.59 9.31
C ALA A 64 1.12 6.41 8.80
N MET A 65 0.56 7.25 9.66
CA MET A 65 -0.57 8.08 9.29
C MET A 65 -0.10 9.37 8.64
N VAL A 66 -0.81 9.80 7.59
CA VAL A 66 -0.47 11.02 6.88
C VAL A 66 -1.70 11.66 6.25
N HIS A 67 -1.72 12.99 6.21
CA HIS A 67 -2.85 13.72 5.63
C HIS A 67 -2.84 13.62 4.12
N THR A 68 -4.04 13.53 3.53
CA THR A 68 -4.17 13.41 2.09
C THR A 68 -3.11 14.26 1.37
N SER A 69 -2.98 15.50 1.80
CA SER A 69 -2.00 16.41 1.19
C SER A 69 -0.57 16.00 1.56
N CYS A 70 -0.36 15.67 2.83
CA CYS A 70 0.96 15.26 3.30
C CYS A 70 1.45 14.04 2.52
N LYS A 71 0.64 13.00 2.48
CA LYS A 71 1.00 11.77 1.78
C LYS A 71 1.82 12.08 0.53
N GLU A 72 1.21 12.81 -0.41
CA GLU A 72 1.89 13.19 -1.64
C GLU A 72 3.30 13.66 -1.37
N SER A 73 3.46 14.46 -0.33
CA SER A 73 4.78 14.99 0.04
C SER A 73 5.68 13.88 0.55
N LEU A 74 5.13 13.02 1.40
CA LEU A 74 5.90 11.91 1.97
C LEU A 74 6.86 11.34 0.94
N LEU A 75 8.14 11.29 1.31
CA LEU A 75 9.18 10.76 0.42
C LEU A 75 9.66 9.40 0.90
N THR A 76 9.74 9.24 2.22
CA THR A 76 10.18 7.98 2.81
C THR A 76 9.51 6.79 2.14
N LYS A 77 10.25 5.69 2.03
CA LYS A 77 9.73 4.47 1.41
C LYS A 77 9.22 3.50 2.47
N CYS A 78 8.32 2.61 2.07
CA CYS A 78 7.76 1.62 2.98
C CYS A 78 8.68 0.42 3.12
N SER A 79 8.43 -0.41 4.12
CA SER A 79 9.25 -1.60 4.36
C SER A 79 8.47 -2.86 4.03
N GLY A 80 7.20 -2.90 4.42
CA GLY A 80 6.37 -4.05 4.15
C GLY A 80 5.63 -4.54 5.38
N PRO A 81 4.66 -5.45 5.18
CA PRO A 81 3.86 -6.02 6.27
C PRO A 81 4.68 -6.94 7.17
N SER A 82 4.61 -6.71 8.47
CA SER A 82 5.35 -7.51 9.43
C SER A 82 4.50 -8.69 9.91
N SER A 83 3.80 -9.32 8.98
CA SER A 83 2.94 -10.46 9.31
C SER A 83 3.77 -11.72 9.52
N GLY A 84 3.86 -12.16 10.78
CA GLY A 84 4.63 -13.34 11.10
C GLY A 84 4.02 -14.60 10.51
#